data_5WLW
#
_entry.id   5WLW
#
_cell.length_a   97.529
_cell.length_b   121.241
_cell.length_c   151.484
_cell.angle_alpha   90.00
_cell.angle_beta   90.00
_cell.angle_gamma   90.00
#
_symmetry.space_group_name_H-M   'P 21 21 21'
#
loop_
_entity.id
_entity.type
_entity.pdbx_description
1 polymer 'Cysteine desulfurase, mitochondrial'
2 polymer 'LYR motif-containing protein 4'
3 polymer 'Acyl carrier protein'
4 polymer 'Iron-sulfur cluster assembly enzyme ISCU, mitochondrial'
5 non-polymer "PYRIDOXAL-5'-PHOSPHATE"
6 non-polymer 'S-[2-({N-[(2R)-2-hydroxy-3,3-dimethyl-4-(phosphonooxy)butanoyl]-beta-alanyl}amino)ethyl] dodecanethioate'
7 non-polymer 'ZINC ION'
#
loop_
_entity_poly.entity_id
_entity_poly.type
_entity_poly.pdbx_seq_one_letter_code
_entity_poly.pdbx_strand_id
1 'polypeptide(L)'
;MGSSLRPLYMDVQATTPLDPRVLDAMLPYLINYYGNPHSRTHAYGWESEAAMERARQQVASLIGADPREIIFTSGATESN
NIAIKGVARFYRSRKKHLITTQTEHKCVLDSCRSLEAEGFQVTYLPVQKSGIIDLKELEAAIQPDTSLVSVMTVNNEIGV
KQPIAEIGRICSSRKVYFHTDAAQAVGKIPLDVNDMKIDLMSISGHKIYGPKGVGAIYIRRRPRVRVEALQSGGGQERGM
RSGTVPTPLVVGLGAACEVAQQEMEYDHKRISKLSERLIQNIMKSLPDVVMNGDPKHHYPGCINLSFAYVEGESLLMALK
DVALSSGSACTSASLEPSYVLRAIGTDEDLAHSSIRFGIGRFTTEEEVDYTVEKCIQHVKRLREMSPLWEMVQDGIDLKS
IKWTQH
;
A,E
2 'polypeptide(L)'
;MAASSRAQVLALYRAMLRESKRFSAYNYRTYAVRRIRDAFRENKNVKDPVEIQTLVNKAKRDLGVIRRQVHIGQLYSTDK
LIIENRDMPRT
;
B,F
3 'polypeptide(L)' STIEERVKKIIGEQLGVKQEEVTNNASFVEDLGADSLDTVELVMALEEEFDTEIPDEEAEKITTVQAAIDYINGHQA C,G
4 'polypeptide(L)'
;MVLIDMSVDLSTQVVDHYENPRNVGSLDKTSKNVGTGLVGAPACGDVMKLQIQVDEKGKIVDARFKTFGCGSAIASSSLA
TEWVKGKTVEEALTIKNTDIAKELCLPPVKLHCSILAEDAIKAALADYKLKQEPKKGEAEKKELHHHHHH
;
D,H
#
# COMPACT_ATOMS: atom_id res chain seq x y z
N SER A 3 -3.50 -30.25 -14.67
CA SER A 3 -4.19 -29.96 -13.42
C SER A 3 -3.40 -28.94 -12.61
N SER A 4 -3.35 -27.70 -13.11
CA SER A 4 -2.70 -26.59 -12.41
C SER A 4 -3.71 -25.75 -11.65
N LEU A 5 -4.70 -26.40 -11.06
CA LEU A 5 -5.76 -25.70 -10.34
C LEU A 5 -5.26 -25.12 -9.03
N ARG A 6 -5.93 -24.06 -8.57
CA ARG A 6 -5.42 -23.49 -7.34
C ARG A 6 -6.11 -24.11 -6.13
N PRO A 7 -5.42 -24.15 -4.99
CA PRO A 7 -5.99 -24.77 -3.80
C PRO A 7 -6.88 -23.81 -3.01
N LEU A 8 -7.72 -24.40 -2.17
CA LEU A 8 -8.59 -23.64 -1.28
C LEU A 8 -7.78 -22.84 -0.27
N TYR A 9 -8.29 -21.66 0.08
CA TYR A 9 -7.69 -20.82 1.10
C TYR A 9 -8.45 -21.02 2.42
N MET A 10 -7.77 -21.61 3.40
CA MET A 10 -8.30 -21.83 4.74
C MET A 10 -7.35 -21.27 5.79
N ASP A 11 -6.72 -20.13 5.48
CA ASP A 11 -5.68 -19.54 6.31
C ASP A 11 -5.97 -18.07 6.53
N VAL A 12 -7.21 -17.76 6.90
CA VAL A 12 -7.63 -16.37 6.99
C VAL A 12 -6.92 -15.62 8.12
N GLN A 13 -6.33 -16.33 9.07
CA GLN A 13 -5.62 -15.65 10.15
C GLN A 13 -4.28 -15.07 9.71
N ALA A 14 -3.69 -15.61 8.64
CA ALA A 14 -2.44 -15.03 8.16
C ALA A 14 -2.69 -13.78 7.35
N THR A 15 -3.72 -13.80 6.50
CA THR A 15 -4.14 -12.65 5.73
C THR A 15 -5.43 -13.03 5.01
N THR A 16 -6.15 -12.03 4.54
CA THR A 16 -7.41 -12.21 3.84
C THR A 16 -7.39 -11.46 2.53
N PRO A 17 -8.19 -11.90 1.56
CA PRO A 17 -8.28 -11.17 0.29
C PRO A 17 -8.95 -9.82 0.49
N LEU A 18 -8.74 -8.93 -0.48
CA LEU A 18 -9.47 -7.68 -0.49
C LEU A 18 -10.95 -7.94 -0.74
N ASP A 19 -11.79 -7.28 0.04
CA ASP A 19 -13.20 -7.28 -0.28
C ASP A 19 -13.42 -6.37 -1.48
N PRO A 20 -14.07 -6.85 -2.54
CA PRO A 20 -14.20 -6.02 -3.75
C PRO A 20 -14.71 -4.62 -3.45
N ARG A 21 -15.51 -4.47 -2.39
CA ARG A 21 -15.93 -3.15 -1.97
C ARG A 21 -14.73 -2.28 -1.56
N VAL A 22 -13.77 -2.89 -0.87
CA VAL A 22 -12.60 -2.13 -0.42
C VAL A 22 -11.75 -1.72 -1.61
N LEU A 23 -11.50 -2.66 -2.54
CA LEU A 23 -10.71 -2.33 -3.72
C LEU A 23 -11.39 -1.23 -4.54
N ASP A 24 -12.71 -1.35 -4.72
CA ASP A 24 -13.44 -0.29 -5.43
C ASP A 24 -13.29 1.03 -4.71
N ALA A 25 -13.24 0.99 -3.38
CA ALA A 25 -13.01 2.20 -2.61
C ALA A 25 -11.60 2.76 -2.87
N MET A 26 -10.63 1.89 -3.16
CA MET A 26 -9.23 2.30 -3.26
C MET A 26 -8.85 2.82 -4.64
N LEU A 27 -9.33 2.18 -5.71
CA LEU A 27 -8.72 2.41 -7.02
C LEU A 27 -8.69 3.88 -7.44
N PRO A 28 -9.73 4.69 -7.22
CA PRO A 28 -9.66 6.10 -7.64
C PRO A 28 -8.43 6.82 -7.13
N TYR A 29 -7.94 6.46 -5.94
CA TYR A 29 -6.74 7.06 -5.39
C TYR A 29 -5.46 6.40 -5.90
N LEU A 30 -5.58 5.25 -6.56
CA LEU A 30 -4.47 4.67 -7.28
C LEU A 30 -4.40 5.14 -8.72
N ILE A 31 -5.45 5.81 -9.21
CA ILE A 31 -5.51 6.24 -10.60
C ILE A 31 -5.49 7.76 -10.69
N ASN A 32 -6.56 8.41 -10.24
CA ASN A 32 -6.77 9.82 -10.52
C ASN A 32 -6.43 10.73 -9.35
N TYR A 33 -6.67 10.29 -8.12
CA TYR A 33 -6.50 11.14 -6.95
C TYR A 33 -5.20 10.78 -6.25
N TYR A 34 -4.10 11.08 -6.94
CA TYR A 34 -2.76 10.73 -6.48
C TYR A 34 -2.10 11.82 -5.66
N GLY A 35 -2.85 12.81 -5.21
CA GLY A 35 -2.25 13.90 -4.46
C GLY A 35 -1.74 13.45 -3.11
N ASN A 36 -0.72 14.16 -2.63
CA ASN A 36 -0.22 13.91 -1.29
C ASN A 36 -1.13 14.59 -0.27
N PRO A 37 -1.65 13.87 0.73
CA PRO A 37 -2.58 14.48 1.67
C PRO A 37 -1.96 15.59 2.52
N HIS A 38 -0.65 15.72 2.53
CA HIS A 38 0.01 16.79 3.28
C HIS A 38 0.37 17.98 2.41
N SER A 39 0.03 17.94 1.12
CA SER A 39 0.13 19.12 0.27
C SER A 39 -1.08 20.01 0.51
N ARG A 40 -0.89 21.11 1.22
CA ARG A 40 -2.00 21.98 1.62
C ARG A 40 -2.33 23.06 0.60
N THR A 41 -1.56 23.19 -0.48
CA THR A 41 -1.65 24.37 -1.34
C THR A 41 -2.26 24.09 -2.70
N HIS A 42 -2.90 22.94 -2.91
CA HIS A 42 -3.56 22.68 -4.18
C HIS A 42 -4.63 21.61 -3.98
N ALA A 43 -5.42 21.39 -5.03
CA ALA A 43 -6.63 20.58 -4.90
C ALA A 43 -6.34 19.11 -4.68
N TYR A 44 -5.29 18.58 -5.32
CA TYR A 44 -4.96 17.17 -5.15
C TYR A 44 -4.74 16.83 -3.68
N GLY A 45 -3.93 17.63 -2.99
CA GLY A 45 -3.74 17.42 -1.57
C GLY A 45 -5.03 17.51 -0.80
N TRP A 46 -5.86 18.51 -1.11
CA TRP A 46 -7.11 18.69 -0.37
C TRP A 46 -7.98 17.44 -0.47
N GLU A 47 -8.13 16.88 -1.67
CA GLU A 47 -8.98 15.70 -1.79
C GLU A 47 -8.36 14.49 -1.10
N SER A 48 -7.03 14.35 -1.17
CA SER A 48 -6.41 13.24 -0.44
C SER A 48 -6.69 13.36 1.06
N GLU A 49 -6.42 14.54 1.64
CA GLU A 49 -6.71 14.74 3.06
C GLU A 49 -8.17 14.45 3.38
N ALA A 50 -9.09 14.91 2.51
CA ALA A 50 -10.50 14.66 2.76
C ALA A 50 -10.78 13.16 2.87
N ALA A 51 -10.30 12.38 1.89
CA ALA A 51 -10.52 10.94 1.96
C ALA A 51 -9.91 10.34 3.22
N MET A 52 -8.69 10.76 3.55
CA MET A 52 -8.01 10.21 4.73
C MET A 52 -8.83 10.44 5.99
N GLU A 53 -9.26 11.68 6.21
CA GLU A 53 -10.01 11.99 7.44
C GLU A 53 -11.34 11.25 7.47
N ARG A 54 -12.02 11.17 6.31
CA ARG A 54 -13.25 10.39 6.25
C ARG A 54 -13.00 8.95 6.70
N ALA A 55 -11.95 8.33 6.17
CA ALA A 55 -11.61 6.97 6.59
C ALA A 55 -11.39 6.91 8.10
N ARG A 56 -10.67 7.89 8.65
CA ARG A 56 -10.48 7.93 10.09
C ARG A 56 -11.82 7.85 10.81
N GLN A 57 -12.77 8.71 10.40
CA GLN A 57 -14.09 8.64 11.02
C GLN A 57 -14.69 7.25 10.89
N GLN A 58 -14.38 6.56 9.78
CA GLN A 58 -14.90 5.20 9.60
C GLN A 58 -14.35 4.25 10.66
N VAL A 59 -13.03 4.26 10.86
CA VAL A 59 -12.42 3.39 11.86
C VAL A 59 -12.96 3.71 13.25
N ALA A 60 -12.87 4.97 13.65
CA ALA A 60 -13.38 5.37 14.96
C ALA A 60 -14.81 4.90 15.14
N SER A 61 -15.62 5.06 14.10
CA SER A 61 -17.01 4.63 14.17
C SER A 61 -17.10 3.13 14.40
N LEU A 62 -16.19 2.36 13.81
CA LEU A 62 -16.24 0.92 14.05
C LEU A 62 -15.93 0.59 15.50
N ILE A 63 -14.97 1.29 16.11
CA ILE A 63 -14.58 0.95 17.48
C ILE A 63 -15.16 1.90 18.52
N GLY A 64 -15.97 2.87 18.12
CA GLY A 64 -16.61 3.72 19.11
C GLY A 64 -15.68 4.73 19.74
N ALA A 65 -14.68 5.21 19.00
CA ALA A 65 -13.71 6.17 19.51
C ALA A 65 -13.92 7.52 18.83
N ASP A 66 -13.20 8.52 19.35
CA ASP A 66 -13.18 9.80 18.65
C ASP A 66 -12.16 9.76 17.52
N PRO A 67 -12.49 10.28 16.35
CA PRO A 67 -11.53 10.27 15.23
C PRO A 67 -10.16 10.77 15.61
N ARG A 68 -10.08 11.78 16.49
CA ARG A 68 -8.78 12.26 16.92
C ARG A 68 -7.95 11.21 17.63
N GLU A 69 -8.56 10.08 18.01
CA GLU A 69 -7.87 9.01 18.72
C GLU A 69 -7.32 7.93 17.80
N ILE A 70 -7.49 8.08 16.48
CA ILE A 70 -7.03 7.08 15.51
C ILE A 70 -5.75 7.61 14.87
N ILE A 71 -4.67 6.86 14.97
CA ILE A 71 -3.41 7.21 14.30
C ILE A 71 -3.11 6.13 13.27
N PHE A 72 -2.84 6.54 12.04
CA PHE A 72 -2.55 5.59 10.97
C PHE A 72 -1.09 5.15 11.00
N THR A 73 -0.88 3.84 10.81
CA THR A 73 0.46 3.27 10.78
C THR A 73 0.62 2.33 9.59
N SER A 74 1.77 1.65 9.51
CA SER A 74 2.04 0.71 8.43
C SER A 74 1.50 -0.70 8.70
N GLY A 75 0.96 -0.94 9.88
CA GLY A 75 0.45 -2.25 10.21
C GLY A 75 0.33 -2.44 11.70
N ALA A 76 -0.26 -3.58 12.08
CA ALA A 76 -0.45 -3.88 13.49
C ALA A 76 0.88 -4.01 14.22
N THR A 77 1.92 -4.45 13.52
CA THR A 77 3.24 -4.54 14.14
C THR A 77 3.72 -3.17 14.59
N GLU A 78 3.71 -2.20 13.68
CA GLU A 78 4.11 -0.84 14.05
C GLU A 78 3.24 -0.31 15.18
N SER A 79 1.94 -0.58 15.14
CA SER A 79 1.06 -0.13 16.22
C SER A 79 1.51 -0.71 17.56
N ASN A 80 1.68 -2.03 17.63
CA ASN A 80 2.07 -2.64 18.90
C ASN A 80 3.42 -2.11 19.39
N ASN A 81 4.36 -1.93 18.47
CA ASN A 81 5.63 -1.30 18.86
C ASN A 81 5.40 0.09 19.45
N ILE A 82 4.53 0.88 18.82
CA ILE A 82 4.26 2.24 19.30
C ILE A 82 3.64 2.21 20.68
N ALA A 83 2.66 1.32 20.89
CA ALA A 83 1.99 1.24 22.18
C ALA A 83 2.97 0.83 23.28
N ILE A 84 3.62 -0.32 23.10
CA ILE A 84 4.44 -0.86 24.17
C ILE A 84 5.67 0.00 24.39
N LYS A 85 6.47 0.21 23.34
CA LYS A 85 7.70 0.97 23.52
C LYS A 85 7.41 2.43 23.81
N GLY A 86 6.36 2.99 23.21
CA GLY A 86 6.04 4.39 23.44
C GLY A 86 5.58 4.65 24.86
N VAL A 87 4.59 3.89 25.32
CA VAL A 87 4.12 4.05 26.69
C VAL A 87 5.25 3.77 27.67
N ALA A 88 5.98 2.67 27.44
CA ALA A 88 7.08 2.31 28.34
C ALA A 88 8.11 3.43 28.44
N ARG A 89 8.48 4.01 27.30
CA ARG A 89 9.52 5.04 27.33
C ARG A 89 9.03 6.32 27.96
N PHE A 90 7.79 6.74 27.64
CA PHE A 90 7.31 8.01 28.16
C PHE A 90 7.39 8.06 29.68
N TYR A 91 6.92 7.00 30.35
CA TYR A 91 6.84 6.97 31.79
C TYR A 91 8.06 6.32 32.45
N ARG A 92 9.15 6.15 31.70
CA ARG A 92 10.31 5.43 32.22
C ARG A 92 10.84 6.06 33.50
N SER A 93 10.68 7.39 33.64
CA SER A 93 11.29 8.08 34.78
C SER A 93 10.74 7.59 36.11
N ARG A 94 9.51 7.06 36.12
CA ARG A 94 8.87 6.65 37.36
C ARG A 94 8.31 5.25 37.35
N LYS A 95 8.24 4.59 36.19
CA LYS A 95 7.63 3.27 36.10
C LYS A 95 8.36 2.43 35.07
N LYS A 96 8.80 1.23 35.49
CA LYS A 96 9.62 0.38 34.63
C LYS A 96 9.15 -1.06 34.58
N HIS A 97 7.93 -1.36 35.03
CA HIS A 97 7.39 -2.70 34.98
C HIS A 97 6.26 -2.77 33.97
N LEU A 98 6.26 -3.83 33.16
CA LEU A 98 5.23 -4.08 32.17
C LEU A 98 4.65 -5.47 32.41
N ILE A 99 3.41 -5.65 31.98
CA ILE A 99 2.73 -6.94 32.11
C ILE A 99 2.16 -7.33 30.75
N THR A 100 2.47 -8.56 30.32
CA THR A 100 1.88 -9.16 29.14
C THR A 100 1.66 -10.63 29.43
N THR A 101 1.34 -11.40 28.39
CA THR A 101 1.07 -12.82 28.55
C THR A 101 1.97 -13.60 27.61
N GLN A 102 2.04 -14.91 27.85
CA GLN A 102 2.92 -15.78 27.09
C GLN A 102 2.35 -16.13 25.72
N THR A 103 1.08 -15.82 25.46
CA THR A 103 0.46 -16.14 24.18
C THR A 103 0.34 -14.94 23.24
N GLU A 104 0.86 -13.78 23.62
CA GLU A 104 0.79 -12.61 22.76
C GLU A 104 1.62 -12.83 21.50
N HIS A 105 1.30 -12.03 20.47
CA HIS A 105 2.00 -12.11 19.20
C HIS A 105 3.46 -11.75 19.39
N LYS A 106 4.29 -12.21 18.44
CA LYS A 106 5.73 -12.07 18.58
C LYS A 106 6.20 -10.62 18.56
N CYS A 107 5.38 -9.70 18.03
CA CYS A 107 5.78 -8.28 18.03
C CYS A 107 5.70 -7.70 19.44
N VAL A 108 4.65 -8.05 20.18
CA VAL A 108 4.56 -7.64 21.58
C VAL A 108 5.70 -8.26 22.37
N LEU A 109 5.91 -9.57 22.21
CA LEU A 109 6.94 -10.27 22.97
C LEU A 109 8.32 -9.69 22.69
N ASP A 110 8.65 -9.45 21.41
CA ASP A 110 9.99 -8.97 21.10
C ASP A 110 10.16 -7.51 21.50
N SER A 111 9.09 -6.70 21.40
CA SER A 111 9.18 -5.35 21.95
C SER A 111 9.49 -5.40 23.44
N CYS A 112 8.79 -6.25 24.18
CA CYS A 112 9.07 -6.41 25.60
C CYS A 112 10.50 -6.89 25.82
N ARG A 113 11.01 -7.74 24.91
CA ARG A 113 12.38 -8.21 25.04
C ARG A 113 13.37 -7.06 24.90
N SER A 114 13.19 -6.22 23.88
CA SER A 114 14.07 -5.06 23.72
C SER A 114 13.99 -4.15 24.94
N LEU A 115 12.78 -3.97 25.49
CA LEU A 115 12.66 -3.18 26.69
C LEU A 115 13.39 -3.82 27.86
N GLU A 116 13.40 -5.16 27.91
CA GLU A 116 14.21 -5.83 28.92
C GLU A 116 15.68 -5.49 28.73
N ALA A 117 16.15 -5.48 27.47
CA ALA A 117 17.50 -5.03 27.20
C ALA A 117 17.70 -3.55 27.51
N GLU A 118 16.62 -2.79 27.70
CA GLU A 118 16.71 -1.39 28.06
C GLU A 118 16.56 -1.12 29.56
N GLY A 119 16.53 -2.17 30.38
CA GLY A 119 16.46 -1.99 31.82
C GLY A 119 15.07 -2.07 32.42
N PHE A 120 14.06 -2.46 31.65
CA PHE A 120 12.73 -2.66 32.18
C PHE A 120 12.60 -4.11 32.66
N GLN A 121 11.64 -4.35 33.50
CA GLN A 121 11.36 -5.70 33.98
C GLN A 121 10.03 -6.01 33.44
N VAL A 122 9.88 -7.21 32.95
CA VAL A 122 8.68 -7.62 32.25
C VAL A 122 8.16 -8.91 32.84
N THR A 123 6.84 -8.96 33.08
CA THR A 123 6.16 -10.15 33.56
C THR A 123 5.36 -10.75 32.43
N TYR A 124 5.66 -12.00 32.08
CA TYR A 124 4.92 -12.73 31.06
C TYR A 124 3.96 -13.67 31.78
N LEU A 125 2.69 -13.28 31.88
CA LEU A 125 1.71 -14.07 32.58
C LEU A 125 1.49 -15.40 31.87
N PRO A 126 1.43 -16.51 32.60
CA PRO A 126 1.01 -17.77 32.00
C PRO A 126 -0.50 -17.80 31.82
N VAL A 127 -0.95 -18.72 30.97
CA VAL A 127 -2.37 -18.88 30.70
C VAL A 127 -2.80 -20.27 31.19
N GLN A 128 -4.08 -20.40 31.48
CA GLN A 128 -4.61 -21.71 31.81
C GLN A 128 -4.60 -22.59 30.56
N LYS A 129 -4.79 -23.89 30.76
CA LYS A 129 -4.82 -24.80 29.61
C LYS A 129 -5.88 -24.39 28.61
N SER A 130 -6.91 -23.68 29.06
CA SER A 130 -7.91 -23.13 28.14
C SER A 130 -7.36 -22.03 27.26
N GLY A 131 -6.17 -21.49 27.58
CA GLY A 131 -5.63 -20.36 26.86
C GLY A 131 -6.04 -19.02 27.42
N ILE A 132 -6.93 -19.00 28.40
CA ILE A 132 -7.42 -17.76 29.00
C ILE A 132 -6.56 -17.41 30.20
N ILE A 133 -6.16 -16.15 30.31
CA ILE A 133 -5.39 -15.75 31.47
C ILE A 133 -6.25 -15.86 32.72
N ASP A 134 -5.59 -15.97 33.87
CA ASP A 134 -6.27 -16.00 35.16
C ASP A 134 -6.26 -14.60 35.74
N LEU A 135 -7.45 -14.01 35.88
CA LEU A 135 -7.53 -12.62 36.31
C LEU A 135 -6.88 -12.41 37.67
N LYS A 136 -7.00 -13.38 38.57
CA LYS A 136 -6.42 -13.22 39.89
C LYS A 136 -4.91 -13.04 39.79
N GLU A 137 -4.27 -13.80 38.91
CA GLU A 137 -2.85 -13.64 38.69
C GLU A 137 -2.52 -12.29 38.06
N LEU A 138 -3.47 -11.72 37.30
CA LEU A 138 -3.26 -10.39 36.74
C LEU A 138 -3.29 -9.32 37.82
N GLU A 139 -4.35 -9.31 38.63
CA GLU A 139 -4.42 -8.37 39.74
C GLU A 139 -3.19 -8.50 40.62
N ALA A 140 -2.89 -9.72 41.05
CA ALA A 140 -1.75 -9.95 41.94
C ALA A 140 -0.43 -9.63 41.27
N ALA A 141 -0.38 -9.60 39.93
CA ALA A 141 0.87 -9.35 39.23
C ALA A 141 1.20 -7.87 39.11
N ILE A 142 0.21 -6.98 39.17
CA ILE A 142 0.47 -5.56 39.02
C ILE A 142 1.27 -5.02 40.20
N GLN A 143 2.28 -4.23 39.91
CA GLN A 143 3.16 -3.60 40.89
C GLN A 143 2.95 -2.09 40.91
N PRO A 144 3.42 -1.40 41.95
CA PRO A 144 3.20 0.05 42.00
C PRO A 144 3.80 0.80 40.83
N ASP A 145 4.92 0.33 40.29
CA ASP A 145 5.53 0.95 39.13
C ASP A 145 5.15 0.27 37.83
N THR A 146 4.02 -0.43 37.80
CA THR A 146 3.50 -0.99 36.56
C THR A 146 2.80 0.11 35.76
N SER A 147 3.26 0.33 34.53
CA SER A 147 2.69 1.36 33.69
C SER A 147 1.72 0.82 32.65
N LEU A 148 1.94 -0.40 32.16
CA LEU A 148 1.22 -0.89 31.00
C LEU A 148 0.92 -2.37 31.12
N VAL A 149 -0.30 -2.75 30.72
CA VAL A 149 -0.74 -4.13 30.61
C VAL A 149 -1.08 -4.38 29.15
N SER A 150 -0.58 -5.48 28.60
CA SER A 150 -0.80 -5.80 27.19
C SER A 150 -1.39 -7.20 27.09
N VAL A 151 -2.58 -7.29 26.50
CA VAL A 151 -3.27 -8.56 26.33
C VAL A 151 -4.04 -8.51 25.02
N MET A 152 -3.82 -9.51 24.16
CA MET A 152 -4.51 -9.53 22.89
C MET A 152 -5.96 -9.97 23.08
N THR A 153 -6.83 -9.48 22.19
CA THR A 153 -8.26 -9.74 22.34
C THR A 153 -8.60 -11.17 21.93
N VAL A 154 -8.17 -11.57 20.73
CA VAL A 154 -8.40 -12.91 20.21
C VAL A 154 -7.06 -13.45 19.73
N ASN A 155 -6.75 -14.68 20.11
CA ASN A 155 -5.47 -15.29 19.73
C ASN A 155 -5.48 -15.75 18.28
N ASN A 156 -4.37 -15.49 17.60
CA ASN A 156 -4.24 -15.80 16.17
C ASN A 156 -3.95 -17.28 15.89
N GLU A 157 -3.51 -18.03 16.88
CA GLU A 157 -3.19 -19.45 16.68
C GLU A 157 -4.29 -20.38 17.16
N ILE A 158 -4.99 -20.02 18.22
CA ILE A 158 -6.05 -20.88 18.76
C ILE A 158 -7.40 -20.18 18.80
N GLY A 159 -7.46 -18.86 18.63
CA GLY A 159 -8.73 -18.17 18.51
C GLY A 159 -9.45 -17.88 19.80
N VAL A 160 -8.85 -18.16 20.96
CA VAL A 160 -9.52 -17.95 22.23
C VAL A 160 -9.77 -16.46 22.43
N LYS A 161 -10.92 -16.14 23.04
CA LYS A 161 -11.28 -14.75 23.35
C LYS A 161 -10.97 -14.48 24.81
N GLN A 162 -10.17 -13.45 25.06
CA GLN A 162 -9.84 -13.03 26.41
C GLN A 162 -10.93 -12.16 27.01
N PRO A 163 -11.03 -12.11 28.35
CA PRO A 163 -12.03 -11.27 29.04
C PRO A 163 -11.61 -9.80 29.08
N ILE A 164 -11.78 -9.13 27.95
CA ILE A 164 -11.22 -7.79 27.78
C ILE A 164 -11.80 -6.82 28.80
N ALA A 165 -13.13 -6.85 28.98
CA ALA A 165 -13.79 -5.84 29.80
C ALA A 165 -13.28 -5.87 31.25
N GLU A 166 -13.17 -7.07 31.83
CA GLU A 166 -12.74 -7.15 33.22
C GLU A 166 -11.31 -6.68 33.37
N ILE A 167 -10.44 -7.01 32.41
CA ILE A 167 -9.08 -6.52 32.43
C ILE A 167 -9.07 -4.99 32.39
N GLY A 168 -9.94 -4.41 31.56
CA GLY A 168 -10.05 -2.97 31.52
C GLY A 168 -10.44 -2.39 32.86
N ARG A 169 -11.45 -2.99 33.51
CA ARG A 169 -11.85 -2.53 34.83
C ARG A 169 -10.69 -2.57 35.80
N ILE A 170 -9.96 -3.69 35.83
CA ILE A 170 -8.86 -3.84 36.78
C ILE A 170 -7.78 -2.79 36.52
N CYS A 171 -7.36 -2.65 35.27
CA CYS A 171 -6.30 -1.71 34.93
C CYS A 171 -6.71 -0.29 35.27
N SER A 172 -7.93 0.08 34.89
CA SER A 172 -8.44 1.41 35.21
C SER A 172 -8.41 1.66 36.72
N SER A 173 -8.91 0.70 37.51
CA SER A 173 -8.94 0.88 38.96
C SER A 173 -7.55 1.02 39.56
N ARG A 174 -6.50 0.66 38.83
CA ARG A 174 -5.13 0.72 39.32
C ARG A 174 -4.30 1.81 38.65
N LYS A 175 -4.92 2.69 37.86
CA LYS A 175 -4.20 3.75 37.17
C LYS A 175 -3.09 3.15 36.31
N VAL A 176 -3.41 2.07 35.62
CA VAL A 176 -2.48 1.38 34.73
C VAL A 176 -3.05 1.44 33.32
N TYR A 177 -2.19 1.74 32.35
CA TYR A 177 -2.61 1.77 30.97
C TYR A 177 -2.93 0.36 30.46
N PHE A 178 -3.98 0.25 29.66
CA PHE A 178 -4.43 -1.02 29.12
C PHE A 178 -4.35 -0.96 27.60
N HIS A 179 -3.52 -1.82 27.03
CA HIS A 179 -3.34 -1.93 25.59
C HIS A 179 -3.76 -3.32 25.15
N THR A 180 -4.38 -3.41 23.97
CA THR A 180 -4.80 -4.68 23.43
C THR A 180 -4.48 -4.75 21.94
N ASP A 181 -3.84 -5.84 21.54
CA ASP A 181 -3.65 -6.16 20.14
C ASP A 181 -4.95 -6.74 19.63
N ALA A 182 -5.73 -5.92 18.92
CA ALA A 182 -7.05 -6.32 18.45
C ALA A 182 -7.03 -6.76 16.99
N ALA A 183 -5.86 -7.12 16.45
CA ALA A 183 -5.74 -7.47 15.05
C ALA A 183 -6.71 -8.60 14.66
N GLN A 184 -6.96 -9.52 15.58
CA GLN A 184 -7.81 -10.67 15.28
C GLN A 184 -9.26 -10.49 15.67
N ALA A 185 -9.64 -9.34 16.21
CA ALA A 185 -11.00 -9.12 16.67
C ALA A 185 -11.74 -8.04 15.90
N VAL A 186 -11.05 -6.98 15.46
CA VAL A 186 -11.73 -5.89 14.77
C VAL A 186 -12.50 -6.44 13.59
N GLY A 187 -13.78 -6.09 13.52
CA GLY A 187 -14.64 -6.50 12.43
C GLY A 187 -15.15 -7.92 12.51
N LYS A 188 -14.77 -8.68 13.53
CA LYS A 188 -15.27 -10.04 13.70
C LYS A 188 -16.09 -10.21 14.96
N ILE A 189 -15.70 -9.57 16.06
CA ILE A 189 -16.48 -9.56 17.30
C ILE A 189 -16.66 -8.12 17.75
N PRO A 190 -17.72 -7.80 18.48
CA PRO A 190 -17.96 -6.40 18.85
C PRO A 190 -16.86 -5.82 19.73
N LEU A 191 -16.48 -4.59 19.43
CA LEU A 191 -15.49 -3.85 20.22
C LEU A 191 -15.93 -2.42 20.45
N ASP A 192 -15.91 -1.99 21.71
CA ASP A 192 -16.20 -0.62 22.12
C ASP A 192 -15.12 -0.18 23.08
N VAL A 193 -14.33 0.83 22.70
CA VAL A 193 -13.16 1.20 23.49
C VAL A 193 -13.58 1.71 24.87
N ASN A 194 -14.67 2.47 24.95
CA ASN A 194 -15.08 3.04 26.23
C ASN A 194 -15.74 2.01 27.12
N ASP A 195 -16.63 1.17 26.57
CA ASP A 195 -17.25 0.13 27.37
C ASP A 195 -16.22 -0.81 27.97
N MET A 196 -15.11 -1.03 27.27
CA MET A 196 -14.07 -1.95 27.73
C MET A 196 -12.94 -1.25 28.46
N LYS A 197 -13.03 0.07 28.66
CA LYS A 197 -11.98 0.82 29.36
C LYS A 197 -10.61 0.58 28.76
N ILE A 198 -10.55 0.58 27.44
CA ILE A 198 -9.31 0.32 26.71
C ILE A 198 -8.58 1.65 26.51
N ASP A 199 -7.26 1.62 26.68
CA ASP A 199 -6.44 2.81 26.52
C ASP A 199 -5.67 2.83 25.20
N LEU A 200 -5.23 1.68 24.72
CA LEU A 200 -4.58 1.60 23.43
C LEU A 200 -5.02 0.32 22.73
N MET A 201 -5.13 0.37 21.41
CA MET A 201 -5.57 -0.80 20.66
C MET A 201 -4.88 -0.82 19.30
N SER A 202 -4.49 -2.01 18.86
CA SER A 202 -3.84 -2.16 17.56
C SER A 202 -4.80 -2.78 16.55
N ILE A 203 -4.75 -2.29 15.32
CA ILE A 203 -5.63 -2.73 14.25
C ILE A 203 -4.80 -2.95 12.99
N SER A 204 -5.00 -4.09 12.33
CA SER A 204 -4.27 -4.45 11.13
C SER A 204 -5.25 -4.56 9.97
N GLY A 205 -4.90 -3.93 8.85
CA GLY A 205 -5.84 -3.86 7.74
C GLY A 205 -6.06 -5.19 7.04
N HIS A 206 -4.99 -5.95 6.81
CA HIS A 206 -5.09 -7.17 6.01
C HIS A 206 -5.61 -8.36 6.79
N LYS A 207 -6.03 -8.17 8.03
CA LYS A 207 -6.73 -9.21 8.78
C LYS A 207 -8.25 -9.13 8.60
N ILE A 208 -8.74 -8.03 8.04
CA ILE A 208 -10.18 -7.77 7.95
C ILE A 208 -10.59 -7.47 6.52
N TYR A 209 -10.00 -8.19 5.56
CA TYR A 209 -10.33 -8.04 4.15
C TYR A 209 -9.96 -6.67 3.62
N GLY A 210 -9.03 -5.99 4.28
CA GLY A 210 -8.47 -4.75 3.79
C GLY A 210 -7.13 -4.98 3.15
N PRO A 211 -6.48 -3.90 2.71
CA PRO A 211 -5.19 -4.03 2.02
C PRO A 211 -4.03 -4.26 2.99
N LYS A 212 -3.00 -4.93 2.47
CA LYS A 212 -1.77 -5.08 3.23
C LYS A 212 -1.00 -3.77 3.27
N GLY A 213 -0.16 -3.63 4.30
CA GLY A 213 0.72 -2.48 4.40
C GLY A 213 0.11 -1.27 5.08
N VAL A 214 -1.00 -1.43 5.79
CA VAL A 214 -1.62 -0.31 6.47
C VAL A 214 -2.27 -0.82 7.75
N GLY A 215 -2.23 0.01 8.79
CA GLY A 215 -2.86 -0.33 10.04
C GLY A 215 -3.19 0.93 10.81
N ALA A 216 -3.60 0.74 12.06
CA ALA A 216 -3.95 1.87 12.90
C ALA A 216 -3.69 1.53 14.36
N ILE A 217 -3.51 2.57 15.15
CA ILE A 217 -3.36 2.47 16.59
C ILE A 217 -4.34 3.46 17.22
N TYR A 218 -5.19 2.95 18.10
CA TYR A 218 -6.08 3.78 18.90
C TYR A 218 -5.38 4.18 20.18
N ILE A 219 -5.27 5.49 20.40
CA ILE A 219 -4.66 6.07 21.58
C ILE A 219 -5.68 6.98 22.22
N ARG A 220 -6.19 6.58 23.39
CA ARG A 220 -7.27 7.31 24.03
C ARG A 220 -6.91 8.76 24.30
N ARG A 221 -7.89 9.64 24.10
CA ARG A 221 -7.75 11.05 24.42
C ARG A 221 -8.58 11.49 25.62
N ARG A 222 -9.62 10.72 25.98
CA ARG A 222 -10.50 11.05 27.10
C ARG A 222 -9.67 11.32 28.35
N PRO A 223 -9.36 10.33 29.22
CA PRO A 223 -8.34 10.58 30.25
C PRO A 223 -7.00 11.02 29.69
N ARG A 224 -6.82 10.97 28.37
CA ARG A 224 -5.54 11.18 27.70
C ARG A 224 -4.48 10.16 28.10
N VAL A 225 -3.77 9.64 27.10
CA VAL A 225 -2.64 8.75 27.31
C VAL A 225 -1.41 9.39 26.65
N ARG A 226 -0.28 9.38 27.34
CA ARG A 226 0.94 9.93 26.80
C ARG A 226 1.77 8.82 26.17
N VAL A 227 2.26 9.07 24.97
CA VAL A 227 3.02 8.09 24.20
C VAL A 227 4.16 8.82 23.51
N GLU A 228 5.35 8.25 23.57
CA GLU A 228 6.50 8.80 22.88
C GLU A 228 6.53 8.30 21.44
N ALA A 229 6.60 9.23 20.50
CA ALA A 229 6.65 8.84 19.09
C ALA A 229 7.96 8.11 18.79
N LEU A 230 7.86 7.07 17.97
CA LEU A 230 9.01 6.25 17.61
C LEU A 230 9.60 6.63 16.27
N GLN A 231 8.79 7.16 15.36
CA GLN A 231 9.23 7.54 14.03
C GLN A 231 9.42 9.05 13.98
N SER A 232 10.68 9.48 13.89
CA SER A 232 10.99 10.90 13.82
C SER A 232 10.73 11.44 12.42
N GLY A 233 10.42 12.74 12.35
CA GLY A 233 10.10 13.34 11.07
C GLY A 233 9.46 14.70 11.22
N GLY A 234 8.54 14.98 10.30
CA GLY A 234 7.89 16.28 10.21
C GLY A 234 6.67 16.47 11.09
N GLY A 235 6.26 15.45 11.84
CA GLY A 235 5.19 15.60 12.80
C GLY A 235 3.80 15.25 12.32
N GLN A 236 3.68 14.57 11.19
CA GLN A 236 2.36 14.13 10.74
C GLN A 236 1.68 13.29 11.81
N GLU A 237 0.36 13.25 11.75
CA GLU A 237 -0.45 12.48 12.69
C GLU A 237 -0.18 12.92 14.13
N ARG A 238 -0.49 14.18 14.41
CA ARG A 238 -0.33 14.77 15.73
C ARG A 238 1.07 14.53 16.30
N GLY A 239 2.05 14.35 15.43
CA GLY A 239 3.41 14.12 15.86
C GLY A 239 3.70 12.72 16.37
N MET A 240 2.74 11.80 16.31
CA MET A 240 2.92 10.45 16.80
C MET A 240 3.54 9.50 15.78
N ARG A 241 3.40 9.81 14.49
CA ARG A 241 3.80 8.86 13.44
C ARG A 241 4.15 9.66 12.19
N SER A 242 5.34 10.26 12.20
CA SER A 242 5.78 11.04 11.06
C SER A 242 5.89 10.17 9.81
N GLY A 243 5.76 10.82 8.66
CA GLY A 243 5.76 10.14 7.39
C GLY A 243 4.50 10.41 6.59
N THR A 244 4.56 10.25 5.27
CA THR A 244 3.43 10.54 4.42
C THR A 244 2.40 9.42 4.53
N VAL A 245 1.19 9.78 4.98
CA VAL A 245 0.10 8.82 5.14
C VAL A 245 -0.28 8.25 3.79
N PRO A 246 -0.21 6.92 3.61
CA PRO A 246 -0.52 6.32 2.30
C PRO A 246 -2.01 6.37 2.00
N THR A 247 -2.45 7.38 1.26
CA THR A 247 -3.87 7.65 1.07
C THR A 247 -4.63 6.41 0.62
N PRO A 248 -4.24 5.76 -0.48
CA PRO A 248 -5.03 4.60 -0.94
C PRO A 248 -5.17 3.54 0.15
N LEU A 249 -4.11 3.36 0.94
CA LEU A 249 -4.11 2.34 1.97
C LEU A 249 -5.09 2.69 3.09
N VAL A 250 -5.07 3.94 3.55
CA VAL A 250 -5.98 4.33 4.61
C VAL A 250 -7.43 4.33 4.10
N VAL A 251 -7.62 4.73 2.85
CA VAL A 251 -8.94 4.66 2.24
C VAL A 251 -9.46 3.23 2.29
N GLY A 252 -8.64 2.28 1.82
CA GLY A 252 -9.05 0.89 1.87
C GLY A 252 -9.32 0.40 3.27
N LEU A 253 -8.47 0.80 4.23
CA LEU A 253 -8.69 0.39 5.61
C LEU A 253 -10.04 0.89 6.11
N GLY A 254 -10.38 2.14 5.82
CA GLY A 254 -11.66 2.66 6.24
C GLY A 254 -12.82 1.91 5.61
N ALA A 255 -12.74 1.69 4.30
CA ALA A 255 -13.77 0.91 3.62
C ALA A 255 -13.93 -0.47 4.27
N ALA A 256 -12.82 -1.12 4.58
CA ALA A 256 -12.88 -2.42 5.22
C ALA A 256 -13.57 -2.33 6.58
N CYS A 257 -13.28 -1.28 7.34
CA CYS A 257 -13.91 -1.14 8.65
C CYS A 257 -15.40 -0.92 8.52
N GLU A 258 -15.83 -0.07 7.57
CA GLU A 258 -17.26 0.16 7.38
C GLU A 258 -17.96 -1.12 6.96
N VAL A 259 -17.44 -1.80 5.94
CA VAL A 259 -18.03 -3.05 5.49
C VAL A 259 -18.10 -4.05 6.64
N ALA A 260 -17.02 -4.15 7.42
CA ALA A 260 -17.01 -5.07 8.55
C ALA A 260 -18.09 -4.72 9.56
N GLN A 261 -18.27 -3.43 9.83
CA GLN A 261 -19.35 -3.02 10.72
C GLN A 261 -20.70 -3.41 10.14
N GLN A 262 -20.85 -3.37 8.81
CA GLN A 262 -22.12 -3.74 8.20
C GLN A 262 -22.39 -5.23 8.32
N GLU A 263 -21.40 -6.06 8.00
CA GLU A 263 -21.59 -7.48 7.79
C GLU A 263 -21.14 -8.33 8.98
N MET A 264 -20.76 -7.71 10.10
CA MET A 264 -20.20 -8.47 11.21
C MET A 264 -21.15 -9.55 11.71
N GLU A 265 -22.42 -9.20 11.91
CA GLU A 265 -23.37 -10.16 12.45
C GLU A 265 -23.59 -11.33 11.50
N TYR A 266 -23.88 -11.02 10.23
CA TYR A 266 -24.08 -12.06 9.22
C TYR A 266 -22.87 -12.99 9.17
N ASP A 267 -21.69 -12.40 9.03
CA ASP A 267 -20.45 -13.17 8.98
C ASP A 267 -20.30 -14.06 10.20
N HIS A 268 -20.61 -13.53 11.38
CA HIS A 268 -20.48 -14.35 12.58
C HIS A 268 -21.44 -15.52 12.58
N LYS A 269 -22.69 -15.29 12.13
CA LYS A 269 -23.66 -16.37 12.10
C LYS A 269 -23.20 -17.50 11.19
N ARG A 270 -22.95 -17.19 9.92
CA ARG A 270 -22.64 -18.28 9.00
C ARG A 270 -21.25 -18.86 9.27
N ILE A 271 -20.29 -18.00 9.62
CA ILE A 271 -18.97 -18.51 10.00
C ILE A 271 -19.08 -19.51 11.15
N SER A 272 -19.87 -19.16 12.17
CA SER A 272 -20.03 -20.06 13.31
C SER A 272 -20.68 -21.37 12.87
N LYS A 273 -21.74 -21.29 12.06
CA LYS A 273 -22.40 -22.51 11.61
C LYS A 273 -21.43 -23.42 10.87
N LEU A 274 -20.65 -22.85 9.95
CA LEU A 274 -19.70 -23.66 9.19
C LEU A 274 -18.63 -24.23 10.11
N SER A 275 -18.18 -23.47 11.09
CA SER A 275 -17.18 -23.96 12.02
C SER A 275 -17.70 -25.18 12.78
N GLU A 276 -18.91 -25.07 13.34
CA GLU A 276 -19.50 -26.22 14.00
C GLU A 276 -19.62 -27.39 13.05
N ARG A 277 -19.99 -27.13 11.79
CA ARG A 277 -20.07 -28.21 10.81
C ARG A 277 -18.73 -28.93 10.68
N LEU A 278 -17.66 -28.18 10.44
CA LEU A 278 -16.34 -28.77 10.29
C LEU A 278 -15.97 -29.59 11.52
N ILE A 279 -16.05 -29.00 12.70
CA ILE A 279 -15.62 -29.70 13.91
C ILE A 279 -16.43 -30.97 14.10
N GLN A 280 -17.75 -30.84 14.15
CA GLN A 280 -18.59 -32.01 14.43
C GLN A 280 -18.36 -33.10 13.39
N ASN A 281 -18.15 -32.74 12.14
CA ASN A 281 -17.97 -33.75 11.10
C ASN A 281 -16.61 -34.42 11.19
N ILE A 282 -15.57 -33.68 11.60
CA ILE A 282 -14.26 -34.30 11.76
C ILE A 282 -14.23 -35.20 12.99
N MET A 283 -14.85 -34.77 14.08
CA MET A 283 -14.77 -35.50 15.34
C MET A 283 -15.48 -36.84 15.24
N LYS A 284 -16.61 -36.88 14.53
CA LYS A 284 -17.38 -38.11 14.41
C LYS A 284 -16.68 -39.17 13.57
N SER A 285 -15.65 -38.81 12.79
CA SER A 285 -15.02 -39.74 11.88
C SER A 285 -13.56 -40.03 12.21
N LEU A 286 -12.93 -39.25 13.08
CA LEU A 286 -11.55 -39.51 13.47
C LEU A 286 -11.45 -39.38 14.99
N PRO A 287 -11.05 -40.44 15.69
CA PRO A 287 -10.85 -40.35 17.13
C PRO A 287 -9.48 -39.78 17.45
N ASP A 288 -9.31 -39.40 18.72
CA ASP A 288 -8.03 -38.88 19.21
C ASP A 288 -7.60 -37.62 18.46
N VAL A 289 -8.57 -36.76 18.17
CA VAL A 289 -8.32 -35.41 17.67
C VAL A 289 -8.78 -34.43 18.74
N VAL A 290 -7.90 -33.51 19.13
CA VAL A 290 -8.12 -32.64 20.28
C VAL A 290 -8.15 -31.19 19.82
N MET A 291 -9.13 -30.43 20.30
CA MET A 291 -9.24 -29.01 20.00
C MET A 291 -8.47 -28.21 21.04
N ASN A 292 -7.60 -27.33 20.56
CA ASN A 292 -6.79 -26.49 21.43
C ASN A 292 -7.52 -25.17 21.68
N GLY A 293 -7.86 -24.92 22.94
CA GLY A 293 -8.56 -23.70 23.31
C GLY A 293 -9.97 -23.99 23.78
N ASP A 294 -10.42 -23.23 24.78
CA ASP A 294 -11.75 -23.47 25.34
C ASP A 294 -12.82 -23.07 24.33
N PRO A 295 -13.68 -23.99 23.91
CA PRO A 295 -14.76 -23.63 22.98
C PRO A 295 -15.83 -22.74 23.59
N LYS A 296 -15.85 -22.59 24.92
CA LYS A 296 -16.86 -21.75 25.55
C LYS A 296 -16.59 -20.26 25.37
N HIS A 297 -15.33 -19.87 25.11
CA HIS A 297 -14.96 -18.47 24.89
C HIS A 297 -13.95 -18.48 23.74
N HIS A 298 -14.48 -18.59 22.51
CA HIS A 298 -13.64 -18.90 21.36
C HIS A 298 -14.28 -18.33 20.10
N TYR A 299 -13.47 -17.69 19.28
CA TYR A 299 -13.94 -17.19 17.99
C TYR A 299 -13.95 -18.29 16.95
N PRO A 300 -15.09 -18.59 16.33
CA PRO A 300 -15.16 -19.76 15.43
C PRO A 300 -14.26 -19.66 14.20
N GLY A 301 -13.71 -18.49 13.89
CA GLY A 301 -12.90 -18.37 12.69
C GLY A 301 -11.53 -18.99 12.78
N CYS A 302 -11.06 -19.33 13.98
CA CYS A 302 -9.73 -19.91 14.19
C CYS A 302 -9.88 -21.21 14.96
N ILE A 303 -9.64 -22.34 14.28
CA ILE A 303 -9.79 -23.66 14.87
C ILE A 303 -8.44 -24.37 14.79
N ASN A 304 -7.85 -24.65 15.96
CA ASN A 304 -6.54 -25.30 16.03
C ASN A 304 -6.71 -26.69 16.60
N LEU A 305 -6.39 -27.71 15.81
CA LEU A 305 -6.63 -29.09 16.20
C LEU A 305 -5.37 -29.92 16.11
N SER A 306 -5.16 -30.78 17.11
CA SER A 306 -4.06 -31.73 17.09
C SER A 306 -4.61 -33.11 16.75
N PHE A 307 -4.03 -33.74 15.73
CA PHE A 307 -4.40 -35.09 15.30
C PHE A 307 -3.36 -36.04 15.87
N ALA A 308 -3.72 -36.68 16.98
CA ALA A 308 -2.77 -37.54 17.68
C ALA A 308 -2.10 -38.50 16.72
N TYR A 309 -0.81 -38.76 16.95
CA TYR A 309 -0.03 -39.78 16.26
C TYR A 309 0.35 -39.37 14.84
N VAL A 310 0.12 -38.11 14.46
CA VAL A 310 0.45 -37.63 13.11
C VAL A 310 1.19 -36.31 13.22
N GLU A 311 2.27 -36.18 12.45
CA GLU A 311 3.04 -34.94 12.42
C GLU A 311 2.36 -33.92 11.50
N GLY A 312 2.46 -32.65 11.87
CA GLY A 312 1.69 -31.62 11.19
C GLY A 312 2.07 -31.46 9.73
N GLU A 313 3.37 -31.26 9.47
CA GLU A 313 3.78 -30.94 8.10
C GLU A 313 3.50 -32.09 7.14
N SER A 314 3.61 -33.34 7.59
CA SER A 314 3.25 -34.45 6.71
C SER A 314 1.78 -34.37 6.31
N LEU A 315 0.92 -33.99 7.25
CA LEU A 315 -0.49 -33.81 6.94
C LEU A 315 -0.69 -32.65 5.97
N LEU A 316 -0.02 -31.52 6.23
CA LEU A 316 -0.12 -30.38 5.31
C LEU A 316 0.26 -30.79 3.90
N MET A 317 1.37 -31.53 3.75
CA MET A 317 1.76 -32.00 2.43
C MET A 317 0.72 -32.95 1.86
N ALA A 318 0.08 -33.75 2.72
CA ALA A 318 -0.97 -34.64 2.24
C ALA A 318 -2.12 -33.86 1.61
N LEU A 319 -2.52 -32.75 2.23
CA LEU A 319 -3.60 -31.92 1.71
C LEU A 319 -3.01 -30.83 0.82
N LYS A 320 -2.48 -31.26 -0.32
CA LYS A 320 -1.89 -30.33 -1.29
C LYS A 320 -2.93 -29.45 -1.93
N ASP A 321 -4.21 -29.67 -1.65
CA ASP A 321 -5.29 -28.89 -2.24
C ASP A 321 -5.88 -27.87 -1.28
N VAL A 322 -5.31 -27.71 -0.09
CA VAL A 322 -5.83 -26.76 0.89
C VAL A 322 -4.66 -26.04 1.54
N ALA A 323 -4.70 -24.71 1.51
CA ALA A 323 -3.67 -23.88 2.14
C ALA A 323 -3.98 -23.77 3.62
N LEU A 324 -3.12 -24.36 4.45
CA LEU A 324 -3.34 -24.40 5.88
C LEU A 324 -2.09 -23.99 6.63
N SER A 325 -2.07 -24.19 7.94
CA SER A 325 -0.91 -23.88 8.74
C SER A 325 -0.85 -24.84 9.92
N SER A 326 0.34 -24.97 10.49
CA SER A 326 0.52 -25.83 11.65
C SER A 326 1.57 -25.22 12.56
N GLY A 327 1.46 -25.51 13.86
CA GLY A 327 2.44 -25.07 14.81
C GLY A 327 3.47 -26.14 15.10
N SER A 328 3.93 -26.81 14.04
CA SER A 328 4.89 -27.88 14.15
C SER A 328 6.30 -27.33 14.00
N ALA A 329 7.20 -27.74 14.90
CA ALA A 329 8.60 -27.34 14.78
C ALA A 329 9.10 -27.55 13.36
N CYS A 330 8.95 -28.76 12.83
CA CYS A 330 9.35 -29.10 11.46
C CYS A 330 8.66 -28.25 10.39
N THR A 331 8.48 -26.96 10.66
CA THR A 331 7.93 -26.05 9.66
C THR A 331 8.43 -24.64 9.82
N SER A 332 9.21 -24.34 10.85
CA SER A 332 9.75 -23.02 11.10
C SER A 332 11.23 -22.97 10.71
N ALA A 333 11.62 -21.89 10.03
CA ALA A 333 13.01 -21.66 9.67
C ALA A 333 13.89 -22.14 10.81
N SER A 334 13.88 -21.42 11.92
CA SER A 334 14.44 -21.91 13.18
C SER A 334 13.43 -22.88 13.78
N LEU A 335 13.70 -24.17 13.65
CA LEU A 335 12.79 -25.20 14.15
C LEU A 335 12.32 -24.89 15.56
N GLU A 336 11.03 -24.55 15.70
CA GLU A 336 10.52 -24.11 16.99
C GLU A 336 9.04 -24.40 17.05
N PRO A 337 8.57 -25.11 18.08
CA PRO A 337 7.15 -25.41 18.21
C PRO A 337 6.39 -24.20 18.74
N SER A 338 5.12 -24.13 18.35
CA SER A 338 4.28 -22.98 18.72
C SER A 338 4.33 -22.74 20.22
N TYR A 339 4.79 -21.55 20.61
CA TYR A 339 4.83 -21.22 22.02
C TYR A 339 3.44 -21.10 22.61
N VAL A 340 2.45 -20.78 21.78
CA VAL A 340 1.07 -20.72 22.27
C VAL A 340 0.62 -22.08 22.76
N LEU A 341 0.86 -23.12 21.96
CA LEU A 341 0.45 -24.46 22.36
C LEU A 341 1.23 -24.93 23.57
N ARG A 342 2.54 -24.63 23.63
CA ARG A 342 3.32 -24.99 24.80
C ARG A 342 2.79 -24.29 26.05
N ALA A 343 2.30 -23.05 25.90
CA ALA A 343 1.84 -22.29 27.05
C ALA A 343 0.54 -22.84 27.62
N ILE A 344 -0.34 -23.39 26.77
CA ILE A 344 -1.63 -23.88 27.24
C ILE A 344 -1.46 -25.31 27.73
N GLY A 345 -0.22 -25.77 27.78
CA GLY A 345 0.11 -27.05 28.40
C GLY A 345 -0.14 -28.27 27.55
N THR A 346 -0.26 -28.12 26.23
CA THR A 346 -0.49 -29.27 25.38
C THR A 346 0.75 -30.16 25.40
N ASP A 347 0.54 -31.46 25.58
CA ASP A 347 1.66 -32.38 25.47
C ASP A 347 2.48 -32.07 24.23
N GLU A 348 3.80 -32.09 24.36
CA GLU A 348 4.66 -31.67 23.27
C GLU A 348 4.34 -32.44 21.99
N ASP A 349 4.10 -33.75 22.12
CA ASP A 349 3.80 -34.56 20.94
C ASP A 349 2.60 -34.01 20.20
N LEU A 350 1.49 -33.79 20.90
CA LEU A 350 0.31 -33.23 20.26
C LEU A 350 0.55 -31.80 19.80
N ALA A 351 1.48 -31.09 20.46
CA ALA A 351 1.87 -29.77 19.97
C ALA A 351 2.44 -29.86 18.56
N HIS A 352 3.14 -30.95 18.24
CA HIS A 352 3.65 -31.19 16.90
C HIS A 352 2.57 -31.70 15.94
N SER A 353 1.35 -31.93 16.41
CA SER A 353 0.30 -32.52 15.61
C SER A 353 -0.85 -31.56 15.36
N SER A 354 -0.59 -30.26 15.45
CA SER A 354 -1.64 -29.26 15.35
C SER A 354 -1.64 -28.60 13.98
N ILE A 355 -2.83 -28.35 13.46
CA ILE A 355 -3.02 -27.55 12.25
C ILE A 355 -4.17 -26.58 12.51
N ARG A 356 -4.16 -25.48 11.76
CA ARG A 356 -5.06 -24.36 12.00
C ARG A 356 -5.94 -24.14 10.78
N PHE A 357 -7.26 -24.19 10.99
CA PHE A 357 -8.24 -23.88 9.97
C PHE A 357 -8.83 -22.50 10.25
N GLY A 358 -8.84 -21.65 9.23
CA GLY A 358 -9.44 -20.35 9.33
C GLY A 358 -10.62 -20.22 8.40
N ILE A 359 -11.78 -19.84 8.94
CA ILE A 359 -12.99 -19.66 8.16
C ILE A 359 -13.30 -18.18 8.10
N GLY A 360 -13.47 -17.66 6.88
CA GLY A 360 -13.58 -16.23 6.69
C GLY A 360 -14.86 -15.79 5.99
N ARG A 361 -14.91 -14.51 5.64
CA ARG A 361 -16.14 -13.94 5.10
C ARG A 361 -16.57 -14.64 3.82
N PHE A 362 -15.62 -15.20 3.06
CA PHE A 362 -15.91 -15.77 1.74
C PHE A 362 -15.85 -17.29 1.69
N THR A 363 -15.63 -17.97 2.81
CA THR A 363 -15.51 -19.42 2.79
C THR A 363 -16.85 -20.07 2.51
N THR A 364 -16.86 -21.08 1.66
CA THR A 364 -18.09 -21.78 1.29
C THR A 364 -18.20 -23.11 2.03
N GLU A 365 -19.45 -23.59 2.14
CA GLU A 365 -19.68 -24.87 2.79
C GLU A 365 -19.01 -26.01 2.02
N GLU A 366 -18.98 -25.90 0.69
CA GLU A 366 -18.28 -26.91 -0.11
C GLU A 366 -16.81 -26.98 0.28
N GLU A 367 -16.17 -25.81 0.43
CA GLU A 367 -14.78 -25.78 0.90
C GLU A 367 -14.62 -26.53 2.21
N VAL A 368 -15.55 -26.33 3.15
CA VAL A 368 -15.46 -26.99 4.44
C VAL A 368 -15.57 -28.50 4.27
N ASP A 369 -16.56 -28.96 3.50
CA ASP A 369 -16.74 -30.41 3.34
C ASP A 369 -15.54 -31.04 2.65
N TYR A 370 -15.04 -30.40 1.59
CA TYR A 370 -13.83 -30.89 0.92
C TYR A 370 -12.68 -31.02 1.91
N THR A 371 -12.40 -29.95 2.66
CA THR A 371 -11.32 -29.99 3.62
C THR A 371 -11.51 -31.11 4.64
N VAL A 372 -12.75 -31.32 5.09
CA VAL A 372 -13.01 -32.36 6.08
C VAL A 372 -12.72 -33.73 5.48
N GLU A 373 -13.25 -34.00 4.29
CA GLU A 373 -13.07 -35.31 3.68
C GLU A 373 -11.59 -35.61 3.45
N LYS A 374 -10.89 -34.71 2.75
CA LYS A 374 -9.47 -34.94 2.50
C LYS A 374 -8.70 -35.10 3.81
N CYS A 375 -9.09 -34.32 4.83
CA CYS A 375 -8.42 -34.41 6.12
C CYS A 375 -8.59 -35.80 6.73
N ILE A 376 -9.82 -36.32 6.72
CA ILE A 376 -10.04 -37.67 7.25
C ILE A 376 -9.21 -38.68 6.48
N GLN A 377 -9.35 -38.68 5.15
CA GLN A 377 -8.63 -39.64 4.32
C GLN A 377 -7.14 -39.67 4.65
N HIS A 378 -6.51 -38.50 4.64
CA HIS A 378 -5.06 -38.47 4.78
C HIS A 378 -4.61 -38.68 6.22
N VAL A 379 -5.44 -38.33 7.20
CA VAL A 379 -5.10 -38.64 8.58
C VAL A 379 -5.14 -40.15 8.81
N LYS A 380 -6.13 -40.84 8.26
CA LYS A 380 -6.15 -42.30 8.35
C LYS A 380 -4.92 -42.88 7.68
N ARG A 381 -4.64 -42.45 6.44
CA ARG A 381 -3.50 -42.99 5.72
C ARG A 381 -2.21 -42.79 6.50
N LEU A 382 -2.00 -41.58 7.03
CA LEU A 382 -0.78 -41.31 7.76
C LEU A 382 -0.71 -42.07 9.07
N ARG A 383 -1.87 -42.34 9.68
CA ARG A 383 -1.87 -43.13 10.92
C ARG A 383 -1.47 -44.57 10.65
N GLU A 384 -1.90 -45.13 9.51
CA GLU A 384 -1.42 -46.46 9.16
C GLU A 384 0.09 -46.46 8.92
N MET A 385 0.69 -45.28 8.71
CA MET A 385 2.12 -45.14 8.52
C MET A 385 2.84 -44.74 9.80
N SER A 386 2.12 -44.47 10.87
CA SER A 386 2.72 -43.87 12.04
C SER A 386 3.16 -44.95 13.02
N PRO A 387 4.41 -44.91 13.49
CA PRO A 387 4.83 -45.90 14.49
C PRO A 387 4.15 -45.67 15.83
N LEU A 388 3.84 -44.41 16.15
CA LEU A 388 3.17 -44.13 17.40
C LEU A 388 1.77 -44.73 17.43
N TRP A 389 1.08 -44.71 16.30
CA TRP A 389 -0.20 -45.41 16.20
C TRP A 389 -0.02 -46.89 16.54
N GLU A 390 0.86 -47.57 15.80
CA GLU A 390 1.10 -48.99 16.04
C GLU A 390 1.38 -49.27 17.51
N MET A 391 2.30 -48.51 18.11
CA MET A 391 2.64 -48.75 19.51
C MET A 391 1.45 -48.52 20.43
N VAL A 392 0.66 -47.48 20.16
CA VAL A 392 -0.50 -47.20 20.98
C VAL A 392 -1.47 -48.37 20.94
N GLN A 393 -1.73 -48.90 19.74
CA GLN A 393 -2.61 -50.06 19.64
C GLN A 393 -2.02 -51.25 20.40
N ASP A 394 -0.70 -51.32 20.52
CA ASP A 394 -0.04 -52.36 21.30
C ASP A 394 0.45 -51.89 22.66
N GLY A 395 0.58 -50.59 22.88
CA GLY A 395 1.04 -50.06 24.14
C GLY A 395 2.53 -50.19 24.37
N ILE A 396 3.16 -49.12 24.87
CA ILE A 396 4.59 -49.12 25.18
C ILE A 396 5.01 -47.77 25.73
N ASP A 397 6.28 -47.65 26.11
CA ASP A 397 6.82 -46.39 26.67
C ASP A 397 7.90 -45.81 25.79
N LEU A 398 9.05 -45.53 26.39
CA LEU A 398 10.15 -44.83 25.73
C LEU A 398 10.72 -45.59 24.53
N LYS A 399 11.68 -44.97 23.85
CA LYS A 399 12.28 -45.52 22.64
C LYS A 399 13.61 -44.84 22.32
N SER A 400 14.33 -44.41 23.36
CA SER A 400 15.65 -43.78 23.20
C SER A 400 15.58 -42.49 22.39
N ILE A 401 16.68 -41.75 22.36
CA ILE A 401 16.75 -40.51 21.60
C ILE A 401 17.94 -40.54 20.66
N SER B 5 -41.15 1.12 -6.15
CA SER B 5 -42.29 0.29 -6.54
C SER B 5 -42.09 -1.16 -6.11
N ARG B 6 -42.39 -2.08 -7.02
CA ARG B 6 -42.26 -3.50 -6.78
C ARG B 6 -41.54 -4.13 -7.96
N ALA B 7 -42.07 -3.92 -9.16
CA ALA B 7 -41.45 -4.46 -10.36
C ALA B 7 -40.03 -3.94 -10.50
N GLN B 8 -39.84 -2.64 -10.26
CA GLN B 8 -38.49 -2.08 -10.25
C GLN B 8 -37.59 -2.83 -9.27
N VAL B 9 -38.12 -3.16 -8.10
CA VAL B 9 -37.35 -3.92 -7.12
C VAL B 9 -36.91 -5.25 -7.72
N LEU B 10 -37.86 -6.01 -8.26
CA LEU B 10 -37.50 -7.33 -8.81
C LEU B 10 -36.48 -7.19 -9.92
N ALA B 11 -36.70 -6.24 -10.84
CA ALA B 11 -35.71 -5.95 -11.87
C ALA B 11 -34.33 -5.76 -11.24
N LEU B 12 -34.24 -4.97 -10.17
CA LEU B 12 -32.98 -4.83 -9.46
C LEU B 12 -32.42 -6.19 -9.05
N TYR B 13 -33.23 -7.01 -8.37
CA TYR B 13 -32.79 -8.33 -7.95
C TYR B 13 -32.18 -9.11 -9.12
N ARG B 14 -32.95 -9.26 -10.21
CA ARG B 14 -32.47 -9.98 -11.38
C ARG B 14 -31.14 -9.41 -11.86
N ALA B 15 -31.07 -8.07 -12.00
CA ALA B 15 -29.84 -7.44 -12.47
C ALA B 15 -28.65 -7.81 -11.59
N MET B 16 -28.81 -7.68 -10.27
CA MET B 16 -27.69 -7.93 -9.37
C MET B 16 -27.29 -9.41 -9.37
N LEU B 17 -28.24 -10.32 -9.54
CA LEU B 17 -27.89 -11.73 -9.65
C LEU B 17 -27.14 -12.00 -10.95
N ARG B 18 -27.68 -11.54 -12.08
CA ARG B 18 -27.04 -11.77 -13.37
C ARG B 18 -25.61 -11.23 -13.36
N GLU B 19 -25.45 -9.99 -12.91
CA GLU B 19 -24.11 -9.41 -12.88
C GLU B 19 -23.21 -10.15 -11.91
N SER B 20 -23.75 -10.54 -10.75
CA SER B 20 -22.94 -11.22 -9.75
C SER B 20 -22.42 -12.57 -10.26
N LYS B 21 -23.22 -13.28 -11.05
CA LYS B 21 -22.81 -14.61 -11.49
C LYS B 21 -21.65 -14.58 -12.48
N ARG B 22 -21.20 -13.41 -12.90
CA ARG B 22 -20.09 -13.30 -13.83
C ARG B 22 -18.74 -13.17 -13.15
N PHE B 23 -18.72 -12.96 -11.83
CA PHE B 23 -17.48 -12.95 -11.07
C PHE B 23 -16.58 -14.12 -11.46
N SER B 24 -15.33 -13.81 -11.78
CA SER B 24 -14.38 -14.86 -12.14
C SER B 24 -13.99 -15.71 -10.94
N ALA B 25 -13.90 -15.09 -9.76
CA ALA B 25 -13.42 -15.79 -8.57
C ALA B 25 -14.56 -16.57 -7.91
N TYR B 26 -14.25 -17.80 -7.49
CA TYR B 26 -15.24 -18.64 -6.83
C TYR B 26 -15.71 -18.00 -5.52
N ASN B 27 -14.76 -17.52 -4.72
CA ASN B 27 -15.12 -16.91 -3.44
C ASN B 27 -15.96 -15.66 -3.64
N TYR B 28 -15.50 -14.74 -4.49
CA TYR B 28 -16.24 -13.51 -4.73
C TYR B 28 -17.61 -13.81 -5.33
N ARG B 29 -17.65 -14.72 -6.31
CA ARG B 29 -18.92 -15.05 -6.95
C ARG B 29 -19.92 -15.62 -5.95
N THR B 30 -19.55 -16.73 -5.30
CA THR B 30 -20.46 -17.38 -4.37
C THR B 30 -20.89 -16.41 -3.27
N TYR B 31 -19.94 -15.68 -2.69
CA TYR B 31 -20.28 -14.74 -1.64
C TYR B 31 -21.28 -13.69 -2.13
N ALA B 32 -21.01 -13.10 -3.29
CA ALA B 32 -21.90 -12.07 -3.81
C ALA B 32 -23.30 -12.60 -3.99
N VAL B 33 -23.43 -13.75 -4.66
CA VAL B 33 -24.76 -14.32 -4.91
C VAL B 33 -25.48 -14.58 -3.59
N ARG B 34 -24.82 -15.31 -2.69
CA ARG B 34 -25.48 -15.70 -1.45
C ARG B 34 -25.88 -14.49 -0.62
N ARG B 35 -25.01 -13.48 -0.54
CA ARG B 35 -25.33 -12.30 0.25
C ARG B 35 -26.49 -11.51 -0.37
N ILE B 36 -26.52 -11.43 -1.70
CA ILE B 36 -27.65 -10.76 -2.35
C ILE B 36 -28.95 -11.48 -2.01
N ARG B 37 -28.98 -12.80 -2.19
CA ARG B 37 -30.17 -13.58 -1.85
C ARG B 37 -30.59 -13.33 -0.40
N ASP B 38 -29.69 -13.61 0.54
CA ASP B 38 -30.02 -13.47 1.95
C ASP B 38 -30.48 -12.04 2.27
N ALA B 39 -29.94 -11.05 1.58
CA ALA B 39 -30.31 -9.66 1.86
C ALA B 39 -31.73 -9.37 1.41
N PHE B 40 -32.03 -9.63 0.13
CA PHE B 40 -33.39 -9.37 -0.34
C PHE B 40 -34.41 -10.16 0.47
N ARG B 41 -34.12 -11.43 0.76
CA ARG B 41 -35.05 -12.23 1.54
C ARG B 41 -35.20 -11.66 2.95
N GLU B 42 -34.10 -11.21 3.54
CA GLU B 42 -34.17 -10.66 4.89
C GLU B 42 -35.02 -9.40 4.93
N ASN B 43 -34.99 -8.60 3.87
CA ASN B 43 -35.77 -7.38 3.79
C ASN B 43 -37.10 -7.58 3.07
N LYS B 44 -37.50 -8.83 2.85
CA LYS B 44 -38.70 -9.08 2.05
C LYS B 44 -39.96 -8.45 2.67
N ASN B 45 -40.05 -8.44 3.99
CA ASN B 45 -41.27 -8.01 4.66
C ASN B 45 -41.20 -6.59 5.23
N VAL B 46 -40.15 -5.83 4.89
CA VAL B 46 -40.11 -4.43 5.31
C VAL B 46 -41.26 -3.66 4.67
N LYS B 47 -41.85 -2.74 5.43
CA LYS B 47 -42.99 -1.96 4.95
C LYS B 47 -42.74 -0.47 4.86
N ASP B 48 -41.78 0.08 5.60
CA ASP B 48 -41.55 1.53 5.58
C ASP B 48 -40.99 1.97 4.23
N PRO B 49 -41.70 2.83 3.49
CA PRO B 49 -41.21 3.22 2.16
C PRO B 49 -39.88 3.95 2.18
N VAL B 50 -39.57 4.72 3.23
CA VAL B 50 -38.30 5.44 3.26
C VAL B 50 -37.14 4.48 3.43
N GLU B 51 -37.26 3.55 4.38
CA GLU B 51 -36.23 2.53 4.54
C GLU B 51 -36.09 1.69 3.29
N ILE B 52 -37.21 1.41 2.63
CA ILE B 52 -37.16 0.63 1.39
C ILE B 52 -36.38 1.38 0.33
N GLN B 53 -36.68 2.67 0.15
CA GLN B 53 -35.92 3.46 -0.82
C GLN B 53 -34.44 3.49 -0.46
N THR B 54 -34.13 3.59 0.83
CA THR B 54 -32.74 3.53 1.27
C THR B 54 -32.07 2.23 0.84
N LEU B 55 -32.68 1.10 1.17
CA LEU B 55 -32.11 -0.19 0.80
C LEU B 55 -31.95 -0.32 -0.70
N VAL B 56 -32.91 0.20 -1.47
CA VAL B 56 -32.82 0.11 -2.93
C VAL B 56 -31.63 0.92 -3.44
N ASN B 57 -31.47 2.15 -2.96
CA ASN B 57 -30.34 2.96 -3.39
C ASN B 57 -29.02 2.28 -3.04
N LYS B 58 -28.92 1.76 -1.82
CA LYS B 58 -27.73 1.00 -1.44
C LYS B 58 -27.49 -0.15 -2.42
N ALA B 59 -28.57 -0.83 -2.82
CA ALA B 59 -28.43 -1.93 -3.77
C ALA B 59 -27.92 -1.45 -5.11
N LYS B 60 -28.30 -0.23 -5.52
CA LYS B 60 -27.80 0.30 -6.78
C LYS B 60 -26.30 0.59 -6.70
N ARG B 61 -25.86 1.20 -5.60
CA ARG B 61 -24.43 1.43 -5.43
C ARG B 61 -23.67 0.11 -5.45
N ASP B 62 -24.19 -0.90 -4.74
CA ASP B 62 -23.54 -2.20 -4.73
C ASP B 62 -23.58 -2.86 -6.10
N LEU B 63 -24.56 -2.51 -6.93
CA LEU B 63 -24.59 -3.06 -8.29
C LEU B 63 -23.50 -2.44 -9.14
N GLY B 64 -23.29 -1.13 -9.03
CA GLY B 64 -22.18 -0.53 -9.76
C GLY B 64 -20.84 -1.08 -9.32
N VAL B 65 -20.68 -1.28 -8.01
CA VAL B 65 -19.44 -1.87 -7.52
C VAL B 65 -19.27 -3.28 -8.07
N ILE B 66 -20.36 -4.06 -8.09
CA ILE B 66 -20.28 -5.43 -8.60
C ILE B 66 -19.86 -5.43 -10.06
N ARG B 67 -20.45 -4.53 -10.86
CA ARG B 67 -20.05 -4.45 -12.27
C ARG B 67 -18.56 -4.17 -12.40
N ARG B 68 -18.10 -3.10 -11.75
CA ARG B 68 -16.71 -2.68 -11.92
C ARG B 68 -15.74 -3.77 -11.44
N GLN B 69 -16.02 -4.38 -10.29
CA GLN B 69 -15.12 -5.40 -9.77
C GLN B 69 -15.14 -6.66 -10.61
N VAL B 70 -16.31 -7.02 -11.15
CA VAL B 70 -16.37 -8.16 -12.06
C VAL B 70 -15.50 -7.91 -13.28
N HIS B 71 -15.60 -6.71 -13.86
CA HIS B 71 -14.75 -6.39 -15.00
C HIS B 71 -13.28 -6.48 -14.61
N ILE B 72 -12.92 -5.93 -13.46
CA ILE B 72 -11.52 -5.97 -13.03
C ILE B 72 -11.05 -7.41 -12.92
N GLY B 73 -11.87 -8.26 -12.31
CA GLY B 73 -11.50 -9.66 -12.20
C GLY B 73 -11.38 -10.35 -13.54
N GLN B 74 -12.17 -9.92 -14.53
CA GLN B 74 -12.02 -10.47 -15.87
C GLN B 74 -10.70 -10.07 -16.51
N LEU B 75 -10.32 -8.80 -16.35
CA LEU B 75 -9.05 -8.36 -16.92
C LEU B 75 -7.86 -9.07 -16.26
N TYR B 76 -7.98 -9.40 -14.98
CA TYR B 76 -6.90 -10.07 -14.26
C TYR B 76 -7.34 -11.40 -13.66
N SER B 77 -7.74 -12.34 -14.51
CA SER B 77 -8.17 -13.64 -14.05
C SER B 77 -6.96 -14.56 -13.87
N THR B 78 -7.20 -15.71 -13.23
CA THR B 78 -6.17 -16.71 -13.01
C THR B 78 -6.84 -18.09 -13.04
N ASP B 79 -6.10 -19.11 -12.63
CA ASP B 79 -6.62 -20.46 -12.70
C ASP B 79 -7.83 -20.62 -11.77
N LYS B 80 -8.69 -21.59 -12.11
CA LYS B 80 -9.83 -21.91 -11.28
C LYS B 80 -9.40 -22.72 -10.05
N LEU B 81 -10.32 -22.86 -9.11
CA LEU B 81 -10.05 -23.63 -7.90
C LEU B 81 -10.18 -25.13 -8.16
N ILE B 82 -9.53 -25.91 -7.31
CA ILE B 82 -9.61 -27.37 -7.41
C ILE B 82 -11.04 -27.85 -7.23
N ILE B 83 -11.84 -27.12 -6.44
CA ILE B 83 -13.20 -27.55 -6.13
C ILE B 83 -14.17 -27.26 -7.26
N GLU B 84 -13.73 -26.63 -8.34
CA GLU B 84 -14.58 -26.33 -9.49
C GLU B 84 -14.54 -27.48 -10.49
N ASN B 85 -14.95 -28.68 -10.11
CA ASN B 85 -14.92 -29.74 -11.10
C ASN B 85 -16.09 -30.68 -10.92
N GLU C 4 -35.54 -33.78 -22.61
CA GLU C 4 -36.43 -33.18 -23.58
C GLU C 4 -37.08 -31.92 -22.99
N GLU C 5 -38.34 -32.01 -22.61
CA GLU C 5 -38.94 -30.94 -21.81
C GLU C 5 -38.77 -31.23 -20.33
N ARG C 6 -37.54 -31.62 -19.96
CA ARG C 6 -37.21 -31.90 -18.57
C ARG C 6 -37.03 -30.64 -17.76
N VAL C 7 -37.52 -29.51 -18.26
CA VAL C 7 -37.54 -28.29 -17.47
C VAL C 7 -38.29 -28.55 -16.17
N LYS C 8 -39.27 -29.46 -16.20
CA LYS C 8 -39.97 -29.83 -14.98
C LYS C 8 -38.99 -30.18 -13.88
N LYS C 9 -38.01 -31.02 -14.21
CA LYS C 9 -36.97 -31.35 -13.24
C LYS C 9 -36.38 -30.07 -12.66
N ILE C 10 -35.91 -29.18 -13.53
CA ILE C 10 -35.36 -27.91 -13.08
C ILE C 10 -36.32 -27.23 -12.12
N ILE C 11 -37.60 -27.15 -12.49
CA ILE C 11 -38.56 -26.45 -11.64
C ILE C 11 -38.53 -27.05 -10.24
N GLY C 12 -38.60 -28.38 -10.15
CA GLY C 12 -38.54 -29.00 -8.84
C GLY C 12 -37.25 -28.66 -8.13
N GLU C 13 -36.12 -28.77 -8.85
CA GLU C 13 -34.84 -28.40 -8.26
C GLU C 13 -34.89 -26.99 -7.70
N GLN C 14 -35.55 -26.08 -8.41
CA GLN C 14 -35.61 -24.71 -7.94
C GLN C 14 -36.55 -24.58 -6.75
N LEU C 15 -37.66 -25.32 -6.77
CA LEU C 15 -38.67 -25.23 -5.74
C LEU C 15 -38.64 -26.41 -4.76
N GLY C 16 -37.80 -27.40 -5.01
CA GLY C 16 -37.70 -28.53 -4.11
C GLY C 16 -38.98 -29.33 -3.98
N VAL C 17 -39.71 -29.49 -5.08
CA VAL C 17 -40.96 -30.22 -5.09
C VAL C 17 -40.79 -31.52 -5.87
N LYS C 18 -41.59 -32.51 -5.49
CA LYS C 18 -41.55 -33.81 -6.14
C LYS C 18 -41.85 -33.69 -7.63
N GLN C 19 -41.15 -34.49 -8.44
CA GLN C 19 -41.34 -34.44 -9.88
C GLN C 19 -42.80 -34.63 -10.29
N GLU C 20 -43.61 -35.27 -9.44
CA GLU C 20 -45.03 -35.46 -9.76
C GLU C 20 -45.82 -34.17 -9.58
N GLU C 21 -45.37 -33.26 -8.72
CA GLU C 21 -46.11 -32.05 -8.40
C GLU C 21 -45.80 -30.89 -9.35
N VAL C 22 -45.20 -31.17 -10.50
CA VAL C 22 -44.95 -30.13 -11.49
C VAL C 22 -45.94 -30.32 -12.63
N THR C 23 -47.22 -30.33 -12.32
CA THR C 23 -48.23 -30.50 -13.35
C THR C 23 -48.12 -29.37 -14.37
N ASN C 24 -48.35 -29.73 -15.65
CA ASN C 24 -48.24 -28.73 -16.71
C ASN C 24 -49.15 -27.54 -16.47
N ASN C 25 -50.31 -27.76 -15.84
CA ASN C 25 -51.26 -26.70 -15.55
C ASN C 25 -51.00 -26.01 -14.23
N ALA C 26 -49.88 -26.31 -13.58
CA ALA C 26 -49.59 -25.77 -12.26
C ALA C 26 -49.05 -24.34 -12.35
N SER C 27 -49.40 -23.54 -11.37
CA SER C 27 -48.89 -22.18 -11.23
C SER C 27 -47.83 -22.15 -10.14
N PHE C 28 -46.73 -21.43 -10.41
CA PHE C 28 -45.63 -21.38 -9.46
C PHE C 28 -46.09 -20.92 -8.08
N VAL C 29 -46.77 -19.78 -8.03
CA VAL C 29 -47.16 -19.21 -6.74
C VAL C 29 -48.42 -19.88 -6.20
N GLU C 30 -49.46 -19.98 -7.03
CA GLU C 30 -50.75 -20.48 -6.55
C GLU C 30 -50.66 -21.94 -6.13
N ASP C 31 -49.87 -22.74 -6.84
CA ASP C 31 -49.80 -24.18 -6.62
C ASP C 31 -48.49 -24.66 -6.03
N LEU C 32 -47.36 -24.06 -6.41
CA LEU C 32 -46.05 -24.58 -6.06
C LEU C 32 -45.36 -23.81 -4.94
N GLY C 33 -46.02 -22.81 -4.35
CA GLY C 33 -45.50 -22.20 -3.14
C GLY C 33 -44.31 -21.29 -3.29
N ALA C 34 -44.04 -20.79 -4.49
CA ALA C 34 -42.92 -19.89 -4.72
C ALA C 34 -43.33 -18.44 -4.49
N ASP C 35 -42.36 -17.60 -4.15
CA ASP C 35 -42.54 -16.16 -4.08
C ASP C 35 -42.01 -15.54 -5.37
N SER C 36 -41.96 -14.21 -5.43
CA SER C 36 -41.48 -13.55 -6.65
C SER C 36 -39.99 -13.78 -6.84
N LEU C 37 -39.24 -13.80 -5.74
CA LEU C 37 -37.80 -14.03 -5.82
C LEU C 37 -37.52 -15.43 -6.37
N ASP C 38 -38.15 -16.44 -5.79
CA ASP C 38 -38.03 -17.80 -6.31
C ASP C 38 -38.31 -17.83 -7.82
N THR C 39 -39.28 -17.04 -8.28
CA THR C 39 -39.59 -17.01 -9.70
C THR C 39 -38.44 -16.41 -10.50
N VAL C 40 -37.84 -15.33 -10.00
CA VAL C 40 -36.68 -14.75 -10.69
C VAL C 40 -35.57 -15.78 -10.80
N GLU C 41 -35.18 -16.37 -9.67
CA GLU C 41 -34.12 -17.37 -9.71
C GLU C 41 -34.49 -18.54 -10.61
N LEU C 42 -35.77 -18.83 -10.75
CA LEU C 42 -36.21 -19.92 -11.61
C LEU C 42 -35.97 -19.58 -13.08
N VAL C 43 -36.45 -18.42 -13.52
CA VAL C 43 -36.26 -18.04 -14.92
C VAL C 43 -34.78 -17.92 -15.22
N MET C 44 -33.98 -17.44 -14.27
CA MET C 44 -32.53 -17.38 -14.47
C MET C 44 -31.94 -18.77 -14.62
N ALA C 45 -32.40 -19.72 -13.80
CA ALA C 45 -31.93 -21.09 -13.93
C ALA C 45 -32.25 -21.64 -15.32
N LEU C 46 -33.41 -21.28 -15.86
CA LEU C 46 -33.73 -21.71 -17.22
C LEU C 46 -32.85 -21.01 -18.24
N GLU C 47 -32.54 -19.73 -18.01
CA GLU C 47 -31.60 -19.03 -18.88
C GLU C 47 -30.27 -19.78 -18.94
N GLU C 48 -29.81 -20.31 -17.81
CA GLU C 48 -28.55 -21.04 -17.79
C GLU C 48 -28.68 -22.41 -18.43
N GLU C 49 -29.82 -23.08 -18.24
CA GLU C 49 -29.96 -24.44 -18.75
C GLU C 49 -30.20 -24.49 -20.25
N PHE C 50 -31.01 -23.58 -20.79
CA PHE C 50 -31.36 -23.60 -22.20
C PHE C 50 -30.63 -22.53 -23.01
N ASP C 51 -29.68 -21.82 -22.40
CA ASP C 51 -28.83 -20.87 -23.09
C ASP C 51 -29.66 -19.85 -23.88
N THR C 52 -30.57 -19.17 -23.16
CA THR C 52 -31.41 -18.13 -23.75
C THR C 52 -31.30 -16.87 -22.91
N GLU C 53 -32.07 -15.84 -23.29
CA GLU C 53 -32.12 -14.58 -22.56
C GLU C 53 -33.54 -14.03 -22.70
N ILE C 54 -34.50 -14.76 -22.12
CA ILE C 54 -35.90 -14.34 -22.09
C ILE C 54 -36.01 -13.01 -21.35
N PRO C 55 -36.24 -11.90 -22.06
CA PRO C 55 -36.17 -10.58 -21.41
C PRO C 55 -37.26 -10.43 -20.34
N ASP C 56 -37.09 -9.38 -19.54
CA ASP C 56 -38.03 -9.15 -18.44
C ASP C 56 -39.45 -9.01 -18.97
N GLU C 57 -39.62 -8.26 -20.06
CA GLU C 57 -40.96 -8.10 -20.64
C GLU C 57 -41.50 -9.43 -21.13
N GLU C 58 -40.61 -10.35 -21.52
CA GLU C 58 -41.04 -11.70 -21.90
C GLU C 58 -41.19 -12.59 -20.68
N ALA C 59 -40.27 -12.48 -19.72
CA ALA C 59 -40.36 -13.30 -18.51
C ALA C 59 -41.65 -13.04 -17.74
N GLU C 60 -42.17 -11.82 -17.81
CA GLU C 60 -43.35 -11.46 -17.03
C GLU C 60 -44.53 -12.40 -17.29
N LYS C 61 -44.58 -13.02 -18.47
CA LYS C 61 -45.70 -13.86 -18.82
C LYS C 61 -45.52 -15.32 -18.41
N ILE C 62 -44.34 -15.68 -17.89
CA ILE C 62 -44.06 -17.04 -17.46
C ILE C 62 -44.60 -17.20 -16.04
N THR C 63 -45.81 -17.74 -15.90
CA THR C 63 -46.41 -17.99 -14.60
C THR C 63 -46.84 -19.43 -14.40
N THR C 64 -46.69 -20.27 -15.42
CA THR C 64 -47.10 -21.67 -15.35
C THR C 64 -46.01 -22.55 -15.93
N VAL C 65 -46.03 -23.83 -15.54
CA VAL C 65 -45.06 -24.78 -16.06
C VAL C 65 -45.22 -24.94 -17.56
N GLN C 66 -46.47 -25.10 -18.02
CA GLN C 66 -46.71 -25.29 -19.45
C GLN C 66 -46.27 -24.07 -20.26
N ALA C 67 -46.40 -22.87 -19.68
CA ALA C 67 -45.89 -21.68 -20.36
C ALA C 67 -44.38 -21.76 -20.53
N ALA C 68 -43.66 -22.18 -19.49
CA ALA C 68 -42.21 -22.30 -19.59
C ALA C 68 -41.81 -23.36 -20.62
N ILE C 69 -42.44 -24.53 -20.57
CA ILE C 69 -42.19 -25.56 -21.57
C ILE C 69 -42.41 -24.99 -22.96
N ASP C 70 -43.55 -24.33 -23.16
CA ASP C 70 -43.86 -23.75 -24.46
C ASP C 70 -42.77 -22.81 -24.93
N TYR C 71 -42.38 -21.85 -24.09
CA TYR C 71 -41.37 -20.88 -24.49
C TYR C 71 -40.05 -21.57 -24.82
N ILE C 72 -39.66 -22.57 -24.04
CA ILE C 72 -38.39 -23.24 -24.24
C ILE C 72 -38.48 -24.14 -25.46
N ASN C 73 -39.35 -23.76 -26.41
CA ASN C 73 -39.43 -24.36 -27.73
C ASN C 73 -39.54 -23.19 -28.72
N GLY C 74 -38.43 -22.48 -28.88
CA GLY C 74 -38.40 -21.30 -29.73
C GLY C 74 -38.36 -20.01 -28.94
N MET D 6 4.86 -25.51 -7.45
CA MET D 6 4.37 -26.70 -6.76
C MET D 6 5.21 -27.00 -5.52
N SER D 7 6.10 -26.06 -5.18
CA SER D 7 6.93 -26.17 -3.99
C SER D 7 8.03 -25.10 -4.01
N VAL D 8 8.98 -25.20 -3.08
CA VAL D 8 10.13 -24.31 -3.07
C VAL D 8 11.39 -25.12 -2.82
N ASP D 9 11.97 -25.02 -1.62
CA ASP D 9 13.12 -25.81 -1.23
C ASP D 9 12.78 -27.27 -0.99
N LEU D 10 11.66 -27.75 -1.54
CA LEU D 10 11.26 -29.15 -1.43
C LEU D 10 11.67 -29.86 -2.72
N SER D 11 12.72 -30.68 -2.62
CA SER D 11 13.26 -31.34 -3.81
C SER D 11 12.23 -32.29 -4.40
N THR D 12 12.41 -32.59 -5.69
CA THR D 12 11.51 -33.53 -6.35
C THR D 12 11.70 -34.95 -5.84
N GLN D 13 12.95 -35.33 -5.56
CA GLN D 13 13.21 -36.66 -5.02
C GLN D 13 12.47 -36.89 -3.71
N VAL D 14 12.51 -35.90 -2.82
CA VAL D 14 11.78 -35.99 -1.56
C VAL D 14 10.30 -36.17 -1.83
N VAL D 15 9.76 -35.45 -2.81
CA VAL D 15 8.35 -35.57 -3.13
C VAL D 15 8.04 -36.98 -3.62
N ASP D 16 8.96 -37.57 -4.38
CA ASP D 16 8.76 -38.92 -4.86
C ASP D 16 8.74 -39.91 -3.69
N HIS D 17 9.67 -39.75 -2.74
CA HIS D 17 9.70 -40.63 -1.60
C HIS D 17 8.59 -40.37 -0.59
N TYR D 18 7.89 -39.24 -0.69
CA TYR D 18 6.72 -39.01 0.17
C TYR D 18 5.45 -39.52 -0.49
N GLU D 19 5.03 -38.89 -1.58
CA GLU D 19 3.78 -39.27 -2.23
C GLU D 19 3.78 -40.75 -2.58
N ASN D 20 4.96 -41.33 -2.79
CA ASN D 20 5.12 -42.74 -3.14
C ASN D 20 6.01 -43.41 -2.10
N PRO D 21 5.54 -43.58 -0.87
CA PRO D 21 6.42 -44.14 0.15
C PRO D 21 6.79 -45.57 -0.22
N ARG D 22 8.06 -45.90 0.00
CA ARG D 22 8.64 -47.18 -0.40
C ARG D 22 9.04 -48.00 0.82
N ASN D 23 8.65 -49.27 0.82
CA ASN D 23 8.97 -50.23 1.88
C ASN D 23 8.29 -49.88 3.19
N VAL D 24 7.11 -49.27 3.11
CA VAL D 24 6.32 -48.95 4.29
C VAL D 24 5.70 -50.23 4.83
N GLY D 25 5.88 -50.47 6.12
CA GLY D 25 5.22 -51.59 6.77
C GLY D 25 5.99 -52.01 8.01
N SER D 26 5.71 -53.24 8.45
CA SER D 26 6.31 -53.78 9.67
C SER D 26 6.49 -55.28 9.51
N LEU D 27 7.49 -55.81 10.21
CA LEU D 27 7.76 -57.24 10.25
C LEU D 27 7.53 -57.78 11.65
N ASP D 28 7.65 -59.10 11.79
CA ASP D 28 7.48 -59.77 13.08
C ASP D 28 8.82 -59.70 13.81
N LYS D 29 8.87 -58.92 14.90
CA LYS D 29 10.10 -58.81 15.66
C LYS D 29 10.52 -60.13 16.29
N THR D 30 9.63 -61.13 16.32
CA THR D 30 9.89 -62.41 16.96
C THR D 30 10.69 -63.38 16.10
N SER D 31 10.87 -63.10 14.81
CA SER D 31 11.52 -64.05 13.93
C SER D 31 13.01 -64.20 14.20
N LYS D 32 13.57 -63.45 15.14
CA LYS D 32 14.98 -63.58 15.51
C LYS D 32 15.91 -63.25 14.34
N ASN D 33 15.38 -63.27 13.12
CA ASN D 33 16.15 -62.91 11.93
C ASN D 33 15.84 -61.50 11.46
N VAL D 34 15.05 -60.75 12.23
CA VAL D 34 14.71 -59.36 11.91
C VAL D 34 15.25 -58.46 13.01
N GLY D 35 15.97 -57.43 12.61
CA GLY D 35 16.41 -56.42 13.56
C GLY D 35 15.58 -55.17 13.43
N THR D 36 14.95 -54.73 14.51
CA THR D 36 14.03 -53.60 14.50
C THR D 36 14.58 -52.51 15.40
N GLY D 37 14.87 -51.34 14.81
CA GLY D 37 15.33 -50.17 15.53
C GLY D 37 14.33 -49.02 15.50
N LEU D 38 13.89 -48.58 16.67
CA LEU D 38 12.92 -47.49 16.79
C LEU D 38 13.56 -46.33 17.56
N VAL D 39 14.02 -45.32 16.82
CA VAL D 39 14.72 -44.18 17.40
C VAL D 39 13.98 -42.92 16.99
N GLY D 40 13.88 -41.96 17.90
CA GLY D 40 13.22 -40.70 17.62
C GLY D 40 14.15 -39.50 17.64
N ALA D 41 13.76 -38.43 16.95
CA ALA D 41 14.61 -37.26 16.93
C ALA D 41 14.35 -36.39 18.15
N PRO D 42 15.33 -35.58 18.53
CA PRO D 42 15.18 -34.76 19.74
C PRO D 42 14.30 -33.53 19.56
N ALA D 43 14.88 -32.49 18.97
CA ALA D 43 14.22 -31.19 18.89
C ALA D 43 12.81 -31.28 18.32
N CYS D 44 12.61 -32.07 17.26
CA CYS D 44 11.38 -31.99 16.48
C CYS D 44 10.57 -33.29 16.53
N GLY D 45 10.59 -33.98 17.68
CA GLY D 45 9.80 -35.17 17.90
C GLY D 45 9.61 -36.12 16.73
N ASP D 46 10.42 -35.98 15.69
CA ASP D 46 10.39 -36.91 14.57
C ASP D 46 10.86 -38.28 15.03
N VAL D 47 9.97 -39.26 14.97
CA VAL D 47 10.25 -40.63 15.40
C VAL D 47 10.27 -41.54 14.19
N MET D 48 11.25 -42.44 14.14
CA MET D 48 11.42 -43.38 13.05
C MET D 48 11.47 -44.80 13.61
N LYS D 49 10.68 -45.68 12.99
CA LYS D 49 10.72 -47.12 13.25
C LYS D 49 11.16 -47.81 11.97
N LEU D 50 12.30 -48.50 12.01
CA LEU D 50 12.82 -49.22 10.86
C LEU D 50 13.08 -50.66 11.22
N GLN D 51 12.52 -51.58 10.43
CA GLN D 51 12.77 -53.01 10.60
C GLN D 51 13.45 -53.56 9.36
N ILE D 52 14.45 -54.40 9.58
CA ILE D 52 15.17 -55.05 8.51
C ILE D 52 15.11 -56.55 8.75
N GLN D 53 15.04 -57.31 7.66
CA GLN D 53 15.03 -58.77 7.72
C GLN D 53 16.23 -59.31 6.95
N VAL D 54 17.04 -60.11 7.62
CA VAL D 54 18.27 -60.64 7.02
C VAL D 54 18.20 -62.16 7.05
N ASP D 55 18.41 -62.77 5.88
CA ASP D 55 18.56 -64.21 5.80
C ASP D 55 20.01 -64.57 6.11
N GLU D 56 20.32 -65.86 6.06
CA GLU D 56 21.70 -66.27 6.30
C GLU D 56 22.61 -65.62 5.26
N LYS D 57 23.88 -65.47 5.64
CA LYS D 57 24.92 -64.90 4.78
C LYS D 57 24.96 -63.38 4.88
N GLY D 58 24.22 -62.80 5.82
CA GLY D 58 24.32 -61.39 6.10
C GLY D 58 23.66 -60.44 5.12
N LYS D 59 22.89 -60.96 4.17
CA LYS D 59 22.23 -60.10 3.19
C LYS D 59 20.85 -59.68 3.68
N ILE D 60 20.52 -58.42 3.45
CA ILE D 60 19.18 -57.90 3.74
C ILE D 60 18.22 -58.38 2.66
N VAL D 61 17.17 -59.08 3.07
CA VAL D 61 16.23 -59.65 2.10
C VAL D 61 15.02 -58.75 1.86
N ASP D 62 14.74 -57.81 2.76
CA ASP D 62 13.70 -56.81 2.56
C ASP D 62 13.78 -55.87 3.76
N ALA D 63 13.10 -54.73 3.64
CA ALA D 63 13.11 -53.75 4.71
C ALA D 63 11.78 -53.03 4.73
N ARG D 64 11.31 -52.69 5.93
CA ARG D 64 10.05 -51.98 6.08
C ARG D 64 10.20 -50.92 7.16
N PHE D 65 9.35 -49.90 7.08
CA PHE D 65 9.47 -48.80 8.03
C PHE D 65 8.10 -48.20 8.31
N LYS D 66 8.03 -47.45 9.40
CA LYS D 66 6.93 -46.55 9.72
C LYS D 66 7.54 -45.33 10.39
N THR D 67 7.15 -44.13 9.94
CA THR D 67 7.77 -42.92 10.43
C THR D 67 6.70 -41.89 10.79
N PHE D 68 6.88 -41.26 11.94
CA PHE D 68 6.06 -40.13 12.38
C PHE D 68 6.94 -38.88 12.29
N GLY D 69 6.68 -38.04 11.29
CA GLY D 69 7.54 -36.90 11.05
C GLY D 69 7.14 -36.17 9.79
N CYS D 70 7.93 -35.15 9.46
CA CYS D 70 7.64 -34.33 8.30
C CYS D 70 7.81 -35.15 7.01
N GLY D 71 7.46 -34.53 5.89
CA GLY D 71 7.64 -35.19 4.60
C GLY D 71 9.08 -35.57 4.35
N SER D 72 10.02 -34.72 4.75
CA SER D 72 11.44 -35.02 4.53
C SER D 72 11.90 -36.19 5.38
N ALA D 73 11.32 -36.37 6.57
CA ALA D 73 11.68 -37.52 7.40
C ALA D 73 11.12 -38.81 6.82
N ILE D 74 9.85 -38.81 6.43
CA ILE D 74 9.27 -39.99 5.80
C ILE D 74 10.05 -40.36 4.55
N ALA D 75 10.30 -39.39 3.67
CA ALA D 75 11.02 -39.68 2.44
C ALA D 75 12.44 -40.14 2.73
N SER D 76 13.08 -39.56 3.74
CA SER D 76 14.42 -40.00 4.12
C SER D 76 14.42 -41.45 4.57
N SER D 77 13.40 -41.86 5.33
CA SER D 77 13.36 -43.23 5.81
C SER D 77 13.06 -44.21 4.66
N SER D 78 12.11 -43.86 3.80
CA SER D 78 11.83 -44.69 2.63
C SER D 78 13.10 -44.87 1.79
N LEU D 79 13.79 -43.77 1.50
CA LEU D 79 15.05 -43.88 0.78
C LEU D 79 16.02 -44.79 1.53
N ALA D 80 16.02 -44.71 2.86
CA ALA D 80 16.85 -45.61 3.65
C ALA D 80 16.52 -47.06 3.34
N THR D 81 15.22 -47.40 3.33
CA THR D 81 14.84 -48.78 3.07
C THR D 81 15.22 -49.21 1.65
N GLU D 82 15.05 -48.33 0.66
CA GLU D 82 15.50 -48.67 -0.68
C GLU D 82 17.00 -48.94 -0.70
N TRP D 83 17.78 -48.12 0.02
CA TRP D 83 19.23 -48.30 0.03
C TRP D 83 19.62 -49.57 0.79
N VAL D 84 19.00 -49.79 1.95
CA VAL D 84 19.24 -50.99 2.73
C VAL D 84 18.49 -52.14 2.08
N LYS D 85 18.90 -52.52 0.88
CA LYS D 85 18.22 -53.55 0.11
C LYS D 85 18.88 -54.90 0.28
N GLY D 86 19.83 -55.22 -0.60
CA GLY D 86 20.55 -56.47 -0.50
C GLY D 86 22.04 -56.23 -0.35
N LYS D 87 22.40 -55.50 0.69
CA LYS D 87 23.77 -55.12 0.96
C LYS D 87 24.26 -55.84 2.21
N THR D 88 25.56 -55.79 2.42
CA THR D 88 26.14 -56.46 3.58
C THR D 88 25.80 -55.70 4.85
N VAL D 89 25.56 -56.46 5.93
CA VAL D 89 25.34 -55.82 7.22
C VAL D 89 26.49 -54.87 7.53
N GLU D 90 27.69 -55.20 7.05
CA GLU D 90 28.82 -54.28 7.13
C GLU D 90 28.69 -53.17 6.10
N GLU D 91 28.13 -53.49 4.93
CA GLU D 91 27.88 -52.46 3.92
C GLU D 91 26.99 -51.35 4.49
N ALA D 92 25.90 -51.74 5.15
CA ALA D 92 25.02 -50.76 5.78
C ALA D 92 25.77 -49.87 6.75
N LEU D 93 26.89 -50.35 7.30
CA LEU D 93 27.68 -49.53 8.21
C LEU D 93 28.29 -48.33 7.50
N THR D 94 28.32 -48.34 6.17
CA THR D 94 28.89 -47.26 5.38
C THR D 94 27.86 -46.20 4.97
N ILE D 95 26.58 -46.41 5.29
CA ILE D 95 25.56 -45.41 5.02
C ILE D 95 25.80 -44.18 5.89
N LYS D 96 25.99 -43.03 5.25
CA LYS D 96 26.28 -41.77 5.93
C LYS D 96 25.13 -40.79 5.74
N ASN D 97 24.82 -40.04 6.80
CA ASN D 97 23.77 -39.02 6.72
C ASN D 97 24.03 -38.05 5.57
N THR D 98 25.30 -37.73 5.32
CA THR D 98 25.63 -36.79 4.26
C THR D 98 25.27 -37.33 2.88
N ASP D 99 25.34 -38.65 2.69
CA ASP D 99 24.88 -39.23 1.42
C ASP D 99 23.39 -39.02 1.24
N ILE D 100 22.62 -39.12 2.32
CA ILE D 100 21.19 -38.89 2.24
C ILE D 100 20.91 -37.41 1.93
N ALA D 101 21.55 -36.51 2.68
CA ALA D 101 21.33 -35.10 2.44
C ALA D 101 21.69 -34.70 1.01
N LYS D 102 22.78 -35.28 0.48
CA LYS D 102 23.12 -35.04 -0.92
C LYS D 102 22.06 -35.60 -1.86
N GLU D 103 21.61 -36.83 -1.60
CA GLU D 103 20.64 -37.46 -2.48
C GLU D 103 19.34 -36.65 -2.57
N LEU D 104 18.91 -36.07 -1.45
CA LEU D 104 17.64 -35.37 -1.42
C LEU D 104 17.77 -33.85 -1.50
N CYS D 105 18.99 -33.32 -1.45
CA CYS D 105 19.21 -31.87 -1.48
C CYS D 105 18.56 -31.20 -0.27
N LEU D 106 18.68 -31.83 0.89
CA LEU D 106 18.05 -31.31 2.09
C LEU D 106 18.72 -30.02 2.54
N PRO D 107 17.96 -28.97 2.82
CA PRO D 107 18.55 -27.74 3.38
C PRO D 107 18.92 -27.95 4.83
N PRO D 108 19.64 -26.99 5.43
CA PRO D 108 20.06 -27.17 6.82
C PRO D 108 18.90 -27.34 7.79
N VAL D 109 17.75 -26.73 7.49
CA VAL D 109 16.62 -26.80 8.41
C VAL D 109 16.04 -28.19 8.52
N LYS D 110 16.30 -29.06 7.54
CA LYS D 110 15.71 -30.39 7.51
C LYS D 110 16.73 -31.50 7.71
N LEU D 111 17.99 -31.13 8.00
CA LEU D 111 19.02 -32.14 8.22
C LEU D 111 18.66 -33.07 9.36
N HIS D 112 17.85 -32.58 10.32
CA HIS D 112 17.45 -33.44 11.43
C HIS D 112 16.84 -34.74 10.93
N CYS D 113 16.26 -34.71 9.73
CA CYS D 113 15.73 -35.93 9.15
C CYS D 113 16.84 -36.92 8.82
N SER D 114 17.83 -36.47 8.04
CA SER D 114 18.89 -37.37 7.62
C SER D 114 19.63 -37.96 8.81
N ILE D 115 20.07 -37.10 9.74
CA ILE D 115 20.76 -37.60 10.93
C ILE D 115 19.91 -38.62 11.65
N LEU D 116 18.58 -38.46 11.63
CA LEU D 116 17.73 -39.45 12.28
C LEU D 116 17.70 -40.75 11.49
N ALA D 117 17.57 -40.65 10.16
CA ALA D 117 17.52 -41.87 9.34
C ALA D 117 18.78 -42.70 9.56
N GLU D 118 19.95 -42.06 9.44
CA GLU D 118 21.18 -42.75 9.76
C GLU D 118 21.07 -43.46 11.11
N ASP D 119 20.69 -42.71 12.14
CA ASP D 119 20.59 -43.30 13.47
C ASP D 119 19.73 -44.55 13.43
N ALA D 120 18.58 -44.48 12.75
CA ALA D 120 17.69 -45.62 12.72
C ALA D 120 18.40 -46.84 12.18
N ILE D 121 19.08 -46.69 11.03
CA ILE D 121 19.81 -47.82 10.47
C ILE D 121 20.71 -48.42 11.54
N LYS D 122 21.52 -47.58 12.19
CA LYS D 122 22.48 -48.09 13.17
C LYS D 122 21.75 -48.74 14.34
N ALA D 123 20.58 -48.21 14.70
CA ALA D 123 19.80 -48.82 15.78
C ALA D 123 19.36 -50.23 15.39
N ALA D 124 18.95 -50.41 14.12
CA ALA D 124 18.51 -51.73 13.68
C ALA D 124 19.66 -52.73 13.68
N LEU D 125 20.81 -52.34 13.13
CA LEU D 125 21.96 -53.23 13.09
C LEU D 125 22.39 -53.66 14.48
N ALA D 126 22.31 -52.75 15.46
CA ALA D 126 22.72 -53.10 16.82
C ALA D 126 21.84 -54.20 17.40
N ASP D 127 20.53 -54.13 17.16
CA ASP D 127 19.63 -55.16 17.67
C ASP D 127 19.91 -56.51 17.02
N TYR D 128 20.12 -56.53 15.70
CA TYR D 128 20.38 -57.78 15.00
C TYR D 128 21.59 -58.50 15.58
N LYS D 129 22.76 -57.85 15.58
CA LYS D 129 23.94 -58.44 16.18
C LYS D 129 23.67 -58.86 17.63
N LEU D 130 22.87 -58.06 18.34
CA LEU D 130 22.53 -58.38 19.73
C LEU D 130 21.62 -59.60 19.80
N LYS D 131 20.93 -59.94 18.70
CA LYS D 131 20.07 -61.10 18.68
C LYS D 131 20.85 -62.41 18.59
N GLN D 132 22.15 -62.35 18.28
CA GLN D 132 23.01 -63.54 18.21
C GLN D 132 23.72 -63.71 19.55
N GLU D 133 23.17 -64.56 20.40
CA GLU D 133 23.71 -64.79 21.74
C GLU D 133 25.08 -65.47 21.67
N SER E 3 -18.24 20.72 -9.39
CA SER E 3 -17.61 19.76 -10.28
C SER E 3 -17.02 20.47 -11.51
N SER E 4 -15.96 21.24 -11.28
CA SER E 4 -15.29 21.97 -12.36
C SER E 4 -14.06 21.20 -12.82
N LEU E 5 -13.35 21.79 -13.79
CA LEU E 5 -12.18 21.14 -14.35
C LEU E 5 -11.04 21.13 -13.34
N ARG E 6 -10.15 20.18 -13.50
CA ARG E 6 -9.06 19.95 -12.58
C ARG E 6 -7.83 20.74 -12.98
N PRO E 7 -6.97 21.08 -12.02
CA PRO E 7 -5.76 21.84 -12.31
C PRO E 7 -4.60 20.95 -12.73
N LEU E 8 -3.63 21.57 -13.39
CA LEU E 8 -2.42 20.85 -13.77
C LEU E 8 -1.64 20.44 -12.52
N TYR E 9 -0.99 19.29 -12.60
CA TYR E 9 -0.16 18.79 -11.52
C TYR E 9 1.29 19.16 -11.83
N MET E 10 1.85 20.05 -11.01
CA MET E 10 3.23 20.48 -11.14
C MET E 10 3.95 20.36 -9.80
N ASP E 11 3.62 19.31 -9.05
CA ASP E 11 4.12 19.14 -7.68
C ASP E 11 4.67 17.73 -7.50
N VAL E 12 5.49 17.29 -8.47
CA VAL E 12 5.96 15.91 -8.48
C VAL E 12 6.91 15.62 -7.34
N GLN E 13 7.48 16.65 -6.71
CA GLN E 13 8.36 16.41 -5.58
C GLN E 13 7.62 15.98 -4.33
N ALA E 14 6.33 16.31 -4.22
CA ALA E 14 5.53 15.86 -3.08
C ALA E 14 5.08 14.43 -3.24
N THR E 15 4.70 14.05 -4.47
CA THR E 15 4.34 12.68 -4.81
C THR E 15 4.15 12.64 -6.32
N THR E 16 4.16 11.43 -6.87
CA THR E 16 3.96 11.26 -8.30
C THR E 16 2.84 10.28 -8.55
N PRO E 17 2.15 10.38 -9.68
CA PRO E 17 1.10 9.43 -9.99
C PRO E 17 1.69 8.05 -10.25
N LEU E 18 0.82 7.04 -10.10
CA LEU E 18 1.20 5.69 -10.46
C LEU E 18 1.41 5.57 -11.97
N ASP E 19 2.50 4.93 -12.36
CA ASP E 19 2.67 4.54 -13.74
C ASP E 19 1.72 3.39 -14.04
N PRO E 20 0.84 3.50 -15.03
CA PRO E 20 -0.14 2.43 -15.27
C PRO E 20 0.49 1.06 -15.36
N ARG E 21 1.73 0.96 -15.83
CA ARG E 21 2.43 -0.32 -15.81
C ARG E 21 2.57 -0.83 -14.38
N VAL E 22 2.84 0.08 -13.44
CA VAL E 22 3.01 -0.33 -12.04
C VAL E 22 1.69 -0.83 -11.48
N LEU E 23 0.59 -0.11 -11.75
CA LEU E 23 -0.71 -0.57 -11.29
C LEU E 23 -1.03 -1.94 -11.87
N ASP E 24 -0.72 -2.15 -13.15
CA ASP E 24 -0.92 -3.46 -13.74
C ASP E 24 -0.09 -4.52 -13.04
N ALA E 25 1.14 -4.16 -12.64
CA ALA E 25 1.98 -5.10 -11.91
C ALA E 25 1.39 -5.43 -10.54
N MET E 26 0.68 -4.49 -9.93
CA MET E 26 0.18 -4.68 -8.57
C MET E 26 -1.15 -5.44 -8.56
N LEU E 27 -2.03 -5.13 -9.51
CA LEU E 27 -3.42 -5.57 -9.39
C LEU E 27 -3.57 -7.09 -9.20
N PRO E 28 -2.83 -7.95 -9.90
CA PRO E 28 -3.03 -9.39 -9.70
C PRO E 28 -2.91 -9.79 -8.25
N TYR E 29 -2.05 -9.14 -7.49
CA TYR E 29 -1.86 -9.44 -6.09
C TYR E 29 -2.87 -8.73 -5.20
N LEU E 30 -3.62 -7.76 -5.73
CA LEU E 30 -4.75 -7.18 -5.03
C LEU E 30 -6.04 -7.92 -5.31
N ILE E 31 -6.03 -8.83 -6.29
CA ILE E 31 -7.24 -9.53 -6.68
C ILE E 31 -7.13 -11.01 -6.32
N ASN E 32 -6.21 -11.72 -6.97
CA ASN E 32 -6.15 -13.17 -6.85
C ASN E 32 -5.01 -13.68 -6.00
N TYR E 33 -3.87 -12.98 -5.98
CA TYR E 33 -2.67 -13.47 -5.27
C TYR E 33 -2.53 -12.74 -3.94
N TYR E 34 -3.47 -13.02 -3.03
CA TYR E 34 -3.53 -12.34 -1.74
C TYR E 34 -2.80 -13.10 -0.65
N GLY E 35 -1.98 -14.09 -0.98
CA GLY E 35 -1.30 -14.86 0.04
C GLY E 35 -0.26 -14.06 0.79
N ASN E 36 -0.04 -14.44 2.03
CA ASN E 36 1.01 -13.83 2.84
C ASN E 36 2.36 -14.43 2.45
N PRO E 37 3.35 -13.60 2.12
CA PRO E 37 4.65 -14.15 1.67
C PRO E 37 5.36 -14.96 2.73
N HIS E 38 4.96 -14.87 3.98
CA HIS E 38 5.58 -15.62 5.07
C HIS E 38 4.84 -16.91 5.37
N SER E 39 3.78 -17.20 4.63
CA SER E 39 3.10 -18.50 4.71
C SER E 39 3.93 -19.50 3.92
N ARG E 40 4.65 -20.36 4.63
CA ARG E 40 5.59 -21.28 4.00
C ARG E 40 4.97 -22.62 3.62
N THR E 41 3.71 -22.85 3.99
CA THR E 41 3.12 -24.18 3.90
C THR E 41 2.04 -24.29 2.83
N HIS E 42 1.93 -23.32 1.92
CA HIS E 42 0.94 -23.43 0.86
C HIS E 42 1.34 -22.53 -0.30
N ALA E 43 0.59 -22.67 -1.41
CA ALA E 43 0.98 -22.05 -2.66
C ALA E 43 0.82 -20.53 -2.63
N TYR E 44 -0.19 -20.03 -1.92
CA TYR E 44 -0.37 -18.58 -1.85
C TYR E 44 0.89 -17.91 -1.31
N GLY E 45 1.43 -18.45 -0.22
CA GLY E 45 2.70 -17.95 0.29
C GLY E 45 3.82 -18.05 -0.72
N TRP E 46 3.92 -19.20 -1.39
CA TRP E 46 5.00 -19.41 -2.34
C TRP E 46 4.99 -18.36 -3.45
N GLU E 47 3.81 -18.09 -4.02
CA GLU E 47 3.72 -17.12 -5.10
C GLU E 47 3.95 -15.70 -4.59
N SER E 48 3.42 -15.39 -3.40
CA SER E 48 3.68 -14.07 -2.83
C SER E 48 5.17 -13.85 -2.61
N GLU E 49 5.84 -14.78 -1.93
CA GLU E 49 7.28 -14.69 -1.75
C GLU E 49 7.99 -14.54 -3.07
N ALA E 50 7.57 -15.29 -4.09
CA ALA E 50 8.20 -15.18 -5.40
C ALA E 50 8.14 -13.73 -5.88
N ALA E 51 6.94 -13.13 -5.83
CA ALA E 51 6.82 -11.74 -6.26
C ALA E 51 7.73 -10.82 -5.46
N MET E 52 7.76 -11.00 -4.13
CA MET E 52 8.58 -10.14 -3.29
C MET E 52 10.06 -10.22 -3.70
N GLU E 53 10.58 -11.44 -3.83
CA GLU E 53 11.99 -11.59 -4.15
C GLU E 53 12.30 -11.05 -5.53
N ARG E 54 11.41 -11.27 -6.49
CA ARG E 54 11.58 -10.66 -7.81
C ARG E 54 11.72 -9.15 -7.70
N ALA E 55 10.80 -8.52 -6.95
CA ALA E 55 10.87 -7.08 -6.75
C ALA E 55 12.21 -6.67 -6.15
N ARG E 56 12.65 -7.40 -5.13
CA ARG E 56 13.95 -7.11 -4.53
C ARG E 56 15.04 -7.09 -5.59
N GLN E 57 15.11 -8.14 -6.40
CA GLN E 57 16.11 -8.16 -7.47
C GLN E 57 15.96 -6.95 -8.38
N GLN E 58 14.72 -6.50 -8.59
CA GLN E 58 14.50 -5.33 -9.44
C GLN E 58 15.16 -4.09 -8.85
N VAL E 59 14.92 -3.84 -7.55
CA VAL E 59 15.53 -2.69 -6.89
C VAL E 59 17.05 -2.78 -6.95
N ALA E 60 17.60 -3.93 -6.55
CA ALA E 60 19.04 -4.11 -6.60
C ALA E 60 19.58 -3.81 -7.99
N SER E 61 18.87 -4.27 -9.03
CA SER E 61 19.32 -4.00 -10.40
C SER E 61 19.31 -2.51 -10.70
N LEU E 62 18.32 -1.78 -10.18
CA LEU E 62 18.28 -0.35 -10.43
C LEU E 62 19.45 0.37 -9.77
N ILE E 63 19.82 -0.02 -8.55
CA ILE E 63 20.87 0.71 -7.83
C ILE E 63 22.21 -0.01 -7.83
N GLY E 64 22.32 -1.15 -8.49
CA GLY E 64 23.61 -1.82 -8.60
C GLY E 64 24.08 -2.51 -7.34
N ALA E 65 23.15 -3.00 -6.51
CA ALA E 65 23.46 -3.71 -5.29
C ALA E 65 23.11 -5.18 -5.42
N ASP E 66 23.49 -5.95 -4.41
CA ASP E 66 23.04 -7.34 -4.32
C ASP E 66 21.65 -7.40 -3.70
N PRO E 67 20.75 -8.23 -4.24
CA PRO E 67 19.38 -8.29 -3.69
C PRO E 67 19.34 -8.49 -2.18
N ARG E 68 20.27 -9.27 -1.63
CA ARG E 68 20.31 -9.50 -0.19
C ARG E 68 20.56 -8.22 0.59
N GLU E 69 20.97 -7.13 -0.07
CA GLU E 69 21.25 -5.87 0.60
C GLU E 69 20.06 -4.93 0.62
N ILE E 70 18.91 -5.35 0.10
CA ILE E 70 17.72 -4.52 0.02
C ILE E 70 16.76 -4.94 1.13
N ILE E 71 16.35 -3.97 1.95
CA ILE E 71 15.34 -4.20 2.99
C ILE E 71 14.11 -3.39 2.64
N PHE E 72 12.95 -4.04 2.63
CA PHE E 72 11.70 -3.35 2.35
C PHE E 72 11.17 -2.63 3.59
N THR E 73 10.69 -1.41 3.40
CA THR E 73 10.16 -0.60 4.48
C THR E 73 8.83 0.00 4.05
N SER E 74 8.26 0.84 4.93
CA SER E 74 7.01 1.52 4.63
C SER E 74 7.21 2.86 3.93
N GLY E 75 8.45 3.29 3.75
CA GLY E 75 8.73 4.55 3.10
C GLY E 75 10.12 5.05 3.42
N ALA E 76 10.49 6.14 2.75
CA ALA E 76 11.81 6.72 2.97
C ALA E 76 11.99 7.22 4.39
N THR E 77 10.90 7.65 5.04
CA THR E 77 11.00 8.10 6.42
C THR E 77 11.48 6.98 7.32
N GLU E 78 10.82 5.83 7.26
CA GLU E 78 11.27 4.67 8.03
C GLU E 78 12.70 4.31 7.66
N SER E 79 13.04 4.37 6.38
CA SER E 79 14.40 4.04 5.95
C SER E 79 15.42 4.91 6.66
N ASN E 80 15.23 6.22 6.61
CA ASN E 80 16.16 7.13 7.26
C ASN E 80 16.19 6.89 8.76
N ASN E 81 15.04 6.59 9.35
CA ASN E 81 15.03 6.24 10.77
C ASN E 81 15.92 5.03 11.04
N ILE E 82 15.83 4.01 10.20
CA ILE E 82 16.63 2.80 10.39
C ILE E 82 18.11 3.11 10.25
N ALA E 83 18.47 3.88 9.22
CA ALA E 83 19.87 4.19 9.02
C ALA E 83 20.45 4.99 10.18
N ILE E 84 19.83 6.12 10.49
CA ILE E 84 20.38 7.03 11.49
C ILE E 84 20.29 6.43 12.88
N LYS E 85 19.08 6.04 13.29
CA LYS E 85 18.92 5.51 14.65
C LYS E 85 19.60 4.16 14.81
N GLY E 86 19.54 3.31 13.78
CA GLY E 86 20.16 1.99 13.89
C GLY E 86 21.67 2.07 13.98
N VAL E 87 22.29 2.78 13.03
CA VAL E 87 23.74 2.94 13.08
C VAL E 87 24.15 3.67 14.35
N ALA E 88 23.46 4.77 14.66
CA ALA E 88 23.80 5.56 15.84
C ALA E 88 23.76 4.71 17.10
N ARG E 89 22.71 3.92 17.28
CA ARG E 89 22.57 3.14 18.50
C ARG E 89 23.56 1.98 18.55
N PHE E 90 23.76 1.29 17.42
CA PHE E 90 24.62 0.11 17.44
C PHE E 90 26.00 0.43 17.98
N TYR E 91 26.61 1.53 17.53
CA TYR E 91 27.96 1.91 17.92
C TYR E 91 27.98 2.87 19.09
N ARG E 92 26.85 2.99 19.82
CA ARG E 92 26.76 4.00 20.87
C ARG E 92 27.83 3.80 21.94
N SER E 93 28.18 2.54 22.23
CA SER E 93 29.13 2.29 23.30
C SER E 93 30.51 2.87 23.00
N ARG E 94 30.84 3.08 21.73
CA ARG E 94 32.16 3.56 21.36
C ARG E 94 32.14 4.78 20.45
N LYS E 95 31.00 5.17 19.89
CA LYS E 95 30.94 6.30 18.96
C LYS E 95 29.63 7.03 19.15
N LYS E 96 29.70 8.35 19.34
CA LYS E 96 28.51 9.14 19.62
C LYS E 96 28.42 10.43 18.80
N HIS E 97 29.24 10.58 17.77
CA HIS E 97 29.21 11.77 16.92
C HIS E 97 28.71 11.42 15.52
N LEU E 98 27.79 12.22 15.01
CA LEU E 98 27.26 12.06 13.66
C LEU E 98 27.42 13.37 12.89
N ILE E 99 27.48 13.26 11.57
CA ILE E 99 27.59 14.42 10.69
C ILE E 99 26.51 14.34 9.63
N THR E 100 25.75 15.43 9.47
CA THR E 100 24.78 15.58 8.40
C THR E 100 24.84 17.03 7.95
N THR E 101 23.87 17.46 7.15
CA THR E 101 23.85 18.82 6.62
C THR E 101 22.55 19.52 6.99
N GLN E 102 22.56 20.84 6.86
CA GLN E 102 21.43 21.66 7.28
C GLN E 102 20.28 21.65 6.27
N THR E 103 20.49 21.12 5.07
CA THR E 103 19.44 21.06 4.06
C THR E 103 18.80 19.68 3.95
N GLU E 104 19.21 18.76 4.81
CA GLU E 104 18.70 17.41 4.77
C GLU E 104 17.20 17.41 5.06
N HIS E 105 16.53 16.34 4.65
CA HIS E 105 15.09 16.25 4.86
C HIS E 105 14.77 16.24 6.36
N LYS E 106 13.54 16.61 6.68
CA LYS E 106 13.16 16.81 8.08
C LYS E 106 13.18 15.51 8.88
N CYS E 107 13.10 14.35 8.23
CA CYS E 107 13.17 13.10 8.97
C CYS E 107 14.59 12.83 9.46
N VAL E 108 15.58 13.12 8.62
CA VAL E 108 16.97 13.01 9.06
C VAL E 108 17.23 14.01 10.18
N LEU E 109 16.84 15.27 9.98
CA LEU E 109 17.11 16.30 10.98
C LEU E 109 16.43 15.97 12.31
N ASP E 110 15.16 15.55 12.27
CA ASP E 110 14.45 15.32 13.51
C ASP E 110 14.94 14.04 14.19
N SER E 111 15.33 13.02 13.43
CA SER E 111 15.97 11.86 14.03
C SER E 111 17.25 12.27 14.75
N CYS E 112 18.09 13.07 14.08
CA CYS E 112 19.30 13.56 14.72
C CYS E 112 18.97 14.38 15.96
N ARG E 113 17.87 15.13 15.93
CA ARG E 113 17.47 15.91 17.09
C ARG E 113 17.14 14.99 18.26
N SER E 114 16.38 13.92 18.01
CA SER E 114 16.08 12.98 19.08
C SER E 114 17.36 12.36 19.63
N LEU E 115 18.32 12.04 18.76
CA LEU E 115 19.59 11.54 19.25
C LEU E 115 20.33 12.57 20.09
N GLU E 116 20.23 13.85 19.73
CA GLU E 116 20.80 14.89 20.60
C GLU E 116 20.14 14.87 21.97
N ALA E 117 18.81 14.73 21.99
CA ALA E 117 18.12 14.59 23.26
C ALA E 117 18.50 13.30 23.99
N GLU E 118 19.13 12.37 23.30
CA GLU E 118 19.62 11.14 23.92
C GLU E 118 21.10 11.18 24.25
N GLY E 119 21.74 12.34 24.13
CA GLY E 119 23.13 12.50 24.49
C GLY E 119 24.15 12.37 23.38
N PHE E 120 23.71 12.33 22.12
CA PHE E 120 24.64 12.26 21.00
C PHE E 120 25.06 13.67 20.58
N GLN E 121 26.15 13.70 19.84
CA GLN E 121 26.70 14.91 19.31
C GLN E 121 26.40 14.90 17.86
N VAL E 122 25.92 15.98 17.33
CA VAL E 122 25.57 16.04 15.91
C VAL E 122 26.09 17.35 15.33
N THR E 123 26.76 17.26 14.19
CA THR E 123 27.21 18.42 13.44
C THR E 123 26.34 18.55 12.20
N TYR E 124 25.65 19.67 12.07
CA TYR E 124 24.83 19.97 10.89
C TYR E 124 25.68 20.84 9.97
N LEU E 125 26.25 20.21 8.95
CA LEU E 125 27.15 20.92 8.07
C LEU E 125 26.39 22.03 7.35
N PRO E 126 26.94 23.24 7.29
CA PRO E 126 26.33 24.29 6.46
C PRO E 126 26.62 24.06 4.98
N VAL E 127 25.83 24.74 4.15
CA VAL E 127 25.97 24.64 2.71
C VAL E 127 26.38 25.99 2.16
N GLN E 128 27.07 25.96 1.01
CA GLN E 128 27.39 27.18 0.31
C GLN E 128 26.13 27.77 -0.31
N LYS E 129 26.23 29.02 -0.76
CA LYS E 129 25.07 29.67 -1.37
C LYS E 129 24.54 28.87 -2.55
N SER E 130 25.40 28.09 -3.20
CA SER E 130 24.98 27.19 -4.26
C SER E 130 24.14 26.03 -3.76
N GLY E 131 24.12 25.78 -2.45
CA GLY E 131 23.46 24.64 -1.88
C GLY E 131 24.32 23.39 -1.75
N ILE E 132 25.54 23.40 -2.29
CA ILE E 132 26.46 22.26 -2.22
C ILE E 132 27.36 22.41 -1.01
N ILE E 133 27.54 21.31 -0.28
CA ILE E 133 28.42 21.32 0.89
C ILE E 133 29.87 21.53 0.44
N ASP E 134 30.69 21.97 1.40
CA ASP E 134 32.12 22.13 1.19
C ASP E 134 32.81 20.89 1.74
N LEU E 135 33.47 20.14 0.85
CA LEU E 135 34.05 18.87 1.24
C LEU E 135 35.10 19.04 2.34
N LYS E 136 35.85 20.14 2.31
CA LYS E 136 36.91 20.34 3.30
C LYS E 136 36.31 20.45 4.71
N GLU E 137 35.18 21.14 4.85
CA GLU E 137 34.54 21.21 6.15
C GLU E 137 34.05 19.85 6.61
N LEU E 138 33.71 18.97 5.66
CA LEU E 138 33.33 17.62 6.02
C LEU E 138 34.53 16.83 6.54
N GLU E 139 35.64 16.86 5.81
CA GLU E 139 36.85 16.21 6.28
C GLU E 139 37.25 16.71 7.66
N ALA E 140 37.39 18.02 7.81
CA ALA E 140 37.84 18.59 9.08
C ALA E 140 36.82 18.38 10.20
N ALA E 141 35.55 18.16 9.86
CA ALA E 141 34.54 17.97 10.88
C ALA E 141 34.50 16.56 11.42
N ILE E 142 35.02 15.58 10.66
CA ILE E 142 34.96 14.19 11.09
C ILE E 142 35.80 14.00 12.34
N GLN E 143 35.25 13.30 13.32
CA GLN E 143 35.97 13.00 14.54
C GLN E 143 36.26 11.50 14.67
N PRO E 144 37.19 11.13 15.55
CA PRO E 144 37.50 9.70 15.72
C PRO E 144 36.30 8.90 16.21
N ASP E 145 35.43 9.52 17.01
CA ASP E 145 34.22 8.85 17.48
C ASP E 145 33.01 9.20 16.63
N THR E 146 33.24 9.58 15.37
CA THR E 146 32.15 9.79 14.42
C THR E 146 31.67 8.44 13.91
N SER E 147 30.36 8.18 14.06
CA SER E 147 29.82 6.90 13.65
C SER E 147 29.16 6.91 12.28
N LEU E 148 28.53 8.01 11.89
CA LEU E 148 27.72 8.01 10.68
C LEU E 148 27.80 9.37 10.01
N VAL E 149 27.89 9.36 8.67
CA VAL E 149 27.75 10.58 7.87
C VAL E 149 26.55 10.40 6.95
N SER E 150 25.64 11.37 6.97
CA SER E 150 24.41 11.30 6.19
C SER E 150 24.28 12.56 5.36
N VAL E 151 24.15 12.39 4.04
CA VAL E 151 24.03 13.50 3.11
C VAL E 151 23.07 13.07 2.00
N MET E 152 22.04 13.88 1.75
CA MET E 152 21.06 13.55 0.75
C MET E 152 21.63 13.77 -0.66
N THR E 153 21.14 12.95 -1.60
CA THR E 153 21.67 12.97 -2.95
C THR E 153 21.18 14.18 -3.73
N VAL E 154 19.87 14.40 -3.75
CA VAL E 154 19.25 15.53 -4.43
C VAL E 154 18.31 16.22 -3.46
N ASN E 155 18.36 17.54 -3.43
CA ASN E 155 17.51 18.28 -2.51
C ASN E 155 16.07 18.26 -3.00
N ASN E 156 15.13 18.06 -2.08
CA ASN E 156 13.73 17.95 -2.44
C ASN E 156 13.09 19.30 -2.73
N GLU E 157 13.71 20.40 -2.30
CA GLU E 157 13.17 21.73 -2.54
C GLU E 157 13.84 22.49 -3.67
N ILE E 158 15.14 22.32 -3.89
CA ILE E 158 15.85 23.06 -4.92
C ILE E 158 16.54 22.16 -5.94
N GLY E 159 16.68 20.86 -5.68
CA GLY E 159 17.20 19.94 -6.67
C GLY E 159 18.70 19.89 -6.81
N VAL E 160 19.46 20.56 -5.95
CA VAL E 160 20.91 20.53 -6.06
C VAL E 160 21.43 19.13 -5.81
N LYS E 161 22.45 18.73 -6.56
CA LYS E 161 23.08 17.42 -6.43
C LYS E 161 24.37 17.56 -5.63
N GLN E 162 24.46 16.79 -4.54
CA GLN E 162 25.70 16.80 -3.78
C GLN E 162 26.73 15.86 -4.40
N PRO E 163 28.01 16.10 -4.18
CA PRO E 163 29.07 15.23 -4.74
C PRO E 163 29.19 13.90 -3.97
N ILE E 164 28.26 13.00 -4.25
CA ILE E 164 28.13 11.78 -3.46
C ILE E 164 29.42 10.96 -3.54
N ALA E 165 29.96 10.80 -4.75
CA ALA E 165 31.11 9.92 -4.92
C ALA E 165 32.28 10.40 -4.07
N GLU E 166 32.57 11.69 -4.09
CA GLU E 166 33.69 12.21 -3.31
C GLU E 166 33.44 12.05 -1.82
N ILE E 167 32.18 12.24 -1.38
CA ILE E 167 31.87 12.01 0.03
C ILE E 167 32.14 10.55 0.39
N GLY E 168 31.78 9.63 -0.50
CA GLY E 168 32.06 8.23 -0.26
C GLY E 168 33.55 7.96 -0.12
N ARG E 169 34.34 8.53 -1.02
CA ARG E 169 35.79 8.40 -0.92
C ARG E 169 36.27 8.91 0.43
N ILE E 170 35.80 10.09 0.84
CA ILE E 170 36.27 10.67 2.10
C ILE E 170 35.90 9.78 3.28
N CYS E 171 34.65 9.33 3.34
CA CYS E 171 34.22 8.49 4.44
C CYS E 171 34.99 7.18 4.48
N SER E 172 35.15 6.54 3.32
CA SER E 172 35.93 5.31 3.25
C SER E 172 37.34 5.54 3.77
N SER E 173 38.01 6.59 3.29
CA SER E 173 39.36 6.87 3.76
C SER E 173 39.40 7.15 5.26
N ARG E 174 38.25 7.44 5.86
CA ARG E 174 38.16 7.71 7.29
C ARG E 174 37.43 6.60 8.04
N LYS E 175 37.08 5.50 7.34
CA LYS E 175 36.41 4.36 7.94
C LYS E 175 35.11 4.76 8.65
N VAL E 176 34.32 5.59 7.98
CA VAL E 176 33.04 6.07 8.51
C VAL E 176 31.92 5.60 7.59
N TYR E 177 30.81 5.16 8.19
CA TYR E 177 29.66 4.75 7.41
C TYR E 177 29.06 5.94 6.69
N PHE E 178 28.64 5.72 5.44
CA PHE E 178 28.10 6.77 4.58
C PHE E 178 26.67 6.38 4.16
N HIS E 179 25.72 7.23 4.51
CA HIS E 179 24.31 7.05 4.16
C HIS E 179 23.85 8.21 3.27
N THR E 180 22.96 7.91 2.33
CA THR E 180 22.41 8.91 1.43
C THR E 180 20.89 8.74 1.33
N ASP E 181 20.18 9.84 1.54
CA ASP E 181 18.74 9.92 1.28
C ASP E 181 18.54 10.14 -0.22
N ALA E 182 18.23 9.06 -0.94
CA ALA E 182 18.10 9.10 -2.40
C ALA E 182 16.65 9.14 -2.86
N ALA E 183 15.72 9.54 -1.99
CA ALA E 183 14.31 9.50 -2.35
C ALA E 183 14.02 10.28 -3.62
N GLN E 184 14.72 11.39 -3.84
CA GLN E 184 14.48 12.24 -5.01
C GLN E 184 15.42 11.93 -6.17
N ALA E 185 16.29 10.94 -6.04
CA ALA E 185 17.26 10.62 -7.08
C ALA E 185 17.05 9.26 -7.72
N VAL E 186 16.59 8.26 -6.95
CA VAL E 186 16.41 6.93 -7.51
C VAL E 186 15.51 7.03 -8.74
N GLY E 187 15.98 6.44 -9.84
CA GLY E 187 15.23 6.44 -11.08
C GLY E 187 15.29 7.73 -11.88
N LYS E 188 15.99 8.75 -11.38
CA LYS E 188 16.15 10.01 -12.10
C LYS E 188 17.58 10.29 -12.52
N ILE E 189 18.55 9.94 -11.69
CA ILE E 189 19.97 10.06 -12.04
C ILE E 189 20.64 8.73 -11.75
N PRO E 190 21.72 8.38 -12.43
CA PRO E 190 22.37 7.09 -12.19
C PRO E 190 22.92 7.03 -10.77
N LEU E 191 22.72 5.89 -10.12
CA LEU E 191 23.27 5.66 -8.79
C LEU E 191 23.85 4.26 -8.73
N ASP E 192 25.10 4.16 -8.30
CA ASP E 192 25.76 2.88 -8.08
C ASP E 192 26.45 2.94 -6.72
N VAL E 193 26.00 2.09 -5.80
CA VAL E 193 26.50 2.14 -4.44
C VAL E 193 27.99 1.86 -4.40
N ASN E 194 28.46 0.95 -5.25
CA ASN E 194 29.87 0.58 -5.22
C ASN E 194 30.73 1.67 -5.84
N ASP E 195 30.31 2.22 -6.99
CA ASP E 195 31.05 3.33 -7.58
C ASP E 195 31.06 4.54 -6.65
N MET E 196 30.00 4.73 -5.88
CA MET E 196 29.86 5.89 -5.01
C MET E 196 30.31 5.64 -3.58
N LYS E 197 30.81 4.44 -3.28
CA LYS E 197 31.26 4.09 -1.93
C LYS E 197 30.16 4.35 -0.90
N ILE E 198 28.94 3.97 -1.26
CA ILE E 198 27.77 4.18 -0.41
C ILE E 198 27.57 2.98 0.50
N ASP E 199 27.21 3.25 1.76
CA ASP E 199 26.99 2.22 2.77
C ASP E 199 25.54 1.99 3.11
N LEU E 200 24.72 3.04 3.11
CA LEU E 200 23.28 2.93 3.34
C LEU E 200 22.57 3.92 2.42
N MET E 201 21.38 3.54 1.96
CA MET E 201 20.65 4.41 1.05
C MET E 201 19.15 4.30 1.30
N SER E 202 18.45 5.44 1.20
CA SER E 202 17.01 5.49 1.42
C SER E 202 16.28 5.62 0.09
N ILE E 203 15.16 4.90 -0.03
CA ILE E 203 14.37 4.83 -1.26
C ILE E 203 12.90 4.99 -0.91
N SER E 204 12.19 5.82 -1.66
CA SER E 204 10.77 6.09 -1.46
C SER E 204 9.99 5.62 -2.68
N GLY E 205 8.92 4.86 -2.44
CA GLY E 205 8.19 4.27 -3.55
C GLY E 205 7.41 5.30 -4.35
N HIS E 206 6.76 6.23 -3.68
CA HIS E 206 5.88 7.19 -4.34
C HIS E 206 6.63 8.38 -4.91
N LYS E 207 7.96 8.39 -4.85
CA LYS E 207 8.75 9.42 -5.51
C LYS E 207 9.11 9.07 -6.95
N ILE E 208 8.95 7.81 -7.35
CA ILE E 208 9.37 7.39 -8.68
C ILE E 208 8.20 6.71 -9.36
N TYR E 209 7.00 7.25 -9.17
CA TYR E 209 5.79 6.75 -9.80
C TYR E 209 5.42 5.35 -9.31
N GLY E 210 5.86 4.99 -8.11
CA GLY E 210 5.47 3.76 -7.49
C GLY E 210 4.35 3.99 -6.50
N PRO E 211 3.91 2.94 -5.81
CA PRO E 211 2.79 3.08 -4.88
C PRO E 211 3.20 3.73 -3.57
N LYS E 212 2.23 4.39 -2.95
CA LYS E 212 2.41 5.00 -1.65
C LYS E 212 2.50 3.94 -0.57
N GLY E 213 3.18 4.27 0.52
CA GLY E 213 3.22 3.39 1.67
C GLY E 213 4.27 2.31 1.65
N VAL E 214 5.27 2.42 0.77
CA VAL E 214 6.33 1.43 0.70
C VAL E 214 7.61 2.11 0.28
N GLY E 215 8.72 1.61 0.80
CA GLY E 215 10.03 2.14 0.47
C GLY E 215 11.09 1.08 0.66
N ALA E 216 12.37 1.46 0.60
CA ALA E 216 13.43 0.49 0.75
C ALA E 216 14.64 1.16 1.38
N ILE E 217 15.48 0.36 2.01
CA ILE E 217 16.76 0.82 2.52
C ILE E 217 17.83 -0.15 2.07
N TYR E 218 18.89 0.37 1.45
CA TYR E 218 20.06 -0.40 1.10
C TYR E 218 21.01 -0.39 2.28
N ILE E 219 21.35 -1.57 2.76
CA ILE E 219 22.31 -1.76 3.86
C ILE E 219 23.39 -2.65 3.28
N ARG E 220 24.57 -2.09 3.05
CA ARG E 220 25.62 -2.83 2.37
C ARG E 220 25.95 -4.11 3.14
N ARG E 221 26.17 -5.20 2.41
CA ARG E 221 26.54 -6.47 3.01
C ARG E 221 27.97 -6.88 2.76
N ARG E 222 28.62 -6.33 1.72
CA ARG E 222 30.01 -6.67 1.41
C ARG E 222 30.88 -6.29 2.61
N PRO E 223 31.63 -5.17 2.60
CA PRO E 223 32.15 -4.68 3.90
C PRO E 223 30.96 -4.49 4.81
N ARG E 224 30.58 -5.55 5.52
CA ARG E 224 29.29 -5.59 6.19
C ARG E 224 29.06 -4.35 7.03
N VAL E 225 27.81 -3.90 7.03
CA VAL E 225 27.37 -2.75 7.82
C VAL E 225 26.39 -3.27 8.86
N ARG E 226 26.62 -2.88 10.11
CA ARG E 226 25.81 -3.30 11.22
C ARG E 226 24.79 -2.22 11.57
N VAL E 227 23.56 -2.64 11.79
CA VAL E 227 22.45 -1.74 12.08
C VAL E 227 21.59 -2.38 13.15
N GLU E 228 21.19 -1.58 14.15
CA GLU E 228 20.29 -2.06 15.18
C GLU E 228 18.86 -1.88 14.68
N ALA E 229 18.09 -2.97 14.66
CA ALA E 229 16.71 -2.91 14.20
C ALA E 229 15.85 -2.08 15.15
N LEU E 230 14.96 -1.28 14.56
CA LEU E 230 14.08 -0.42 15.35
C LEU E 230 12.68 -0.97 15.52
N GLN E 231 12.19 -1.78 14.59
CA GLN E 231 10.86 -2.38 14.69
C GLN E 231 11.02 -3.82 15.15
N SER E 232 10.64 -4.09 16.39
CA SER E 232 10.76 -5.43 16.94
C SER E 232 9.62 -6.32 16.46
N GLY E 233 9.89 -7.62 16.39
CA GLY E 233 8.89 -8.55 15.87
C GLY E 233 9.47 -9.92 15.59
N GLY E 234 8.96 -10.54 14.53
CA GLY E 234 9.31 -11.91 14.18
C GLY E 234 10.57 -12.11 13.37
N GLY E 235 11.26 -11.04 12.99
CA GLY E 235 12.54 -11.18 12.32
C GLY E 235 12.51 -11.15 10.81
N GLN E 236 11.41 -10.72 10.20
CA GLN E 236 11.37 -10.60 8.75
C GLN E 236 12.49 -9.69 8.25
N GLU E 237 12.87 -9.89 6.99
CA GLU E 237 13.91 -9.08 6.34
C GLU E 237 15.22 -9.13 7.12
N ARG E 238 15.80 -10.32 7.18
CA ARG E 238 17.07 -10.54 7.88
C ARG E 238 17.03 -9.97 9.30
N GLY E 239 15.83 -9.87 9.86
CA GLY E 239 15.65 -9.35 11.20
C GLY E 239 15.72 -7.85 11.31
N MET E 240 15.88 -7.14 10.20
CA MET E 240 16.02 -5.68 10.23
C MET E 240 14.68 -4.95 10.22
N ARG E 241 13.60 -5.60 9.80
CA ARG E 241 12.34 -4.85 9.66
C ARG E 241 11.19 -5.84 9.82
N SER E 242 10.95 -6.23 11.08
CA SER E 242 9.88 -7.18 11.36
C SER E 242 8.55 -6.60 10.91
N GLY E 243 7.60 -7.49 10.62
CA GLY E 243 6.32 -7.08 10.09
C GLY E 243 6.03 -7.75 8.76
N THR E 244 4.76 -7.82 8.39
CA THR E 244 4.37 -8.50 7.16
C THR E 244 4.75 -7.66 5.95
N VAL E 245 5.59 -8.21 5.08
CA VAL E 245 6.00 -7.51 3.87
C VAL E 245 4.77 -7.28 3.01
N PRO E 246 4.41 -6.04 2.71
CA PRO E 246 3.21 -5.79 1.90
C PRO E 246 3.42 -6.16 0.44
N THR E 247 3.00 -7.36 0.06
CA THR E 247 3.30 -7.93 -1.24
C THR E 247 2.98 -6.97 -2.38
N PRO E 248 1.73 -6.52 -2.52
CA PRO E 248 1.40 -5.64 -3.66
C PRO E 248 2.25 -4.38 -3.69
N LEU E 249 2.56 -3.81 -2.53
CA LEU E 249 3.31 -2.57 -2.51
C LEU E 249 4.75 -2.79 -2.98
N VAL E 250 5.40 -3.86 -2.51
CA VAL E 250 6.77 -4.12 -2.97
C VAL E 250 6.79 -4.53 -4.43
N VAL E 251 5.79 -5.29 -4.88
CA VAL E 251 5.70 -5.63 -6.30
C VAL E 251 5.64 -4.35 -7.13
N GLY E 252 4.76 -3.44 -6.73
CA GLY E 252 4.69 -2.16 -7.41
C GLY E 252 6.00 -1.39 -7.35
N LEU E 253 6.67 -1.44 -6.20
CA LEU E 253 7.96 -0.76 -6.06
C LEU E 253 8.96 -1.31 -7.06
N GLY E 254 9.04 -2.63 -7.17
CA GLY E 254 9.96 -3.22 -8.13
C GLY E 254 9.62 -2.86 -9.56
N ALA E 255 8.33 -2.94 -9.91
CA ALA E 255 7.92 -2.52 -11.24
C ALA E 255 8.35 -1.09 -11.51
N ALA E 256 8.17 -0.20 -10.52
CA ALA E 256 8.57 1.20 -10.70
C ALA E 256 10.07 1.34 -10.91
N CYS E 257 10.86 0.60 -10.13
CA CYS E 257 12.31 0.71 -10.26
C CYS E 257 12.78 0.18 -11.61
N GLU E 258 12.21 -0.93 -12.06
CA GLU E 258 12.57 -1.49 -13.36
C GLU E 258 12.21 -0.50 -14.48
N VAL E 259 10.98 -0.01 -14.47
CA VAL E 259 10.56 0.95 -15.48
C VAL E 259 11.49 2.17 -15.47
N ALA E 260 11.83 2.66 -14.28
CA ALA E 260 12.72 3.81 -14.18
C ALA E 260 14.08 3.49 -14.78
N GLN E 261 14.59 2.27 -14.56
CA GLN E 261 15.83 1.87 -15.21
C GLN E 261 15.69 1.87 -16.73
N GLN E 262 14.52 1.52 -17.24
CA GLN E 262 14.34 1.52 -18.69
C GLN E 262 14.31 2.92 -19.25
N GLU E 263 13.57 3.83 -18.61
CA GLU E 263 13.25 5.13 -19.19
C GLU E 263 14.11 6.26 -18.62
N MET E 264 15.12 5.96 -17.82
CA MET E 264 15.86 7.02 -17.15
C MET E 264 16.46 8.01 -18.14
N GLU E 265 17.13 7.51 -19.17
CA GLU E 265 17.80 8.40 -20.11
C GLU E 265 16.80 9.27 -20.86
N TYR E 266 15.78 8.64 -21.44
CA TYR E 266 14.75 9.38 -22.16
C TYR E 266 14.11 10.44 -21.28
N ASP E 267 13.65 10.05 -20.09
CA ASP E 267 13.07 11.00 -19.16
C ASP E 267 14.02 12.16 -18.90
N HIS E 268 15.31 11.87 -18.73
CA HIS E 268 16.24 12.96 -18.47
C HIS E 268 16.30 13.90 -19.67
N LYS E 269 16.29 13.33 -20.88
CA LYS E 269 16.35 14.18 -22.07
C LYS E 269 15.17 15.14 -22.13
N ARG E 270 13.95 14.59 -22.12
CA ARG E 270 12.80 15.48 -22.34
C ARG E 270 12.53 16.35 -21.11
N ILE E 271 12.64 15.78 -19.92
CA ILE E 271 12.50 16.59 -18.70
C ILE E 271 13.49 17.74 -18.71
N SER E 272 14.73 17.48 -19.10
CA SER E 272 15.71 18.56 -19.20
C SER E 272 15.26 19.61 -20.20
N LYS E 273 14.74 19.17 -21.35
CA LYS E 273 14.28 20.12 -22.36
C LYS E 273 13.16 20.99 -21.81
N LEU E 274 12.17 20.39 -21.16
CA LEU E 274 11.06 21.17 -20.60
C LEU E 274 11.54 22.11 -19.51
N SER E 275 12.48 21.66 -18.68
CA SER E 275 13.00 22.52 -17.63
C SER E 275 13.68 23.76 -18.22
N GLU E 276 14.60 23.55 -19.16
CA GLU E 276 15.26 24.67 -19.82
C GLU E 276 14.25 25.58 -20.51
N ARG E 277 13.23 25.00 -21.15
CA ARG E 277 12.19 25.80 -21.78
C ARG E 277 11.48 26.69 -20.77
N LEU E 278 10.99 26.09 -19.68
CA LEU E 278 10.29 26.85 -18.66
C LEU E 278 11.17 27.99 -18.13
N ILE E 279 12.38 27.66 -17.68
CA ILE E 279 13.24 28.67 -17.07
C ILE E 279 13.53 29.78 -18.08
N GLN E 280 14.05 29.41 -19.24
CA GLN E 280 14.47 30.40 -20.23
C GLN E 280 13.30 31.28 -20.66
N ASN E 281 12.10 30.70 -20.78
CA ASN E 281 10.97 31.49 -21.24
C ASN E 281 10.46 32.41 -20.14
N ILE E 282 10.53 31.98 -18.88
CA ILE E 282 10.09 32.85 -17.79
C ILE E 282 11.10 33.99 -17.57
N MET E 283 12.39 33.68 -17.67
CA MET E 283 13.40 34.68 -17.36
C MET E 283 13.42 35.80 -18.42
N LYS E 284 13.21 35.45 -19.69
CA LYS E 284 13.26 36.45 -20.75
C LYS E 284 12.11 37.44 -20.69
N SER E 285 11.07 37.17 -19.90
CA SER E 285 9.89 38.02 -19.85
C SER E 285 9.65 38.66 -18.48
N LEU E 286 10.37 38.23 -17.44
CA LEU E 286 10.22 38.79 -16.11
C LEU E 286 11.62 39.09 -15.56
N PRO E 287 11.92 40.34 -15.23
CA PRO E 287 13.23 40.64 -14.62
C PRO E 287 13.21 40.37 -13.13
N ASP E 288 14.42 40.30 -12.55
CA ASP E 288 14.57 40.11 -11.11
C ASP E 288 13.88 38.83 -10.65
N VAL E 289 14.02 37.78 -11.45
CA VAL E 289 13.64 36.42 -11.07
C VAL E 289 14.93 35.63 -10.91
N VAL E 290 15.10 35.00 -9.76
CA VAL E 290 16.36 34.37 -9.39
C VAL E 290 16.12 32.88 -9.18
N MET E 291 16.97 32.05 -9.77
CA MET E 291 16.88 30.62 -9.57
C MET E 291 17.71 30.20 -8.36
N ASN E 292 17.08 29.48 -7.44
CA ASN E 292 17.75 29.01 -6.23
C ASN E 292 18.37 27.64 -6.50
N GLY E 293 19.68 27.56 -6.37
CA GLY E 293 20.43 26.33 -6.59
C GLY E 293 21.33 26.46 -7.79
N ASP E 294 22.51 25.86 -7.70
CA ASP E 294 23.50 25.96 -8.76
C ASP E 294 23.02 25.20 -9.98
N PRO E 295 22.86 25.85 -11.14
CA PRO E 295 22.46 25.13 -12.35
C PRO E 295 23.53 24.18 -12.89
N LYS E 296 24.78 24.30 -12.43
CA LYS E 296 25.82 23.38 -12.88
C LYS E 296 25.71 22.01 -12.23
N HIS E 297 25.05 21.91 -11.06
CA HIS E 297 24.88 20.66 -10.34
C HIS E 297 23.44 20.65 -9.84
N HIS E 298 22.51 20.30 -10.72
CA HIS E 298 21.10 20.52 -10.45
C HIS E 298 20.27 19.52 -11.23
N TYR E 299 19.29 18.92 -10.56
CA TYR E 299 18.36 18.05 -11.25
C TYR E 299 17.27 18.89 -11.90
N PRO E 300 17.10 18.84 -13.23
CA PRO E 300 16.17 19.75 -13.89
C PRO E 300 14.71 19.56 -13.52
N GLY E 301 14.34 18.44 -12.89
CA GLY E 301 12.94 18.20 -12.59
C GLY E 301 12.39 19.04 -11.46
N CYS E 302 13.26 19.69 -10.69
CA CYS E 302 12.87 20.51 -9.56
C CYS E 302 13.48 21.89 -9.74
N ILE E 303 12.65 22.88 -10.04
CA ILE E 303 13.11 24.23 -10.36
C ILE E 303 12.52 25.17 -9.32
N ASN E 304 13.38 25.80 -8.53
CA ASN E 304 12.96 26.70 -7.46
C ASN E 304 13.31 28.12 -7.86
N LEU E 305 12.29 28.97 -8.02
CA LEU E 305 12.49 30.32 -8.50
C LEU E 305 11.88 31.32 -7.53
N SER E 306 12.62 32.39 -7.26
CA SER E 306 12.16 33.49 -6.44
C SER E 306 11.82 34.67 -7.33
N PHE E 307 10.60 35.18 -7.20
CA PHE E 307 10.13 36.33 -7.97
C PHE E 307 10.22 37.53 -7.04
N ALA E 308 11.29 38.31 -7.20
CA ALA E 308 11.53 39.43 -6.30
C ALA E 308 10.28 40.30 -6.20
N TYR E 309 10.00 40.78 -4.99
CA TYR E 309 8.96 41.76 -4.72
C TYR E 309 7.55 41.19 -4.79
N VAL E 310 7.41 39.87 -4.86
CA VAL E 310 6.11 39.22 -4.89
C VAL E 310 6.12 38.09 -3.87
N GLU E 311 5.06 38.01 -3.06
CA GLU E 311 4.96 36.96 -2.05
C GLU E 311 4.50 35.65 -2.66
N GLY E 312 5.04 34.55 -2.13
CA GLY E 312 4.83 33.26 -2.77
C GLY E 312 3.37 32.83 -2.77
N GLU E 313 2.75 32.83 -1.60
CA GLU E 313 1.39 32.31 -1.52
C GLU E 313 0.42 33.17 -2.34
N SER E 314 0.67 34.47 -2.44
CA SER E 314 -0.18 35.29 -3.29
C SER E 314 -0.09 34.81 -4.74
N LEU E 315 1.10 34.43 -5.18
CA LEU E 315 1.26 33.90 -6.53
C LEU E 315 0.54 32.57 -6.66
N LEU E 316 0.72 31.67 -5.69
CA LEU E 316 0.02 30.39 -5.73
C LEU E 316 -1.48 30.60 -5.85
N MET E 317 -2.03 31.53 -5.07
CA MET E 317 -3.45 31.84 -5.20
C MET E 317 -3.76 32.41 -6.57
N ALA E 318 -2.81 33.14 -7.16
CA ALA E 318 -2.98 33.62 -8.52
C ALA E 318 -3.09 32.46 -9.51
N LEU E 319 -2.23 31.45 -9.33
CA LEU E 319 -2.25 30.27 -10.21
C LEU E 319 -3.12 29.19 -9.60
N LYS E 320 -4.42 29.48 -9.54
CA LYS E 320 -5.37 28.51 -9.00
C LYS E 320 -5.54 27.30 -9.90
N ASP E 321 -4.95 27.33 -11.10
CA ASP E 321 -5.10 26.26 -12.08
C ASP E 321 -3.86 25.38 -12.17
N VAL E 322 -2.87 25.59 -11.31
CA VAL E 322 -1.63 24.84 -11.35
C VAL E 322 -1.27 24.42 -9.93
N ALA E 323 -1.04 23.13 -9.73
CA ALA E 323 -0.69 22.61 -8.42
C ALA E 323 0.81 22.84 -8.20
N LEU E 324 1.14 23.73 -7.26
CA LEU E 324 2.53 24.06 -7.01
C LEU E 324 2.84 24.07 -5.51
N SER E 325 4.04 24.54 -5.15
CA SER E 325 4.44 24.64 -3.76
C SER E 325 5.39 25.82 -3.61
N SER E 326 5.53 26.29 -2.38
CA SER E 326 6.42 27.41 -2.11
C SER E 326 7.04 27.26 -0.73
N GLY E 327 8.24 27.83 -0.57
CA GLY E 327 8.90 27.85 0.71
C GLY E 327 8.65 29.17 1.41
N SER E 328 7.40 29.62 1.35
CA SER E 328 7.00 30.88 1.93
C SER E 328 6.50 30.67 3.36
N ALA E 329 6.90 31.57 4.26
CA ALA E 329 6.40 31.52 5.63
C ALA E 329 4.90 31.29 5.64
N CYS E 330 4.16 32.12 4.92
CA CYS E 330 2.73 31.91 4.76
C CYS E 330 2.49 30.54 4.13
N THR E 331 1.35 29.95 4.44
CA THR E 331 0.92 28.65 3.93
C THR E 331 1.55 27.52 4.75
N SER E 332 2.40 27.81 5.71
CA SER E 332 3.00 26.80 6.57
C SER E 332 2.28 26.83 7.92
N ALA E 333 1.91 25.65 8.41
CA ALA E 333 1.21 25.52 9.69
C ALA E 333 1.77 26.45 10.74
N SER E 334 2.95 26.15 11.26
CA SER E 334 3.71 27.08 12.09
C SER E 334 4.37 28.07 11.15
N LEU E 335 3.85 29.30 11.09
CA LEU E 335 4.42 30.28 10.18
C LEU E 335 5.93 30.22 10.31
N GLU E 336 6.58 29.62 9.31
CA GLU E 336 7.99 29.31 9.41
C GLU E 336 8.58 29.22 8.00
N PRO E 337 9.65 29.96 7.75
CA PRO E 337 10.25 29.92 6.41
C PRO E 337 11.10 28.68 6.19
N SER E 338 11.16 28.26 4.93
CA SER E 338 11.93 27.07 4.57
C SER E 338 13.35 27.19 5.06
N TYR E 339 13.77 26.24 5.89
CA TYR E 339 15.15 26.24 6.40
C TYR E 339 16.16 26.00 5.28
N VAL E 340 15.74 25.34 4.20
CA VAL E 340 16.64 25.13 3.07
C VAL E 340 17.04 26.47 2.45
N LEU E 341 16.07 27.34 2.20
CA LEU E 341 16.36 28.63 1.60
C LEU E 341 17.18 29.50 2.53
N ARG E 342 16.89 29.45 3.84
CA ARG E 342 17.73 30.17 4.80
C ARG E 342 19.16 29.67 4.78
N ALA E 343 19.37 28.39 4.49
CA ALA E 343 20.72 27.83 4.51
C ALA E 343 21.58 28.38 3.37
N ILE E 344 20.99 28.67 2.21
CA ILE E 344 21.78 29.15 1.08
C ILE E 344 21.90 30.66 1.13
N GLY E 345 21.43 31.27 2.23
CA GLY E 345 21.63 32.68 2.44
C GLY E 345 20.67 33.59 1.70
N THR E 346 19.50 33.09 1.33
CA THR E 346 18.55 33.87 0.56
C THR E 346 18.00 35.04 1.37
N ASP E 347 18.05 36.23 0.76
CA ASP E 347 17.41 37.41 1.34
C ASP E 347 15.97 37.09 1.73
N GLU E 348 15.53 37.63 2.87
CA GLU E 348 14.21 37.30 3.39
C GLU E 348 13.13 37.50 2.34
N ASP E 349 13.22 38.57 1.55
CA ASP E 349 12.23 38.83 0.52
C ASP E 349 12.15 37.66 -0.47
N LEU E 350 13.29 37.26 -1.02
CA LEU E 350 13.31 36.14 -1.95
C LEU E 350 12.96 34.82 -1.27
N ALA E 351 13.26 34.69 0.03
CA ALA E 351 12.81 33.51 0.76
C ALA E 351 11.29 33.45 0.79
N HIS E 352 10.63 34.59 0.94
CA HIS E 352 9.18 34.66 0.88
C HIS E 352 8.66 34.73 -0.55
N SER E 353 9.52 34.79 -1.56
CA SER E 353 9.10 34.97 -2.94
C SER E 353 9.42 33.77 -3.82
N SER E 354 9.64 32.61 -3.22
CA SER E 354 10.07 31.42 -3.94
C SER E 354 8.92 30.45 -4.14
N ILE E 355 8.88 29.82 -5.32
CA ILE E 355 7.97 28.71 -5.58
C ILE E 355 8.72 27.63 -6.35
N ARG E 356 8.22 26.40 -6.24
CA ARG E 356 8.87 25.20 -6.76
C ARG E 356 8.02 24.58 -7.85
N PHE E 357 8.61 24.43 -9.03
CA PHE E 357 7.97 23.77 -10.17
C PHE E 357 8.58 22.38 -10.33
N GLY E 358 7.72 21.37 -10.45
CA GLY E 358 8.15 19.99 -10.67
C GLY E 358 7.72 19.50 -12.04
N ILE E 359 8.70 19.05 -12.81
CA ILE E 359 8.50 18.50 -14.15
C ILE E 359 8.75 17.01 -14.07
N GLY E 360 7.78 16.20 -14.48
CA GLY E 360 7.88 14.78 -14.26
C GLY E 360 7.72 13.89 -15.48
N ARG E 361 7.61 12.58 -15.23
CA ARG E 361 7.53 11.61 -16.32
C ARG E 361 6.36 11.88 -17.25
N PHE E 362 5.27 12.44 -16.71
CA PHE E 362 4.04 12.60 -17.47
C PHE E 362 3.74 14.05 -17.83
N THR E 363 4.64 14.97 -17.52
CA THR E 363 4.39 16.39 -17.79
C THR E 363 4.48 16.65 -19.28
N THR E 364 3.54 17.44 -19.79
CA THR E 364 3.48 17.78 -21.19
C THR E 364 4.01 19.19 -21.42
N GLU E 365 4.45 19.45 -22.66
CA GLU E 365 4.91 20.79 -23.00
C GLU E 365 3.80 21.82 -22.85
N GLU E 366 2.56 21.43 -23.15
CA GLU E 366 1.43 22.34 -22.98
C GLU E 366 1.31 22.81 -21.53
N GLU E 367 1.37 21.88 -20.58
CA GLU E 367 1.33 22.26 -19.17
C GLU E 367 2.41 23.30 -18.87
N VAL E 368 3.61 23.09 -19.40
CA VAL E 368 4.71 24.02 -19.15
C VAL E 368 4.37 25.40 -19.70
N ASP E 369 3.88 25.45 -20.94
CA ASP E 369 3.59 26.74 -21.56
C ASP E 369 2.46 27.46 -20.83
N TYR E 370 1.38 26.74 -20.50
CA TYR E 370 0.29 27.34 -19.73
C TYR E 370 0.81 27.92 -18.42
N THR E 371 1.55 27.11 -17.66
CA THR E 371 2.10 27.57 -16.39
C THR E 371 2.97 28.82 -16.59
N VAL E 372 3.76 28.85 -17.67
CA VAL E 372 4.61 29.99 -17.92
C VAL E 372 3.76 31.24 -18.16
N GLU E 373 2.77 31.13 -19.04
CA GLU E 373 1.93 32.28 -19.36
C GLU E 373 1.26 32.82 -18.11
N LYS E 374 0.55 31.96 -17.38
CA LYS E 374 -0.11 32.42 -16.15
C LYS E 374 0.90 33.01 -15.18
N CYS E 375 2.12 32.43 -15.14
CA CYS E 375 3.15 32.95 -14.25
C CYS E 375 3.51 34.38 -14.61
N ILE E 376 3.74 34.65 -15.90
CA ILE E 376 4.05 36.01 -16.33
C ILE E 376 2.90 36.94 -16.01
N GLN E 377 1.70 36.59 -16.47
CA GLN E 377 0.53 37.45 -16.28
C GLN E 377 0.36 37.83 -14.82
N HIS E 378 0.34 36.84 -13.93
CA HIS E 378 0.00 37.12 -12.53
C HIS E 378 1.16 37.74 -11.77
N VAL E 379 2.41 37.46 -12.17
CA VAL E 379 3.52 38.18 -11.56
C VAL E 379 3.47 39.65 -11.93
N LYS E 380 3.13 39.95 -13.18
CA LYS E 380 2.94 41.35 -13.58
C LYS E 380 1.83 42.00 -12.76
N ARG E 381 0.67 41.35 -12.69
CA ARG E 381 -0.45 41.93 -11.96
C ARG E 381 -0.08 42.19 -10.51
N LEU E 382 0.56 41.21 -9.86
CA LEU E 382 0.92 41.37 -8.45
C LEU E 382 2.01 42.42 -8.27
N ARG E 383 2.89 42.59 -9.26
CA ARG E 383 3.91 43.63 -9.15
C ARG E 383 3.30 45.02 -9.26
N GLU E 384 2.27 45.19 -10.10
CA GLU E 384 1.57 46.46 -10.11
C GLU E 384 0.90 46.73 -8.76
N MET E 385 0.74 45.71 -7.92
CA MET E 385 0.14 45.83 -6.61
C MET E 385 1.17 45.90 -5.49
N SER E 386 2.47 45.73 -5.80
CA SER E 386 3.50 45.56 -4.77
C SER E 386 4.13 46.90 -4.41
N PRO E 387 4.19 47.25 -3.12
CA PRO E 387 4.87 48.49 -2.74
C PRO E 387 6.38 48.42 -2.88
N LEU E 388 6.98 47.25 -2.68
CA LEU E 388 8.43 47.13 -2.82
C LEU E 388 8.87 47.38 -4.26
N TRP E 389 8.10 46.86 -5.22
CA TRP E 389 8.35 47.17 -6.62
C TRP E 389 8.35 48.68 -6.85
N GLU E 390 7.24 49.33 -6.48
CA GLU E 390 7.14 50.78 -6.62
C GLU E 390 8.37 51.48 -6.03
N MET E 391 8.75 51.10 -4.81
CA MET E 391 9.89 51.76 -4.16
C MET E 391 11.19 51.53 -4.94
N VAL E 392 11.41 50.31 -5.43
CA VAL E 392 12.62 50.05 -6.21
C VAL E 392 12.63 50.88 -7.49
N GLN E 393 11.49 50.90 -8.19
CA GLN E 393 11.38 51.72 -9.39
C GLN E 393 11.59 53.20 -9.09
N ASP E 394 11.31 53.60 -7.84
CA ASP E 394 11.55 54.97 -7.42
C ASP E 394 12.87 55.13 -6.68
N GLY E 395 13.46 54.03 -6.21
CA GLY E 395 14.72 54.09 -5.52
C GLY E 395 14.59 54.60 -4.09
N ILE E 396 13.64 54.04 -3.35
CA ILE E 396 13.48 54.42 -1.95
C ILE E 396 14.52 53.65 -1.15
N ASP E 397 14.56 53.89 0.16
CA ASP E 397 15.54 53.27 1.03
C ASP E 397 14.81 52.37 2.02
N LEU E 398 15.30 51.13 2.15
CA LEU E 398 14.60 50.14 2.96
C LEU E 398 14.49 50.66 4.39
N LYS E 399 13.28 51.04 4.80
CA LYS E 399 13.08 51.67 6.10
C LYS E 399 11.61 51.59 6.53
N SER E 400 10.95 50.48 6.23
CA SER E 400 9.60 50.25 6.68
C SER E 400 9.52 50.35 8.21
N ILE E 401 8.30 50.28 8.73
CA ILE E 401 8.02 50.35 10.15
C ILE E 401 7.27 49.08 10.54
N LYS E 402 7.62 48.51 11.70
CA LYS E 402 7.19 47.16 12.05
C LYS E 402 6.11 47.16 13.13
N TRP E 403 6.40 46.51 14.26
CA TRP E 403 5.41 46.36 15.31
C TRP E 403 6.06 46.23 16.67
N ALA F 3 9.63 -11.57 -46.48
CA ALA F 3 9.90 -12.22 -45.20
C ALA F 3 9.96 -11.20 -44.06
N SER F 4 9.80 -9.93 -44.40
CA SER F 4 9.86 -8.87 -43.40
C SER F 4 8.62 -8.91 -42.51
N SER F 5 8.83 -8.76 -41.21
CA SER F 5 7.74 -8.62 -40.25
C SER F 5 7.13 -7.22 -40.26
N ARG F 6 7.54 -6.39 -41.22
CA ARG F 6 7.04 -5.03 -41.33
C ARG F 6 5.53 -4.93 -41.09
N ALA F 7 4.75 -5.71 -41.84
CA ALA F 7 3.30 -5.61 -41.70
C ALA F 7 2.86 -5.90 -40.26
N GLN F 8 3.39 -6.97 -39.66
CA GLN F 8 3.08 -7.27 -38.27
C GLN F 8 3.37 -6.06 -37.38
N VAL F 9 4.49 -5.38 -37.62
CA VAL F 9 4.81 -4.18 -36.87
C VAL F 9 3.71 -3.13 -37.04
N LEU F 10 3.34 -2.85 -38.28
CA LEU F 10 2.47 -1.71 -38.56
C LEU F 10 1.14 -1.84 -37.82
N ALA F 11 0.46 -2.98 -37.97
CA ALA F 11 -0.77 -3.19 -37.22
C ALA F 11 -0.54 -2.90 -35.73
N LEU F 12 0.53 -3.47 -35.18
CA LEU F 12 0.85 -3.22 -33.79
C LEU F 12 0.88 -1.73 -33.52
N TYR F 13 1.68 -1.00 -34.30
CA TYR F 13 1.74 0.44 -34.15
C TYR F 13 0.34 1.01 -34.12
N ARG F 14 -0.43 0.72 -35.18
CA ARG F 14 -1.79 1.25 -35.25
C ARG F 14 -2.54 0.91 -33.97
N ALA F 15 -2.57 -0.37 -33.62
CA ALA F 15 -3.31 -0.77 -32.42
C ALA F 15 -2.80 0.00 -31.21
N MET F 16 -1.48 0.03 -31.02
CA MET F 16 -0.96 0.63 -29.81
C MET F 16 -1.29 2.10 -29.76
N LEU F 17 -1.35 2.78 -30.91
CA LEU F 17 -1.79 4.16 -30.89
C LEU F 17 -3.28 4.24 -30.59
N ARG F 18 -4.09 3.48 -31.34
CA ARG F 18 -5.53 3.56 -31.17
C ARG F 18 -5.91 3.31 -29.71
N GLU F 19 -5.41 2.22 -29.14
CA GLU F 19 -5.76 1.89 -27.76
C GLU F 19 -5.28 3.00 -26.83
N SER F 20 -4.06 3.49 -27.05
CA SER F 20 -3.55 4.54 -26.18
C SER F 20 -4.43 5.78 -26.25
N LYS F 21 -5.01 6.05 -27.42
CA LYS F 21 -5.80 7.26 -27.56
C LYS F 21 -7.11 7.20 -26.78
N ARG F 22 -7.45 6.05 -26.17
CA ARG F 22 -8.67 5.97 -25.39
C ARG F 22 -8.46 6.27 -23.91
N PHE F 23 -7.21 6.37 -23.45
CA PHE F 23 -6.95 6.79 -22.07
C PHE F 23 -7.77 8.02 -21.72
N SER F 24 -8.52 7.92 -20.61
CA SER F 24 -9.34 9.04 -20.16
C SER F 24 -8.48 10.16 -19.59
N ALA F 25 -7.38 9.82 -18.93
CA ALA F 25 -6.55 10.82 -18.25
C ALA F 25 -5.63 11.51 -19.24
N TYR F 26 -5.48 12.82 -19.09
CA TYR F 26 -4.64 13.60 -20.00
C TYR F 26 -3.18 13.14 -19.94
N ASN F 27 -2.63 13.01 -18.73
CA ASN F 27 -1.22 12.66 -18.59
C ASN F 27 -0.92 11.28 -19.17
N TYR F 28 -1.70 10.27 -18.77
CA TYR F 28 -1.45 8.92 -19.28
C TYR F 28 -1.62 8.86 -20.80
N ARG F 29 -2.67 9.47 -21.33
CA ARG F 29 -2.90 9.45 -22.76
C ARG F 29 -1.72 10.08 -23.51
N THR F 30 -1.41 11.33 -23.19
CA THR F 30 -0.34 12.03 -23.89
C THR F 30 0.99 11.28 -23.79
N TYR F 31 1.35 10.87 -22.57
CA TYR F 31 2.61 10.15 -22.40
C TYR F 31 2.64 8.89 -23.25
N ALA F 32 1.57 8.09 -23.17
CA ALA F 32 1.53 6.83 -23.91
C ALA F 32 1.71 7.06 -25.41
N VAL F 33 0.91 7.96 -25.98
CA VAL F 33 0.98 8.20 -27.42
C VAL F 33 2.39 8.65 -27.80
N ARG F 34 2.88 9.69 -27.13
CA ARG F 34 4.17 10.26 -27.50
C ARG F 34 5.29 9.24 -27.36
N ARG F 35 5.27 8.43 -26.29
CA ARG F 35 6.34 7.45 -26.09
C ARG F 35 6.26 6.34 -27.14
N ILE F 36 5.04 5.95 -27.53
CA ILE F 36 4.91 4.95 -28.59
C ILE F 36 5.55 5.47 -29.87
N ARG F 37 5.18 6.69 -30.26
CA ARG F 37 5.75 7.30 -31.46
C ARG F 37 7.27 7.35 -31.38
N ASP F 38 7.80 8.01 -30.35
CA ASP F 38 9.24 8.18 -30.24
C ASP F 38 9.96 6.84 -30.19
N ALA F 39 9.35 5.82 -29.59
CA ALA F 39 9.99 4.52 -29.47
C ALA F 39 10.08 3.84 -30.83
N PHE F 40 8.95 3.73 -31.53
CA PHE F 40 9.00 3.12 -32.86
C PHE F 40 9.96 3.85 -33.77
N ARG F 41 9.96 5.19 -33.73
CA ARG F 41 10.86 5.96 -34.57
C ARG F 41 12.32 5.70 -34.20
N GLU F 42 12.62 5.59 -32.91
CA GLU F 42 14.00 5.39 -32.48
C GLU F 42 14.56 4.06 -32.95
N ASN F 43 13.73 3.01 -33.02
CA ASN F 43 14.18 1.69 -33.44
C ASN F 43 13.92 1.42 -34.92
N LYS F 44 13.59 2.45 -35.69
CA LYS F 44 13.21 2.23 -37.09
C LYS F 44 14.35 1.61 -37.89
N ASN F 45 15.59 1.89 -37.53
CA ASN F 45 16.75 1.50 -38.32
C ASN F 45 17.37 0.20 -37.85
N VAL F 46 16.72 -0.51 -36.93
CA VAL F 46 17.21 -1.81 -36.51
C VAL F 46 17.16 -2.78 -37.68
N LYS F 47 18.21 -3.59 -37.82
CA LYS F 47 18.29 -4.59 -38.87
C LYS F 47 18.36 -6.02 -38.35
N ASP F 48 18.78 -6.22 -37.12
CA ASP F 48 18.90 -7.57 -36.56
C ASP F 48 17.52 -8.15 -36.34
N PRO F 49 17.16 -9.25 -37.02
CA PRO F 49 15.80 -9.80 -36.85
C PRO F 49 15.50 -10.31 -35.45
N VAL F 50 16.50 -10.81 -34.72
CA VAL F 50 16.22 -11.34 -33.38
C VAL F 50 15.91 -10.20 -32.42
N GLU F 51 16.71 -9.13 -32.44
CA GLU F 51 16.41 -7.98 -31.61
C GLU F 51 15.07 -7.37 -31.99
N ILE F 52 14.74 -7.38 -33.28
CA ILE F 52 13.46 -6.87 -33.72
C ILE F 52 12.32 -7.69 -33.12
N GLN F 53 12.43 -9.01 -33.18
CA GLN F 53 11.41 -9.85 -32.55
C GLN F 53 11.33 -9.58 -31.06
N THR F 54 12.47 -9.34 -30.42
CA THR F 54 12.47 -8.97 -29.00
C THR F 54 11.60 -7.73 -28.78
N LEU F 55 11.89 -6.66 -29.53
CA LEU F 55 11.13 -5.42 -29.40
C LEU F 55 9.65 -5.65 -29.66
N VAL F 56 9.33 -6.52 -30.63
CA VAL F 56 7.93 -6.79 -30.94
C VAL F 56 7.23 -7.46 -29.75
N ASN F 57 7.88 -8.48 -29.17
CA ASN F 57 7.27 -9.16 -28.04
C ASN F 57 7.06 -8.19 -26.87
N LYS F 58 8.08 -7.41 -26.54
CA LYS F 58 7.93 -6.42 -25.47
C LYS F 58 6.77 -5.47 -25.79
N ALA F 59 6.67 -5.06 -27.05
CA ALA F 59 5.59 -4.16 -27.44
C ALA F 59 4.23 -4.83 -27.28
N LYS F 60 4.16 -6.15 -27.49
CA LYS F 60 2.89 -6.84 -27.28
C LYS F 60 2.51 -6.87 -25.80
N ARG F 61 3.49 -7.16 -24.93
CA ARG F 61 3.20 -7.11 -23.50
C ARG F 61 2.72 -5.73 -23.09
N ASP F 62 3.39 -4.69 -23.60
CA ASP F 62 2.94 -3.33 -23.31
C ASP F 62 1.59 -3.02 -23.93
N LEU F 63 1.22 -3.73 -25.00
CA LEU F 63 -0.11 -3.52 -25.58
C LEU F 63 -1.19 -4.09 -24.68
N GLY F 64 -0.95 -5.28 -24.11
CA GLY F 64 -1.90 -5.79 -23.15
C GLY F 64 -2.00 -4.91 -21.92
N VAL F 65 -0.86 -4.40 -21.47
CA VAL F 65 -0.86 -3.49 -20.32
C VAL F 65 -1.68 -2.24 -20.64
N ILE F 66 -1.45 -1.65 -21.81
CA ILE F 66 -2.17 -0.44 -22.17
C ILE F 66 -3.66 -0.70 -22.27
N ARG F 67 -4.04 -1.85 -22.85
CA ARG F 67 -5.45 -2.21 -22.93
C ARG F 67 -6.08 -2.25 -21.55
N ARG F 68 -5.47 -3.03 -20.64
CA ARG F 68 -6.08 -3.18 -19.32
C ARG F 68 -6.16 -1.85 -18.58
N GLN F 69 -5.09 -1.05 -18.64
CA GLN F 69 -5.07 0.20 -17.89
C GLN F 69 -6.03 1.23 -18.48
N VAL F 70 -6.16 1.29 -19.81
CA VAL F 70 -7.13 2.19 -20.39
C VAL F 70 -8.54 1.79 -19.96
N HIS F 71 -8.83 0.49 -19.98
CA HIS F 71 -10.14 0.01 -19.55
C HIS F 71 -10.42 0.44 -18.10
N ILE F 72 -9.45 0.21 -17.21
CA ILE F 72 -9.65 0.61 -15.82
C ILE F 72 -9.87 2.10 -15.71
N GLY F 73 -9.05 2.88 -16.44
CA GLY F 73 -9.19 4.33 -16.38
C GLY F 73 -10.55 4.79 -16.83
N GLN F 74 -11.17 4.06 -17.77
CA GLN F 74 -12.56 4.37 -18.12
C GLN F 74 -13.49 4.03 -16.95
N LEU F 75 -13.22 2.90 -16.27
CA LEU F 75 -14.09 2.52 -15.16
C LEU F 75 -14.10 3.55 -14.04
N TYR F 76 -12.97 4.21 -13.79
CA TYR F 76 -12.90 5.20 -12.73
C TYR F 76 -12.43 6.53 -13.29
N SER F 77 -13.21 7.11 -14.20
CA SER F 77 -12.83 8.36 -14.82
C SER F 77 -13.20 9.54 -13.92
N THR F 78 -12.69 10.71 -14.29
CA THR F 78 -12.96 11.93 -13.55
C THR F 78 -13.00 13.10 -14.52
N ASP F 79 -13.03 14.32 -13.99
CA ASP F 79 -13.13 15.51 -14.82
C ASP F 79 -11.86 15.68 -15.67
N LYS F 80 -12.01 16.39 -16.78
CA LYS F 80 -10.87 16.72 -17.61
C LYS F 80 -10.06 17.85 -16.97
N LEU F 81 -8.87 18.07 -17.51
CA LEU F 81 -8.01 19.14 -16.99
C LEU F 81 -8.48 20.50 -17.50
N ILE F 82 -8.03 21.54 -16.80
CA ILE F 82 -8.44 22.89 -17.16
C ILE F 82 -8.07 23.21 -18.60
N ILE F 83 -6.96 22.67 -19.11
CA ILE F 83 -6.54 22.94 -20.49
C ILE F 83 -7.26 22.08 -21.50
N GLU F 84 -8.18 21.22 -21.09
CA GLU F 84 -8.86 20.34 -22.03
C GLU F 84 -10.04 21.04 -22.70
N ASN F 85 -11.00 21.50 -21.90
CA ASN F 85 -12.15 22.22 -22.44
C ASN F 85 -13.02 21.31 -23.31
N ILE G 3 -14.38 23.97 -44.73
CA ILE G 3 -15.20 23.35 -43.68
C ILE G 3 -16.11 22.30 -44.29
N GLU G 4 -15.66 21.70 -45.40
CA GLU G 4 -16.41 20.64 -46.06
C GLU G 4 -15.55 19.39 -46.05
N GLU G 5 -14.92 19.03 -47.17
CA GLU G 5 -13.93 17.96 -47.21
C GLU G 5 -12.53 18.51 -46.94
N ARG G 6 -12.41 19.24 -45.83
CA ARG G 6 -11.17 19.86 -45.40
C ARG G 6 -10.18 18.86 -44.83
N VAL G 7 -10.29 17.59 -45.22
CA VAL G 7 -9.27 16.60 -44.82
C VAL G 7 -7.88 17.11 -45.14
N LYS G 8 -7.75 17.94 -46.19
CA LYS G 8 -6.45 18.52 -46.52
C LYS G 8 -5.81 19.14 -45.29
N LYS G 9 -6.56 19.97 -44.57
CA LYS G 9 -6.05 20.55 -43.34
C LYS G 9 -5.46 19.46 -42.45
N ILE G 10 -6.27 18.45 -42.15
CA ILE G 10 -5.79 17.34 -41.33
C ILE G 10 -4.49 16.81 -41.91
N ILE G 11 -4.50 16.47 -43.20
CA ILE G 11 -3.30 15.90 -43.81
C ILE G 11 -2.13 16.85 -43.65
N GLY G 12 -2.35 18.13 -43.94
CA GLY G 12 -1.29 19.10 -43.80
C GLY G 12 -0.75 19.13 -42.39
N GLU G 13 -1.65 19.12 -41.40
CA GLU G 13 -1.22 19.08 -40.01
C GLU G 13 -0.36 17.85 -39.73
N GLN G 14 -0.73 16.69 -40.30
CA GLN G 14 0.00 15.47 -39.98
C GLN G 14 1.35 15.43 -40.68
N LEU G 15 1.41 15.87 -41.93
CA LEU G 15 2.65 15.77 -42.69
C LEU G 15 3.42 17.08 -42.77
N GLY G 16 2.87 18.17 -42.24
CA GLY G 16 3.59 19.43 -42.19
C GLY G 16 3.99 19.97 -43.54
N VAL G 17 3.13 19.82 -44.53
CA VAL G 17 3.41 20.32 -45.87
C VAL G 17 2.46 21.47 -46.15
N LYS G 18 2.91 22.39 -46.99
CA LYS G 18 2.07 23.54 -47.34
C LYS G 18 0.77 23.06 -47.96
N GLN G 19 -0.33 23.74 -47.62
CA GLN G 19 -1.64 23.35 -48.12
C GLN G 19 -1.68 23.28 -49.65
N GLU G 20 -0.78 23.99 -50.32
CA GLU G 20 -0.80 24.00 -51.78
C GLU G 20 -0.28 22.68 -52.35
N GLU G 21 0.55 21.96 -51.60
CA GLU G 21 1.12 20.70 -52.06
C GLU G 21 0.24 19.50 -51.72
N VAL G 22 -1.03 19.74 -51.39
CA VAL G 22 -1.93 18.63 -51.07
C VAL G 22 -2.89 18.42 -52.23
N THR G 23 -2.35 18.24 -53.42
CA THR G 23 -3.16 17.94 -54.59
C THR G 23 -3.85 16.59 -54.41
N ASN G 24 -5.07 16.48 -54.94
CA ASN G 24 -5.79 15.21 -54.86
C ASN G 24 -4.97 14.07 -55.43
N ASN G 25 -4.08 14.37 -56.39
CA ASN G 25 -3.24 13.35 -57.01
C ASN G 25 -1.96 13.08 -56.22
N ALA G 26 -1.83 13.66 -55.03
CA ALA G 26 -0.61 13.52 -54.25
C ALA G 26 -0.56 12.17 -53.54
N SER G 27 0.64 11.60 -53.47
CA SER G 27 0.86 10.36 -52.74
C SER G 27 1.58 10.66 -51.43
N PHE G 28 1.14 10.00 -50.36
CA PHE G 28 1.72 10.24 -49.04
C PHE G 28 3.22 9.97 -49.05
N VAL G 29 3.64 8.80 -49.53
CA VAL G 29 5.05 8.44 -49.48
C VAL G 29 5.80 9.07 -50.64
N GLU G 30 5.33 8.86 -51.87
CA GLU G 30 6.06 9.34 -53.04
C GLU G 30 6.07 10.86 -53.14
N ASP G 31 4.99 11.52 -52.73
CA ASP G 31 4.82 12.94 -52.98
C ASP G 31 4.97 13.81 -51.74
N LEU G 32 4.51 13.36 -50.58
CA LEU G 32 4.47 14.19 -49.39
C LEU G 32 5.53 13.83 -48.36
N GLY G 33 6.42 12.88 -48.66
CA GLY G 33 7.55 12.62 -47.80
C GLY G 33 7.25 11.86 -46.52
N ALA G 34 6.12 11.18 -46.45
CA ALA G 34 5.75 10.40 -45.27
C ALA G 34 6.29 8.98 -45.35
N ASP G 35 6.49 8.38 -44.19
CA ASP G 35 6.82 6.96 -44.08
C ASP G 35 5.55 6.17 -43.77
N SER G 36 5.71 4.87 -43.50
CA SER G 36 4.54 4.04 -43.22
C SER G 36 3.92 4.37 -41.87
N LEU G 37 4.74 4.68 -40.88
CA LEU G 37 4.21 5.05 -39.57
C LEU G 37 3.41 6.33 -39.65
N ASP G 38 3.99 7.38 -40.24
CA ASP G 38 3.28 8.63 -40.44
C ASP G 38 1.93 8.39 -41.11
N THR G 39 1.89 7.48 -42.08
CA THR G 39 0.62 7.19 -42.74
C THR G 39 -0.36 6.52 -41.79
N VAL G 40 0.13 5.63 -40.93
CA VAL G 40 -0.75 5.00 -39.94
C VAL G 40 -1.36 6.08 -39.05
N GLU G 41 -0.53 6.92 -38.45
CA GLU G 41 -1.05 7.99 -37.60
C GLU G 41 -1.98 8.90 -38.37
N LEU G 42 -1.75 9.05 -39.68
CA LEU G 42 -2.60 9.89 -40.49
C LEU G 42 -3.99 9.31 -40.66
N VAL G 43 -4.08 8.04 -41.09
CA VAL G 43 -5.39 7.42 -41.27
C VAL G 43 -6.14 7.38 -39.95
N MET G 44 -5.42 7.15 -38.84
CA MET G 44 -6.07 7.23 -37.54
C MET G 44 -6.58 8.64 -37.29
N ALA G 45 -5.81 9.64 -37.67
CA ALA G 45 -6.24 11.02 -37.50
C ALA G 45 -7.52 11.30 -38.26
N LEU G 46 -7.68 10.69 -39.44
CA LEU G 46 -8.92 10.86 -40.18
C LEU G 46 -10.07 10.14 -39.48
N GLU G 47 -9.81 8.94 -38.96
CA GLU G 47 -10.84 8.24 -38.19
C GLU G 47 -11.32 9.09 -37.02
N GLU G 48 -10.40 9.77 -36.34
CA GLU G 48 -10.78 10.58 -35.19
C GLU G 48 -11.47 11.88 -35.61
N GLU G 49 -11.07 12.46 -36.75
CA GLU G 49 -11.65 13.74 -37.14
C GLU G 49 -13.06 13.57 -37.66
N PHE G 50 -13.33 12.48 -38.39
CA PHE G 50 -14.64 12.26 -38.96
C PHE G 50 -15.46 11.23 -38.17
N ASP G 51 -14.98 10.81 -37.01
CA ASP G 51 -15.71 9.90 -36.13
C ASP G 51 -16.16 8.66 -36.89
N THR G 52 -15.19 8.01 -37.53
CA THR G 52 -15.43 6.79 -38.29
C THR G 52 -14.45 5.73 -37.83
N GLU G 53 -14.51 4.57 -38.49
CA GLU G 53 -13.63 3.45 -38.23
C GLU G 53 -13.37 2.77 -39.57
N ILE G 54 -12.67 3.47 -40.46
CA ILE G 54 -12.29 2.91 -41.75
C ILE G 54 -11.51 1.64 -41.43
N PRO G 55 -12.10 0.47 -41.64
CA PRO G 55 -11.48 -0.76 -41.12
C PRO G 55 -10.15 -1.04 -41.79
N ASP G 56 -9.40 -1.96 -41.17
CA ASP G 56 -8.06 -2.27 -41.64
C ASP G 56 -8.07 -2.77 -43.08
N GLU G 57 -9.00 -3.66 -43.41
CA GLU G 57 -9.04 -4.25 -44.75
C GLU G 57 -9.27 -3.19 -45.82
N GLU G 58 -10.01 -2.13 -45.50
CA GLU G 58 -10.18 -1.01 -46.40
C GLU G 58 -9.07 0.04 -46.23
N ALA G 59 -8.67 0.30 -44.99
CA ALA G 59 -7.65 1.32 -44.73
C ALA G 59 -6.34 1.01 -45.42
N GLU G 60 -6.00 -0.27 -45.59
CA GLU G 60 -4.69 -0.63 -46.16
C GLU G 60 -4.45 0.04 -47.51
N LYS G 61 -5.51 0.34 -48.25
CA LYS G 61 -5.38 0.90 -49.60
C LYS G 61 -5.38 2.43 -49.64
N ILE G 62 -5.54 3.12 -48.51
CA ILE G 62 -5.57 4.58 -48.51
C ILE G 62 -4.14 5.10 -48.56
N THR G 63 -3.66 5.44 -49.76
CA THR G 63 -2.34 5.98 -49.95
C THR G 63 -2.33 7.32 -50.69
N THR G 64 -3.48 7.83 -51.09
CA THR G 64 -3.57 9.06 -51.85
C THR G 64 -4.66 9.95 -51.26
N VAL G 65 -4.53 11.26 -51.51
CA VAL G 65 -5.52 12.21 -51.00
C VAL G 65 -6.88 11.94 -51.62
N GLN G 66 -6.91 11.73 -52.94
CA GLN G 66 -8.18 11.44 -53.60
C GLN G 66 -8.77 10.12 -53.10
N ALA G 67 -7.92 9.17 -52.72
CA ALA G 67 -8.42 7.95 -52.10
C ALA G 67 -9.12 8.24 -50.78
N ALA G 68 -8.51 9.11 -49.96
CA ALA G 68 -9.11 9.46 -48.67
C ALA G 68 -10.46 10.16 -48.87
N ILE G 69 -10.49 11.16 -49.75
CA ILE G 69 -11.77 11.81 -50.07
C ILE G 69 -12.78 10.78 -50.54
N ASP G 70 -12.37 9.92 -51.47
CA ASP G 70 -13.26 8.91 -52.03
C ASP G 70 -13.88 8.04 -50.94
N TYR G 71 -13.06 7.52 -50.03
CA TYR G 71 -13.59 6.61 -49.02
C TYR G 71 -14.70 7.25 -48.20
N ILE G 72 -14.53 8.50 -47.79
CA ILE G 72 -15.54 9.17 -46.97
C ILE G 72 -16.71 9.63 -47.84
N LEU H 10 -10.40 28.81 3.54
CA LEU H 10 -10.24 30.07 2.81
C LEU H 10 -11.60 30.64 2.43
N SER H 11 -11.99 31.71 3.12
CA SER H 11 -13.32 32.26 2.96
C SER H 11 -13.53 32.80 1.54
N THR H 12 -14.80 32.91 1.16
CA THR H 12 -15.14 33.46 -0.15
C THR H 12 -14.88 34.96 -0.21
N GLN H 13 -15.12 35.67 0.90
CA GLN H 13 -14.85 37.10 0.93
C GLN H 13 -13.38 37.37 0.62
N VAL H 14 -12.47 36.57 1.17
CA VAL H 14 -11.05 36.75 0.87
C VAL H 14 -10.81 36.61 -0.63
N VAL H 15 -11.43 35.63 -1.27
CA VAL H 15 -11.24 35.45 -2.70
C VAL H 15 -11.79 36.63 -3.49
N ASP H 16 -12.92 37.20 -3.04
CA ASP H 16 -13.48 38.33 -3.76
C ASP H 16 -12.56 39.54 -3.70
N HIS H 17 -11.97 39.80 -2.55
CA HIS H 17 -11.09 40.91 -2.48
C HIS H 17 -9.75 40.62 -3.05
N TYR H 18 -9.52 39.36 -3.35
CA TYR H 18 -8.23 38.98 -3.86
C TYR H 18 -8.19 39.71 -5.13
N GLU H 19 -8.38 39.06 -6.26
CA GLU H 19 -8.29 39.81 -7.46
C GLU H 19 -9.64 40.18 -7.89
N ASN H 20 -10.02 41.34 -7.37
CA ASN H 20 -11.26 42.03 -7.54
C ASN H 20 -11.02 43.16 -6.59
N PRO H 21 -9.77 43.35 -6.19
CA PRO H 21 -9.37 44.33 -5.21
C PRO H 21 -9.77 45.65 -5.67
N ARG H 22 -10.17 46.46 -4.72
CA ARG H 22 -10.75 47.79 -4.89
C ARG H 22 -9.71 48.81 -4.44
N ASN H 23 -9.51 49.85 -5.24
CA ASN H 23 -8.63 50.95 -4.85
C ASN H 23 -7.15 50.57 -4.84
N VAL H 24 -6.74 49.69 -5.75
CA VAL H 24 -5.31 49.39 -5.87
C VAL H 24 -4.61 50.57 -6.53
N GLY H 25 -3.54 51.05 -5.90
CA GLY H 25 -2.76 52.12 -6.50
C GLY H 25 -2.01 52.89 -5.44
N SER H 26 -1.63 54.11 -5.81
CA SER H 26 -0.83 54.98 -4.96
C SER H 26 -1.24 56.43 -5.18
N LEU H 27 -1.05 57.24 -4.16
CA LEU H 27 -1.35 58.66 -4.20
C LEU H 27 -0.05 59.46 -4.10
N ASP H 28 -0.18 60.77 -4.23
CA ASP H 28 0.98 61.66 -4.19
C ASP H 28 1.38 61.90 -2.74
N LYS H 29 2.52 61.34 -2.33
CA LYS H 29 2.98 61.48 -0.95
C LYS H 29 3.28 62.92 -0.55
N THR H 30 3.40 63.83 -1.52
CA THR H 30 3.75 65.21 -1.19
C THR H 30 2.56 66.05 -0.76
N SER H 31 1.33 65.58 -0.97
CA SER H 31 0.16 66.39 -0.65
C SER H 31 -0.01 66.49 0.86
N LYS H 32 -0.13 67.73 1.37
CA LYS H 32 -0.39 67.92 2.78
C LYS H 32 -1.70 67.27 3.21
N ASN H 33 -2.58 66.94 2.26
CA ASN H 33 -3.86 66.33 2.55
C ASN H 33 -3.86 64.82 2.33
N VAL H 34 -2.69 64.21 2.14
CA VAL H 34 -2.57 62.77 1.97
C VAL H 34 -1.80 62.20 3.15
N GLY H 35 -2.37 61.18 3.79
CA GLY H 35 -1.70 60.44 4.83
C GLY H 35 -1.24 59.10 4.30
N THR H 36 0.05 58.83 4.46
CA THR H 36 0.65 57.62 3.92
C THR H 36 1.15 56.76 5.08
N GLY H 37 0.61 55.55 5.18
CA GLY H 37 1.08 54.61 6.16
C GLY H 37 1.77 53.43 5.50
N LEU H 38 3.05 53.26 5.82
CA LEU H 38 3.89 52.21 5.26
C LEU H 38 4.33 51.35 6.43
N VAL H 39 3.65 50.21 6.61
CA VAL H 39 3.90 49.35 7.75
C VAL H 39 4.29 47.97 7.25
N GLY H 40 5.29 47.38 7.89
CA GLY H 40 5.69 46.02 7.60
C GLY H 40 5.51 45.17 8.85
N ALA H 41 5.27 43.89 8.63
CA ALA H 41 5.11 43.02 9.78
C ALA H 41 6.45 42.45 10.19
N PRO H 42 6.59 42.05 11.46
CA PRO H 42 7.86 41.46 11.90
C PRO H 42 7.93 39.98 11.58
N ALA H 43 6.88 39.24 11.96
CA ALA H 43 6.89 37.79 11.85
C ALA H 43 7.30 37.34 10.44
N CYS H 44 6.67 37.92 9.43
CA CYS H 44 6.89 37.46 8.05
C CYS H 44 7.44 38.59 7.20
N GLY H 45 6.93 38.72 5.99
CA GLY H 45 7.32 39.82 5.12
C GLY H 45 6.12 40.54 4.57
N ASP H 46 4.96 40.34 5.19
CA ASP H 46 3.76 41.03 4.75
C ASP H 46 3.91 42.52 4.97
N VAL H 47 3.98 43.29 3.89
CA VAL H 47 4.12 44.74 3.93
C VAL H 47 2.86 45.36 3.33
N MET H 48 2.35 46.40 3.99
CA MET H 48 1.18 47.12 3.53
C MET H 48 1.52 48.60 3.44
N LYS H 49 1.18 49.21 2.30
CA LYS H 49 1.20 50.66 2.15
C LYS H 49 -0.22 51.11 1.83
N LEU H 50 -0.80 51.90 2.73
CA LEU H 50 -2.15 52.43 2.55
C LEU H 50 -2.10 53.94 2.67
N GLN H 51 -2.61 54.62 1.65
CA GLN H 51 -2.66 56.08 1.60
C GLN H 51 -4.11 56.53 1.52
N ILE H 52 -4.43 57.59 2.26
CA ILE H 52 -5.76 58.18 2.29
C ILE H 52 -5.66 59.66 1.96
N GLN H 53 -6.72 60.20 1.35
CA GLN H 53 -6.82 61.61 1.03
C GLN H 53 -8.01 62.19 1.77
N VAL H 54 -7.78 63.32 2.45
CA VAL H 54 -8.76 63.93 3.34
C VAL H 54 -9.18 65.27 2.76
N ASP H 55 -10.49 65.51 2.72
CA ASP H 55 -11.03 66.77 2.25
C ASP H 55 -10.93 67.85 3.33
N GLU H 56 -11.36 69.06 2.98
CA GLU H 56 -11.33 70.16 3.93
C GLU H 56 -12.22 69.87 5.14
N LYS H 57 -13.29 69.11 4.94
CA LYS H 57 -14.20 68.75 6.02
C LYS H 57 -13.74 67.53 6.81
N GLY H 58 -12.51 67.07 6.61
CA GLY H 58 -12.00 65.96 7.39
C GLY H 58 -12.48 64.60 6.96
N LYS H 59 -13.17 64.50 5.83
CA LYS H 59 -13.65 63.24 5.29
C LYS H 59 -12.60 62.64 4.36
N ILE H 60 -12.45 61.31 4.44
CA ILE H 60 -11.60 60.63 3.47
C ILE H 60 -12.33 60.57 2.14
N VAL H 61 -11.73 61.17 1.11
CA VAL H 61 -12.37 61.26 -0.19
C VAL H 61 -11.93 60.15 -1.14
N ASP H 62 -10.81 59.50 -0.87
CA ASP H 62 -10.41 58.30 -1.60
C ASP H 62 -9.15 57.76 -0.94
N ALA H 63 -8.86 56.50 -1.24
CA ALA H 63 -7.72 55.82 -0.65
C ALA H 63 -7.21 54.76 -1.61
N ARG H 64 -5.90 54.53 -1.58
CA ARG H 64 -5.28 53.54 -2.44
C ARG H 64 -4.27 52.75 -1.62
N PHE H 65 -3.97 51.54 -2.07
CA PHE H 65 -3.07 50.68 -1.32
C PHE H 65 -2.23 49.84 -2.26
N LYS H 66 -1.12 49.35 -1.73
CA LYS H 66 -0.35 48.28 -2.36
C LYS H 66 0.23 47.44 -1.25
N THR H 67 0.08 46.11 -1.36
CA THR H 67 0.55 45.21 -0.32
C THR H 67 1.31 44.04 -0.94
N PHE H 68 2.43 43.70 -0.32
CA PHE H 68 3.23 42.52 -0.64
C PHE H 68 3.01 41.50 0.47
N GLY H 69 2.25 40.46 0.18
CA GLY H 69 1.88 39.51 1.22
C GLY H 69 0.93 38.48 0.68
N CYS H 70 0.49 37.60 1.57
CA CYS H 70 -0.38 36.51 1.16
C CYS H 70 -1.72 37.05 0.68
N GLY H 71 -2.55 36.14 0.14
CA GLY H 71 -3.86 36.53 -0.32
C GLY H 71 -4.71 37.14 0.79
N SER H 72 -4.60 36.61 2.01
CA SER H 72 -5.41 37.12 3.11
C SER H 72 -5.01 38.53 3.49
N ALA H 73 -3.72 38.87 3.37
CA ALA H 73 -3.29 40.24 3.63
C ALA H 73 -3.75 41.17 2.53
N ILE H 74 -3.62 40.75 1.27
CA ILE H 74 -4.12 41.54 0.15
C ILE H 74 -5.59 41.86 0.35
N ALA H 75 -6.39 40.83 0.63
CA ALA H 75 -7.83 41.04 0.82
C ALA H 75 -8.10 41.90 2.04
N SER H 76 -7.32 41.71 3.10
CA SER H 76 -7.50 42.53 4.30
C SER H 76 -7.30 44.00 3.99
N SER H 77 -6.28 44.33 3.20
CA SER H 77 -6.02 45.73 2.87
C SER H 77 -7.08 46.28 1.92
N SER H 78 -7.47 45.50 0.91
CA SER H 78 -8.54 45.94 0.02
C SER H 78 -9.80 46.27 0.82
N LEU H 79 -10.23 45.35 1.68
CA LEU H 79 -11.37 45.62 2.53
C LEU H 79 -11.14 46.86 3.39
N ALA H 80 -9.91 47.03 3.89
CA ALA H 80 -9.60 48.19 4.72
C ALA H 80 -9.86 49.49 3.98
N THR H 81 -9.30 49.64 2.77
CA THR H 81 -9.49 50.89 2.04
C THR H 81 -10.96 51.06 1.65
N GLU H 82 -11.62 49.96 1.27
CA GLU H 82 -13.04 50.06 0.95
C GLU H 82 -13.84 50.59 2.13
N TRP H 83 -13.49 50.17 3.35
CA TRP H 83 -14.25 50.58 4.54
C TRP H 83 -14.02 52.05 4.88
N VAL H 84 -12.78 52.53 4.75
CA VAL H 84 -12.50 53.93 5.10
C VAL H 84 -13.05 54.85 4.02
N LYS H 85 -13.82 54.28 3.09
CA LYS H 85 -14.43 54.97 1.96
C LYS H 85 -14.67 56.44 2.23
N GLY H 86 -15.85 56.77 2.79
CA GLY H 86 -16.17 58.15 3.08
C GLY H 86 -16.47 58.41 4.54
N LYS H 87 -15.50 58.13 5.41
CA LYS H 87 -15.66 58.30 6.84
C LYS H 87 -14.74 59.40 7.37
N THR H 88 -15.03 59.84 8.58
CA THR H 88 -14.25 60.89 9.23
C THR H 88 -12.93 60.32 9.76
N VAL H 89 -11.90 61.17 9.72
CA VAL H 89 -10.60 60.76 10.28
C VAL H 89 -10.77 60.26 11.69
N GLU H 90 -11.70 60.85 12.46
CA GLU H 90 -12.00 60.32 13.78
C GLU H 90 -12.86 59.06 13.69
N GLU H 91 -13.79 59.01 12.74
CA GLU H 91 -14.59 57.82 12.54
C GLU H 91 -13.72 56.62 12.20
N ALA H 92 -12.78 56.79 11.26
CA ALA H 92 -11.91 55.69 10.84
C ALA H 92 -11.16 55.05 12.00
N LEU H 93 -10.92 55.79 13.08
CA LEU H 93 -10.17 55.19 14.20
C LEU H 93 -10.93 54.06 14.87
N THR H 94 -12.22 53.92 14.62
CA THR H 94 -13.02 52.87 15.25
C THR H 94 -12.99 51.58 14.45
N ILE H 95 -12.35 51.59 13.28
CA ILE H 95 -12.15 50.34 12.54
C ILE H 95 -11.22 49.45 13.36
N LYS H 96 -11.68 48.27 13.70
CA LYS H 96 -10.94 47.34 14.55
C LYS H 96 -10.51 46.13 13.74
N ASN H 97 -9.29 45.67 14.00
CA ASN H 97 -8.81 44.47 13.31
C ASN H 97 -9.77 43.31 13.48
N THR H 98 -10.40 43.19 14.65
CA THR H 98 -11.34 42.09 14.86
C THR H 98 -12.55 42.23 13.95
N ASP H 99 -12.94 43.47 13.65
CA ASP H 99 -13.99 43.68 12.66
C ASP H 99 -13.54 43.23 11.29
N ILE H 100 -12.25 43.42 10.97
CA ILE H 100 -11.73 42.98 9.68
C ILE H 100 -11.75 41.47 9.60
N ALA H 101 -11.15 40.80 10.59
CA ALA H 101 -11.12 39.34 10.59
C ALA H 101 -12.52 38.76 10.58
N LYS H 102 -13.45 39.38 11.31
CA LYS H 102 -14.83 38.92 11.26
C LYS H 102 -15.40 39.09 9.86
N GLU H 103 -15.13 40.23 9.22
CA GLU H 103 -15.64 40.46 7.87
C GLU H 103 -15.08 39.42 6.89
N LEU H 104 -13.81 39.02 7.07
CA LEU H 104 -13.16 38.14 6.13
C LEU H 104 -13.11 36.68 6.59
N CYS H 105 -13.51 36.40 7.83
CA CYS H 105 -13.48 35.03 8.35
C CYS H 105 -12.07 34.48 8.36
N LEU H 106 -11.11 35.31 8.73
CA LEU H 106 -9.71 34.89 8.72
C LEU H 106 -9.49 33.83 9.79
N PRO H 107 -8.81 32.74 9.46
CA PRO H 107 -8.47 31.75 10.47
C PRO H 107 -7.39 32.29 11.41
N PRO H 108 -7.13 31.62 12.53
CA PRO H 108 -6.15 32.16 13.48
C PRO H 108 -4.75 32.31 12.89
N VAL H 109 -4.38 31.47 11.92
CA VAL H 109 -3.03 31.52 11.39
C VAL H 109 -2.74 32.81 10.63
N LYS H 110 -3.77 33.54 10.21
CA LYS H 110 -3.60 34.71 9.35
C LYS H 110 -4.00 36.03 10.01
N LEU H 111 -4.27 36.04 11.31
CA LEU H 111 -4.67 37.28 11.97
C LEU H 111 -3.62 38.38 11.83
N HIS H 112 -2.35 37.99 11.68
CA HIS H 112 -1.30 38.99 11.49
C HIS H 112 -1.62 39.93 10.32
N CYS H 113 -2.41 39.45 9.36
CA CYS H 113 -2.83 40.32 8.26
C CYS H 113 -3.74 41.42 8.78
N SER H 114 -4.77 41.07 9.55
CA SER H 114 -5.67 42.07 10.09
C SER H 114 -4.92 43.05 10.97
N ILE H 115 -4.09 42.53 11.89
CA ILE H 115 -3.31 43.41 12.75
C ILE H 115 -2.46 44.37 11.91
N LEU H 116 -1.96 43.89 10.76
CA LEU H 116 -1.18 44.76 9.90
C LEU H 116 -2.04 45.82 9.25
N ALA H 117 -3.23 45.44 8.79
CA ALA H 117 -4.13 46.42 8.16
C ALA H 117 -4.49 47.53 9.14
N GLU H 118 -4.98 47.16 10.34
CA GLU H 118 -5.25 48.17 11.36
C GLU H 118 -4.02 49.05 11.58
N ASP H 119 -2.86 48.42 11.82
CA ASP H 119 -1.64 49.20 12.03
C ASP H 119 -1.41 50.20 10.91
N ALA H 120 -1.59 49.76 9.66
CA ALA H 120 -1.40 50.65 8.52
C ALA H 120 -2.36 51.82 8.57
N ILE H 121 -3.65 51.53 8.77
CA ILE H 121 -4.64 52.62 8.85
C ILE H 121 -4.21 53.66 9.87
N LYS H 122 -3.92 53.21 11.10
CA LYS H 122 -3.61 54.17 12.14
C LYS H 122 -2.31 54.92 11.86
N ALA H 123 -1.32 54.26 11.24
CA ALA H 123 -0.09 54.95 10.87
C ALA H 123 -0.36 56.02 9.83
N ALA H 124 -1.22 55.71 8.84
CA ALA H 124 -1.54 56.68 7.80
C ALA H 124 -2.27 57.88 8.38
N LEU H 125 -3.29 57.62 9.21
CA LEU H 125 -3.99 58.74 9.85
C LEU H 125 -3.03 59.57 10.68
N ALA H 126 -2.07 58.91 11.34
CA ALA H 126 -1.06 59.63 12.12
C ALA H 126 -0.22 60.52 11.21
N ASP H 127 0.10 60.04 10.01
CA ASP H 127 0.86 60.85 9.08
C ASP H 127 0.09 62.11 8.68
N TYR H 128 -1.19 61.97 8.39
CA TYR H 128 -2.01 63.12 8.02
C TYR H 128 -1.96 64.19 9.10
N LYS H 129 -2.34 63.82 10.33
CA LYS H 129 -2.30 64.77 11.44
C LYS H 129 -0.92 65.41 11.57
N LEU H 130 0.14 64.64 11.29
CA LEU H 130 1.48 65.19 11.41
C LEU H 130 1.78 66.21 10.32
N LYS H 131 1.09 66.12 9.18
CA LYS H 131 1.30 67.09 8.10
C LYS H 131 0.56 68.41 8.33
N GLN H 132 -0.44 68.42 9.22
CA GLN H 132 -1.20 69.62 9.54
C GLN H 132 -0.58 70.23 10.79
N GLU H 133 0.31 71.19 10.63
CA GLU H 133 0.99 71.74 11.80
C GLU H 133 1.56 73.13 11.59
#